data_9LRQ
#
_entry.id   9LRQ
#
_cell.length_a   60.287
_cell.length_b   82.427
_cell.length_c   93.430
_cell.angle_alpha   65.190
_cell.angle_beta   80.080
_cell.angle_gamma   79.150
#
_symmetry.space_group_name_H-M   'P 1'
#
loop_
_entity.id
_entity.type
_entity.pdbx_description
1 polymer 'Alanine-phosphoribitol ligase'
2 non-polymer 'FLAVIN-ADENINE DINUCLEOTIDE'
3 water water
#
_entity_poly.entity_id   1
_entity_poly.type   'polypeptide(L)'
_entity_poly.pdbx_seq_one_letter_code
;MRRIAIVGAGQSGLQLGLGLLDTGYDVTMITNRTADEIRQGKVMSSQCMFHTALQTERDLGLNFWEEQCPAVEGIGLALV
NPENGAKAFEWSARLERYAQSVDQRVKMPYWMEEFERRGGQLVIQDAGIEELEQLANDYELVLLAAGKGEVVKQFERDGA
RSVFDKPQRALALTYVKNMKPISPYSRVTFNIITEVGEYFSFPALTINGPCDIMVFEGIPNGPMDCWQDVKTPEQHLQCS
LDLLKKFVPWEYERCANVELTDAGGYLAGRFPPTVRKPVLTLPSGKKIFGMADALVVNDPITGQGSNNAAKCSKIYFDAI
LANDNQSFSEQWMVQTFERYWAYAEKVVAWTNSLLLPPEPHVVELLAAASQNQSIASIMANNFDDPRAFAPWWFDADQAQ
AFLASKNTAKVALEHHHHHH
;
_entity_poly.pdbx_strand_id   A,B,C,D
#
loop_
_chem_comp.id
_chem_comp.type
_chem_comp.name
_chem_comp.formula
FAD non-polymer 'FLAVIN-ADENINE DINUCLEOTIDE' 'C27 H33 N9 O15 P2'
#
# COMPACT_ATOMS: atom_id res chain seq x y z
N MET A 1 -8.26 -25.26 5.01
CA MET A 1 -9.18 -24.30 4.41
C MET A 1 -10.63 -24.65 4.75
N ARG A 2 -11.57 -24.04 4.03
CA ARG A 2 -12.97 -24.02 4.45
C ARG A 2 -13.86 -24.46 3.30
N ARG A 3 -15.15 -24.66 3.62
CA ARG A 3 -16.14 -25.13 2.67
C ARG A 3 -17.17 -24.03 2.44
N ILE A 4 -17.21 -23.48 1.22
CA ILE A 4 -17.99 -22.28 0.93
C ILE A 4 -19.03 -22.60 -0.14
N ALA A 5 -20.24 -22.10 0.03
CA ALA A 5 -21.26 -22.16 -1.01
C ALA A 5 -21.51 -20.76 -1.56
N ILE A 6 -21.66 -20.67 -2.87
CA ILE A 6 -21.97 -19.42 -3.57
C ILE A 6 -23.21 -19.66 -4.43
N VAL A 7 -24.22 -18.80 -4.28
CA VAL A 7 -25.41 -18.85 -5.13
C VAL A 7 -25.30 -17.75 -6.18
N GLY A 8 -25.25 -18.15 -7.45
CA GLY A 8 -25.21 -17.22 -8.57
C GLY A 8 -23.90 -17.23 -9.33
N ALA A 9 -23.91 -17.70 -10.58
CA ALA A 9 -22.69 -17.88 -11.36
C ALA A 9 -22.40 -16.66 -12.25
N GLY A 10 -22.22 -15.50 -11.62
CA GLY A 10 -21.94 -14.28 -12.35
C GLY A 10 -20.55 -13.75 -12.07
N GLN A 11 -20.38 -12.46 -12.32
CA GLN A 11 -19.02 -11.89 -12.25
C GLN A 11 -18.41 -12.09 -10.88
N SER A 12 -19.12 -11.67 -9.83
CA SER A 12 -18.53 -11.71 -8.48
C SER A 12 -18.47 -13.12 -7.96
N GLY A 13 -19.53 -13.90 -8.20
CA GLY A 13 -19.57 -15.26 -7.68
C GLY A 13 -18.52 -16.18 -8.30
N LEU A 14 -18.34 -16.11 -9.61
CA LEU A 14 -17.35 -16.95 -10.27
C LEU A 14 -15.92 -16.48 -10.00
N GLN A 15 -15.67 -15.16 -10.09
CA GLN A 15 -14.34 -14.68 -9.68
C GLN A 15 -13.95 -15.10 -8.28
N LEU A 16 -14.84 -14.93 -7.32
CA LEU A 16 -14.50 -15.31 -5.96
C LEU A 16 -14.35 -16.82 -5.84
N GLY A 17 -15.24 -17.57 -6.49
CA GLY A 17 -15.15 -19.02 -6.37
C GLY A 17 -13.87 -19.57 -7.00
N LEU A 18 -13.49 -19.02 -8.15
CA LEU A 18 -12.30 -19.49 -8.83
C LEU A 18 -11.04 -19.18 -8.02
N GLY A 19 -10.96 -18.01 -7.41
CA GLY A 19 -9.78 -17.71 -6.62
C GLY A 19 -9.72 -18.55 -5.35
N LEU A 20 -10.89 -18.80 -4.73
CA LEU A 20 -10.93 -19.65 -3.55
C LEU A 20 -10.51 -21.08 -3.88
N LEU A 21 -10.97 -21.60 -5.01
CA LEU A 21 -10.56 -22.94 -5.42
C LEU A 21 -9.05 -23.03 -5.61
N ASP A 22 -8.45 -22.00 -6.22
CA ASP A 22 -7.03 -22.08 -6.48
C ASP A 22 -6.23 -22.00 -5.19
N THR A 23 -6.82 -21.47 -4.12
CA THR A 23 -6.15 -21.36 -2.83
C THR A 23 -6.54 -22.52 -1.89
N GLY A 24 -7.13 -23.57 -2.44
CA GLY A 24 -7.39 -24.79 -1.71
C GLY A 24 -8.72 -24.89 -1.00
N TYR A 25 -9.58 -23.87 -1.10
CA TYR A 25 -10.89 -23.98 -0.50
C TYR A 25 -11.79 -24.89 -1.33
N ASP A 26 -12.77 -25.49 -0.67
CA ASP A 26 -13.83 -26.21 -1.38
C ASP A 26 -15.00 -25.28 -1.60
N VAL A 27 -15.47 -25.20 -2.85
CA VAL A 27 -16.53 -24.28 -3.22
C VAL A 27 -17.61 -25.03 -3.98
N THR A 28 -18.85 -24.89 -3.52
CA THR A 28 -20.02 -25.34 -4.26
C THR A 28 -20.74 -24.11 -4.79
N MET A 29 -21.15 -24.16 -6.05
N MET A 29 -21.05 -24.13 -6.08
CA MET A 29 -21.77 -23.03 -6.72
CA MET A 29 -21.79 -23.06 -6.72
C MET A 29 -23.15 -23.50 -7.19
C MET A 29 -23.17 -23.58 -7.10
N ILE A 30 -24.21 -22.86 -6.68
CA ILE A 30 -25.57 -23.12 -7.12
C ILE A 30 -25.97 -22.00 -8.06
N THR A 31 -26.48 -22.36 -9.24
CA THR A 31 -26.89 -21.31 -10.17
C THR A 31 -28.06 -21.82 -11.01
N ASN A 32 -28.89 -20.87 -11.46
CA ASN A 32 -30.14 -21.25 -12.13
C ASN A 32 -29.98 -21.55 -13.61
N ARG A 33 -28.94 -21.06 -14.27
CA ARG A 33 -28.75 -21.28 -15.69
C ARG A 33 -27.48 -22.07 -15.93
N THR A 34 -27.55 -23.07 -16.81
CA THR A 34 -26.36 -23.79 -17.25
C THR A 34 -25.48 -22.92 -18.13
N ALA A 35 -24.20 -23.31 -18.24
CA ALA A 35 -23.28 -22.61 -19.12
C ALA A 35 -23.78 -22.56 -20.56
N ASP A 36 -24.31 -23.68 -21.08
CA ASP A 36 -24.84 -23.61 -22.43
C ASP A 36 -26.06 -22.71 -22.53
N GLU A 37 -26.91 -22.68 -21.50
CA GLU A 37 -28.05 -21.77 -21.52
C GLU A 37 -27.60 -20.32 -21.61
N ILE A 38 -26.51 -19.98 -20.90
CA ILE A 38 -26.03 -18.61 -20.95
C ILE A 38 -25.49 -18.27 -22.33
N ARG A 39 -24.77 -19.22 -22.93
CA ARG A 39 -24.23 -19.02 -24.27
C ARG A 39 -25.33 -18.79 -25.29
N GLN A 40 -26.44 -19.48 -25.13
CA GLN A 40 -27.51 -19.45 -26.12
C GLN A 40 -28.55 -18.39 -25.86
N GLY A 41 -28.43 -17.64 -24.76
CA GLY A 41 -29.42 -16.68 -24.35
C GLY A 41 -29.10 -15.27 -24.81
N LYS A 42 -29.87 -14.31 -24.28
CA LYS A 42 -29.70 -12.91 -24.63
C LYS A 42 -28.51 -12.30 -23.87
N VAL A 43 -28.01 -11.20 -24.44
CA VAL A 43 -26.98 -10.42 -23.76
C VAL A 43 -27.55 -9.90 -22.43
N MET A 44 -26.65 -9.66 -21.48
N MET A 44 -26.65 -9.67 -21.47
CA MET A 44 -27.02 -9.33 -20.11
CA MET A 44 -27.06 -9.31 -20.12
C MET A 44 -26.47 -7.99 -19.64
C MET A 44 -26.44 -8.03 -19.61
N SER A 45 -25.51 -7.44 -20.35
CA SER A 45 -24.72 -6.31 -19.85
C SER A 45 -24.00 -5.70 -21.04
N SER A 46 -23.45 -4.49 -20.84
CA SER A 46 -22.40 -4.01 -21.73
C SER A 46 -21.00 -4.11 -21.10
N GLN A 47 -20.92 -4.51 -19.82
CA GLN A 47 -19.72 -4.93 -19.09
C GLN A 47 -18.39 -4.28 -19.47
N CYS A 48 -18.35 -2.98 -19.56
CA CYS A 48 -17.06 -2.31 -19.79
C CYS A 48 -16.27 -2.31 -18.47
N MET A 49 -15.22 -3.13 -18.37
CA MET A 49 -14.41 -3.10 -17.15
C MET A 49 -13.07 -2.39 -17.34
N PHE A 50 -12.78 -1.48 -16.42
CA PHE A 50 -11.59 -0.65 -16.48
C PHE A 50 -10.39 -1.39 -15.90
N HIS A 51 -9.22 -0.74 -15.99
CA HIS A 51 -7.95 -1.45 -15.77
C HIS A 51 -7.91 -2.15 -14.42
N THR A 52 -8.33 -1.47 -13.34
CA THR A 52 -8.10 -2.06 -12.03
C THR A 52 -8.91 -3.34 -11.89
N ALA A 53 -10.16 -3.32 -12.38
CA ALA A 53 -10.98 -4.51 -12.38
C ALA A 53 -10.41 -5.58 -13.30
N LEU A 54 -9.95 -5.20 -14.49
CA LEU A 54 -9.36 -6.21 -15.37
C LEU A 54 -8.16 -6.84 -14.70
N GLN A 55 -7.42 -6.03 -13.96
CA GLN A 55 -6.23 -6.54 -13.30
C GLN A 55 -6.58 -7.54 -12.20
N THR A 56 -7.74 -7.37 -11.52
CA THR A 56 -8.11 -8.40 -10.55
C THR A 56 -8.34 -9.74 -11.23
N GLU A 57 -8.82 -9.74 -12.48
CA GLU A 57 -8.94 -10.99 -13.22
C GLU A 57 -7.57 -11.49 -13.67
N ARG A 58 -6.69 -10.60 -14.13
CA ARG A 58 -5.39 -11.01 -14.62
C ARG A 58 -4.60 -11.71 -13.53
N ASP A 59 -4.72 -11.21 -12.30
CA ASP A 59 -3.92 -11.77 -11.20
C ASP A 59 -4.34 -13.18 -10.88
N LEU A 60 -5.59 -13.54 -11.17
CA LEU A 60 -6.12 -14.89 -11.02
C LEU A 60 -5.97 -15.76 -12.26
N GLY A 61 -5.35 -15.24 -13.32
CA GLY A 61 -5.21 -16.00 -14.55
C GLY A 61 -6.52 -16.20 -15.27
N LEU A 62 -7.48 -15.29 -15.10
CA LEU A 62 -8.83 -15.41 -15.64
C LEU A 62 -9.10 -14.48 -16.82
N ASN A 63 -8.08 -13.81 -17.31
CA ASN A 63 -8.21 -12.91 -18.45
C ASN A 63 -8.04 -13.68 -19.75
N PHE A 64 -8.93 -14.66 -19.95
CA PHE A 64 -8.80 -15.58 -21.05
C PHE A 64 -8.95 -14.93 -22.42
N TRP A 65 -9.60 -13.76 -22.51
CA TRP A 65 -9.90 -13.14 -23.80
C TRP A 65 -9.15 -11.83 -24.03
N GLU A 66 -8.11 -11.56 -23.25
CA GLU A 66 -7.44 -10.27 -23.42
C GLU A 66 -6.84 -10.11 -24.81
N GLU A 67 -6.35 -11.21 -25.39
CA GLU A 67 -5.78 -11.20 -26.74
C GLU A 67 -6.85 -11.01 -27.80
N GLN A 68 -8.06 -11.52 -27.54
CA GLN A 68 -9.14 -11.55 -28.51
C GLN A 68 -10.04 -10.33 -28.45
N CYS A 69 -10.10 -9.63 -27.33
CA CYS A 69 -11.04 -8.54 -27.12
C CYS A 69 -10.42 -7.21 -27.53
N PRO A 70 -11.10 -6.41 -28.34
CA PRO A 70 -10.59 -5.05 -28.65
C PRO A 70 -10.50 -4.22 -27.38
N ALA A 71 -9.48 -3.36 -27.35
CA ALA A 71 -9.31 -2.46 -26.23
C ALA A 71 -10.22 -1.23 -26.36
N VAL A 72 -10.70 -0.75 -25.22
CA VAL A 72 -11.40 0.52 -25.10
C VAL A 72 -10.35 1.49 -24.58
N GLU A 73 -9.90 2.40 -25.43
CA GLU A 73 -8.66 3.13 -25.16
C GLU A 73 -8.88 4.49 -24.50
N GLY A 74 -10.11 4.95 -24.37
CA GLY A 74 -10.31 6.25 -23.76
C GLY A 74 -11.78 6.50 -23.47
N ILE A 75 -12.06 7.73 -23.08
CA ILE A 75 -13.40 8.21 -22.77
C ILE A 75 -13.64 9.47 -23.58
N GLY A 76 -14.77 9.55 -24.27
CA GLY A 76 -15.21 10.79 -24.89
C GLY A 76 -16.51 11.24 -24.27
N LEU A 77 -16.71 12.55 -24.22
CA LEU A 77 -17.97 13.10 -23.69
C LEU A 77 -18.42 14.31 -24.49
N ALA A 78 -19.71 14.30 -24.87
CA ALA A 78 -20.29 15.50 -25.46
C ALA A 78 -21.61 15.78 -24.77
N LEU A 79 -21.89 17.06 -24.53
CA LEU A 79 -23.18 17.49 -24.01
C LEU A 79 -23.96 18.10 -25.17
N VAL A 80 -25.17 17.59 -25.41
CA VAL A 80 -25.91 17.85 -26.63
C VAL A 80 -27.24 18.50 -26.28
N ASN A 81 -27.61 19.56 -27.00
CA ASN A 81 -28.92 20.15 -26.82
C ASN A 81 -29.87 19.56 -27.86
N PRO A 82 -30.89 18.81 -27.44
CA PRO A 82 -31.74 18.12 -28.42
C PRO A 82 -32.47 19.05 -29.38
N GLU A 83 -32.78 20.28 -28.97
CA GLU A 83 -33.50 21.19 -29.84
C GLU A 83 -32.73 21.49 -31.13
N ASN A 84 -31.45 21.87 -31.02
CA ASN A 84 -30.68 22.31 -32.17
C ASN A 84 -29.53 21.36 -32.52
N GLY A 85 -29.29 20.33 -31.72
CA GLY A 85 -28.21 19.40 -32.01
C GLY A 85 -26.84 19.95 -31.68
N ALA A 86 -26.78 21.18 -31.18
CA ALA A 86 -25.50 21.80 -30.86
C ALA A 86 -24.88 21.16 -29.63
N LYS A 87 -23.56 20.99 -29.68
CA LYS A 87 -22.78 20.52 -28.54
C LYS A 87 -22.33 21.72 -27.71
N ALA A 88 -22.74 21.76 -26.45
CA ALA A 88 -22.24 22.79 -25.55
C ALA A 88 -20.72 22.69 -25.41
N PHE A 89 -20.21 21.46 -25.38
CA PHE A 89 -18.78 21.18 -25.33
C PHE A 89 -18.58 19.71 -25.67
N GLU A 90 -17.32 19.35 -25.99
CA GLU A 90 -16.97 17.96 -26.22
C GLU A 90 -15.48 17.78 -25.92
N TRP A 91 -15.11 16.58 -25.50
CA TRP A 91 -13.71 16.27 -25.25
C TRP A 91 -13.52 14.76 -25.29
N SER A 92 -12.26 14.34 -25.37
CA SER A 92 -11.94 12.93 -25.22
C SER A 92 -10.54 12.86 -24.67
N ALA A 93 -10.26 11.79 -23.93
CA ALA A 93 -8.92 11.57 -23.41
C ALA A 93 -8.64 10.07 -23.37
N ARG A 94 -7.37 9.73 -23.62
CA ARG A 94 -6.95 8.35 -23.45
C ARG A 94 -7.04 7.92 -21.99
N LEU A 95 -7.41 6.67 -21.78
CA LEU A 95 -7.14 6.03 -20.50
C LEU A 95 -5.66 5.68 -20.41
N GLU A 96 -5.11 5.77 -19.19
CA GLU A 96 -3.73 5.34 -18.99
C GLU A 96 -3.58 3.86 -19.31
N ARG A 97 -4.55 3.07 -18.90
CA ARG A 97 -4.57 1.64 -19.15
C ARG A 97 -5.94 1.32 -19.72
N TYR A 98 -5.97 0.47 -20.74
CA TYR A 98 -7.24 0.29 -21.46
C TYR A 98 -8.26 -0.50 -20.64
N ALA A 99 -9.53 -0.34 -21.03
CA ALA A 99 -10.66 -1.13 -20.56
C ALA A 99 -11.02 -2.17 -21.61
N GLN A 100 -11.79 -3.18 -21.20
CA GLN A 100 -12.25 -4.23 -22.11
C GLN A 100 -13.66 -4.66 -21.73
N SER A 101 -14.45 -4.98 -22.75
CA SER A 101 -15.82 -5.46 -22.57
C SER A 101 -15.95 -6.85 -23.20
N VAL A 102 -15.88 -7.89 -22.37
CA VAL A 102 -16.05 -9.28 -22.80
C VAL A 102 -17.46 -9.71 -22.43
N ASP A 103 -18.30 -9.96 -23.44
CA ASP A 103 -19.69 -10.35 -23.26
C ASP A 103 -19.80 -11.42 -22.17
N GLN A 104 -20.71 -11.21 -21.22
CA GLN A 104 -20.90 -12.22 -20.19
C GLN A 104 -21.34 -13.56 -20.78
N ARG A 105 -21.97 -13.55 -21.97
CA ARG A 105 -22.27 -14.81 -22.66
C ARG A 105 -21.02 -15.56 -23.08
N VAL A 106 -19.88 -14.86 -23.18
CA VAL A 106 -18.61 -15.48 -23.46
C VAL A 106 -17.91 -15.87 -22.17
N LYS A 107 -17.87 -14.94 -21.22
CA LYS A 107 -17.01 -15.12 -20.04
C LYS A 107 -17.60 -16.14 -19.08
N MET A 108 -18.89 -16.02 -18.79
CA MET A 108 -19.36 -16.79 -17.65
C MET A 108 -19.43 -18.28 -17.99
N PRO A 109 -19.88 -18.69 -19.18
CA PRO A 109 -19.85 -20.14 -19.46
C PRO A 109 -18.45 -20.74 -19.42
N TYR A 110 -17.43 -20.03 -19.92
CA TYR A 110 -16.08 -20.57 -19.83
C TYR A 110 -15.58 -20.57 -18.39
N TRP A 111 -15.93 -19.53 -17.62
CA TRP A 111 -15.52 -19.51 -16.22
C TRP A 111 -16.19 -20.63 -15.44
N MET A 112 -17.41 -20.96 -15.84
CA MET A 112 -18.17 -22.01 -15.17
C MET A 112 -17.52 -23.36 -15.43
N GLU A 113 -17.04 -23.56 -16.64
CA GLU A 113 -16.37 -24.83 -17.01
C GLU A 113 -15.01 -24.86 -16.32
N GLU A 114 -14.36 -23.70 -16.22
CA GLU A 114 -13.10 -23.63 -15.49
C GLU A 114 -13.29 -23.89 -14.01
N PHE A 115 -14.40 -23.43 -13.45
CA PHE A 115 -14.74 -23.71 -12.05
C PHE A 115 -14.84 -25.22 -11.80
N GLU A 116 -15.54 -25.93 -12.69
CA GLU A 116 -15.64 -27.38 -12.53
C GLU A 116 -14.30 -28.06 -12.75
N ARG A 117 -13.50 -27.57 -13.71
CA ARG A 117 -12.18 -28.17 -13.92
C ARG A 117 -11.26 -27.98 -12.73
N ARG A 118 -11.43 -26.88 -12.00
CA ARG A 118 -10.63 -26.58 -10.82
C ARG A 118 -11.14 -27.30 -9.58
N GLY A 119 -12.08 -28.21 -9.74
CA GLY A 119 -12.59 -28.98 -8.64
C GLY A 119 -13.83 -28.43 -7.97
N GLY A 120 -14.42 -27.37 -8.50
CA GLY A 120 -15.64 -26.84 -7.91
C GLY A 120 -16.82 -27.74 -8.20
N GLN A 121 -17.79 -27.69 -7.29
CA GLN A 121 -19.04 -28.43 -7.44
C GLN A 121 -20.11 -27.50 -7.97
N LEU A 122 -20.60 -27.76 -9.19
CA LEU A 122 -21.61 -26.91 -9.82
C LEU A 122 -22.97 -27.59 -9.78
N VAL A 123 -23.93 -26.93 -9.13
CA VAL A 123 -25.30 -27.42 -8.99
C VAL A 123 -26.22 -26.47 -9.73
N ILE A 124 -27.06 -27.01 -10.61
CA ILE A 124 -28.01 -26.20 -11.36
C ILE A 124 -29.35 -26.26 -10.65
N GLN A 125 -29.78 -25.12 -10.13
CA GLN A 125 -30.96 -25.05 -9.28
C GLN A 125 -31.37 -23.59 -9.14
N ASP A 126 -32.68 -23.38 -9.04
CA ASP A 126 -33.24 -22.08 -8.65
C ASP A 126 -33.30 -22.02 -7.13
N ALA A 127 -32.41 -21.22 -6.54
CA ALA A 127 -32.39 -21.09 -5.11
C ALA A 127 -33.53 -20.17 -4.67
N GLY A 128 -34.39 -20.68 -3.80
CA GLY A 128 -35.35 -19.86 -3.10
C GLY A 128 -35.01 -19.89 -1.62
N ILE A 129 -35.95 -19.50 -0.76
CA ILE A 129 -35.66 -19.52 0.67
C ILE A 129 -35.39 -20.95 1.13
N GLU A 130 -36.16 -21.93 0.61
CA GLU A 130 -35.98 -23.29 1.08
C GLU A 130 -34.64 -23.87 0.65
N GLU A 131 -34.17 -23.50 -0.54
CA GLU A 131 -32.86 -23.98 -0.98
C GLU A 131 -31.76 -23.36 -0.13
N LEU A 132 -31.91 -22.09 0.27
CA LEU A 132 -30.87 -21.44 1.07
C LEU A 132 -30.77 -22.07 2.45
N GLU A 133 -31.87 -22.58 2.99
CA GLU A 133 -31.83 -23.30 4.26
C GLU A 133 -30.96 -24.53 4.17
N GLN A 134 -31.04 -25.26 3.05
CA GLN A 134 -30.25 -26.47 2.91
C GLN A 134 -28.77 -26.15 2.83
N LEU A 135 -28.41 -25.12 2.05
CA LEU A 135 -27.01 -24.72 1.98
C LEU A 135 -26.51 -24.22 3.32
N ALA A 136 -27.38 -23.55 4.08
CA ALA A 136 -26.98 -23.01 5.37
C ALA A 136 -26.63 -24.11 6.37
N ASN A 137 -27.30 -25.25 6.28
CA ASN A 137 -26.96 -26.37 7.15
C ASN A 137 -25.65 -27.04 6.75
N ASP A 138 -25.35 -27.08 5.45
CA ASP A 138 -24.27 -27.91 4.95
C ASP A 138 -22.92 -27.20 4.82
N TYR A 139 -22.88 -25.86 4.77
CA TYR A 139 -21.63 -25.15 4.50
C TYR A 139 -21.37 -24.08 5.55
N GLU A 140 -20.07 -23.76 5.72
CA GLU A 140 -19.65 -22.79 6.73
C GLU A 140 -20.04 -21.36 6.37
N LEU A 141 -20.20 -21.06 5.08
CA LEU A 141 -20.58 -19.73 4.63
C LEU A 141 -21.36 -19.87 3.34
N VAL A 142 -22.48 -19.17 3.24
CA VAL A 142 -23.31 -19.17 2.04
C VAL A 142 -23.38 -17.73 1.54
N LEU A 143 -22.86 -17.51 0.34
CA LEU A 143 -22.84 -16.18 -0.27
C LEU A 143 -23.91 -16.13 -1.35
N LEU A 144 -24.76 -15.11 -1.30
CA LEU A 144 -25.81 -14.93 -2.29
C LEU A 144 -25.35 -13.86 -3.28
N ALA A 145 -24.94 -14.28 -4.46
CA ALA A 145 -24.45 -13.36 -5.48
C ALA A 145 -25.33 -13.47 -6.72
N ALA A 146 -26.63 -13.38 -6.54
CA ALA A 146 -27.61 -13.66 -7.59
C ALA A 146 -27.93 -12.46 -8.46
N GLY A 147 -27.18 -11.36 -8.33
CA GLY A 147 -27.33 -10.24 -9.24
C GLY A 147 -28.65 -9.51 -9.10
N LYS A 148 -29.45 -9.51 -10.16
CA LYS A 148 -30.77 -8.91 -10.14
C LYS A 148 -31.90 -9.93 -10.05
N GLY A 149 -31.59 -11.22 -9.95
CA GLY A 149 -32.63 -12.21 -9.71
C GLY A 149 -33.34 -11.93 -8.40
N GLU A 150 -34.65 -12.13 -8.39
CA GLU A 150 -35.40 -11.48 -7.32
C GLU A 150 -35.36 -12.25 -6.00
N VAL A 151 -34.62 -13.35 -5.91
CA VAL A 151 -34.26 -13.86 -4.58
C VAL A 151 -33.50 -12.78 -3.82
N VAL A 152 -32.80 -11.91 -4.55
CA VAL A 152 -32.03 -10.83 -3.97
C VAL A 152 -32.91 -9.88 -3.16
N LYS A 153 -34.19 -9.79 -3.51
CA LYS A 153 -35.09 -8.91 -2.78
C LYS A 153 -35.31 -9.37 -1.34
N GLN A 154 -34.95 -10.60 -1.01
CA GLN A 154 -35.05 -11.06 0.37
C GLN A 154 -34.14 -10.27 1.31
N PHE A 155 -33.05 -9.68 0.81
CA PHE A 155 -32.26 -8.78 1.62
C PHE A 155 -33.04 -7.49 1.88
N GLU A 156 -32.95 -6.98 3.10
CA GLU A 156 -33.68 -5.77 3.45
C GLU A 156 -33.15 -4.57 2.66
N ARG A 157 -34.05 -3.79 2.10
CA ARG A 157 -33.66 -2.53 1.48
C ARG A 157 -33.07 -1.61 2.54
N ASP A 158 -31.96 -0.96 2.20
CA ASP A 158 -31.36 0.01 3.09
C ASP A 158 -31.90 1.39 2.69
N GLY A 159 -32.89 1.88 3.43
CA GLY A 159 -33.47 3.18 3.10
C GLY A 159 -32.54 4.33 3.38
N ALA A 160 -31.62 4.17 4.33
CA ALA A 160 -30.64 5.22 4.60
C ALA A 160 -29.61 5.35 3.48
N ARG A 161 -29.38 4.31 2.69
CA ARG A 161 -28.39 4.34 1.63
C ARG A 161 -28.97 4.38 0.23
N SER A 162 -30.28 4.14 0.08
CA SER A 162 -30.92 4.08 -1.23
C SER A 162 -31.62 5.40 -1.52
N VAL A 163 -31.06 6.18 -2.44
CA VAL A 163 -31.63 7.46 -2.80
C VAL A 163 -32.89 7.30 -3.67
N PHE A 164 -32.98 6.24 -4.46
CA PHE A 164 -34.06 6.05 -5.41
C PHE A 164 -34.88 4.82 -5.03
N ASP A 165 -36.17 4.87 -5.36
CA ASP A 165 -37.05 3.72 -5.19
C ASP A 165 -37.73 3.30 -6.48
N LYS A 166 -37.39 3.92 -7.61
CA LYS A 166 -37.96 3.55 -8.90
C LYS A 166 -36.87 3.69 -9.96
N PRO A 167 -37.04 3.05 -11.12
CA PRO A 167 -36.01 3.19 -12.16
C PRO A 167 -35.84 4.64 -12.56
N GLN A 168 -34.58 5.04 -12.76
CA GLN A 168 -34.24 6.39 -13.19
C GLN A 168 -33.99 6.48 -14.68
N ARG A 169 -33.80 5.35 -15.36
CA ARG A 169 -33.55 5.34 -16.80
C ARG A 169 -34.17 4.10 -17.42
N ALA A 170 -34.66 4.28 -18.64
CA ALA A 170 -35.02 3.17 -19.50
C ALA A 170 -33.80 2.75 -20.30
N LEU A 171 -33.38 1.49 -20.12
CA LEU A 171 -32.15 0.97 -20.68
C LEU A 171 -32.40 0.19 -21.97
N ALA A 172 -31.47 0.31 -22.92
CA ALA A 172 -31.46 -0.59 -24.05
C ALA A 172 -30.02 -0.81 -24.51
N LEU A 173 -29.74 -2.04 -24.90
CA LEU A 173 -28.46 -2.47 -25.44
C LEU A 173 -28.66 -3.00 -26.85
N THR A 174 -27.74 -2.69 -27.75
CA THR A 174 -27.73 -3.28 -29.08
C THR A 174 -26.30 -3.64 -29.45
N TYR A 175 -26.05 -4.92 -29.67
CA TYR A 175 -24.75 -5.42 -30.12
C TYR A 175 -24.74 -5.47 -31.64
N VAL A 176 -23.83 -4.75 -32.28
CA VAL A 176 -23.84 -4.67 -33.74
C VAL A 176 -22.49 -4.97 -34.36
N LYS A 177 -22.51 -5.46 -35.60
CA LYS A 177 -21.31 -5.55 -36.43
C LYS A 177 -21.27 -4.38 -37.39
N ASN A 178 -20.06 -4.09 -37.88
CA ASN A 178 -19.82 -3.11 -38.94
C ASN A 178 -19.98 -1.65 -38.53
N MET A 179 -19.93 -1.33 -37.24
CA MET A 179 -19.90 0.10 -36.90
C MET A 179 -18.53 0.63 -37.34
N LYS A 180 -18.49 1.87 -37.84
CA LYS A 180 -17.18 2.45 -38.19
C LYS A 180 -16.39 2.75 -36.92
N PRO A 181 -15.08 2.45 -36.93
CA PRO A 181 -14.26 2.78 -35.79
C PRO A 181 -13.92 4.26 -35.70
N ILE A 182 -13.48 4.70 -34.54
CA ILE A 182 -13.03 6.07 -34.34
C ILE A 182 -11.50 6.06 -34.25
N SER A 183 -10.88 6.77 -35.17
CA SER A 183 -9.45 7.07 -35.15
C SER A 183 -9.17 8.29 -34.27
N PRO A 184 -7.99 8.35 -33.62
CA PRO A 184 -6.91 7.38 -33.63
C PRO A 184 -6.92 6.42 -32.47
N TYR A 185 -7.90 6.50 -31.57
CA TYR A 185 -8.03 5.53 -30.50
C TYR A 185 -9.50 5.31 -30.18
N SER A 186 -9.83 4.08 -29.77
CA SER A 186 -11.21 3.79 -29.42
C SER A 186 -11.58 4.44 -28.10
N ARG A 187 -12.87 4.75 -27.93
CA ARG A 187 -13.27 5.35 -26.66
C ARG A 187 -14.75 5.07 -26.42
N VAL A 188 -15.14 5.16 -25.15
CA VAL A 188 -16.56 5.22 -24.82
C VAL A 188 -17.09 6.57 -25.29
N THR A 189 -18.08 6.56 -26.21
CA THR A 189 -18.59 7.80 -26.81
C THR A 189 -19.81 8.32 -26.05
N PHE A 190 -19.54 8.87 -24.85
CA PHE A 190 -20.61 9.35 -24.01
C PHE A 190 -21.26 10.59 -24.63
N ASN A 191 -22.58 10.54 -24.76
CA ASN A 191 -23.37 11.67 -25.24
C ASN A 191 -24.48 11.93 -24.23
N ILE A 192 -24.38 13.04 -23.51
CA ILE A 192 -25.43 13.45 -22.60
C ILE A 192 -26.36 14.37 -23.39
N ILE A 193 -27.57 13.87 -23.65
CA ILE A 193 -28.61 14.66 -24.38
C ILE A 193 -29.48 15.31 -23.30
N THR A 194 -29.42 16.63 -23.21
CA THR A 194 -30.03 17.30 -22.07
C THR A 194 -31.53 17.02 -22.03
N GLU A 195 -32.00 16.65 -20.84
CA GLU A 195 -33.38 16.32 -20.53
C GLU A 195 -33.95 15.19 -21.40
N VAL A 196 -33.10 14.39 -22.05
CA VAL A 196 -33.55 13.28 -22.87
C VAL A 196 -32.94 11.96 -22.42
N GLY A 197 -31.63 11.92 -22.23
CA GLY A 197 -31.01 10.67 -21.84
C GLY A 197 -29.56 10.66 -22.25
N GLU A 198 -29.01 9.46 -22.35
CA GLU A 198 -27.60 9.28 -22.66
C GLU A 198 -27.45 8.17 -23.69
N TYR A 199 -26.50 8.36 -24.60
CA TYR A 199 -26.07 7.32 -25.51
C TYR A 199 -24.58 7.11 -25.32
N PHE A 200 -24.15 5.86 -25.35
CA PHE A 200 -22.71 5.66 -25.51
C PHE A 200 -22.44 4.36 -26.25
N SER A 201 -21.24 4.27 -26.81
CA SER A 201 -20.84 3.08 -27.56
C SER A 201 -19.37 2.82 -27.32
N PHE A 202 -18.97 1.57 -27.47
CA PHE A 202 -17.57 1.16 -27.37
C PHE A 202 -17.43 -0.22 -27.99
N PRO A 203 -16.23 -0.57 -28.47
CA PRO A 203 -16.01 -1.93 -28.96
C PRO A 203 -16.01 -2.96 -27.83
N ALA A 204 -16.30 -4.19 -28.22
CA ALA A 204 -16.43 -5.28 -27.26
C ALA A 204 -16.18 -6.60 -27.98
N LEU A 205 -16.19 -7.68 -27.22
CA LEU A 205 -16.07 -9.03 -27.75
C LEU A 205 -17.33 -9.83 -27.43
N THR A 206 -17.93 -10.45 -28.45
CA THR A 206 -19.10 -11.27 -28.15
C THR A 206 -18.94 -12.67 -28.73
N ILE A 207 -20.05 -13.42 -28.80
CA ILE A 207 -20.01 -14.86 -29.07
C ILE A 207 -19.44 -15.17 -30.44
N ASN A 208 -19.45 -14.21 -31.37
CA ASN A 208 -18.93 -14.48 -32.71
C ASN A 208 -17.85 -13.49 -33.11
N GLY A 209 -17.13 -12.94 -32.13
CA GLY A 209 -16.01 -12.07 -32.43
C GLY A 209 -16.21 -10.64 -31.97
N PRO A 210 -15.30 -9.77 -32.38
CA PRO A 210 -15.41 -8.35 -32.00
C PRO A 210 -16.66 -7.69 -32.55
N CYS A 211 -17.14 -6.72 -31.80
CA CYS A 211 -18.35 -5.99 -32.17
C CYS A 211 -18.28 -4.62 -31.52
N ASP A 212 -19.37 -3.87 -31.62
CA ASP A 212 -19.56 -2.66 -30.85
C ASP A 212 -20.89 -2.73 -30.14
N ILE A 213 -20.96 -2.15 -28.95
CA ILE A 213 -22.19 -2.12 -28.18
C ILE A 213 -22.75 -0.71 -28.21
N MET A 214 -24.04 -0.60 -28.54
CA MET A 214 -24.78 0.65 -28.39
C MET A 214 -25.54 0.60 -27.07
N VAL A 215 -25.42 1.63 -26.26
CA VAL A 215 -26.15 1.68 -25.00
C VAL A 215 -27.00 2.93 -24.99
N PHE A 216 -28.31 2.75 -24.81
CA PHE A 216 -29.25 3.85 -24.65
C PHE A 216 -29.78 3.88 -23.23
N GLU A 217 -29.82 5.08 -22.64
CA GLU A 217 -30.38 5.28 -21.31
C GLU A 217 -31.33 6.47 -21.38
N GLY A 218 -32.63 6.19 -21.37
CA GLY A 218 -33.64 7.21 -21.58
C GLY A 218 -34.27 7.66 -20.28
N ILE A 219 -34.43 8.97 -20.13
CA ILE A 219 -35.18 9.47 -18.98
C ILE A 219 -36.63 8.99 -19.14
N PRO A 220 -37.24 8.36 -18.13
CA PRO A 220 -38.51 7.66 -18.36
C PRO A 220 -39.61 8.59 -18.84
N ASN A 221 -40.46 8.05 -19.72
CA ASN A 221 -41.52 8.74 -20.44
C ASN A 221 -41.01 9.80 -21.42
N GLY A 222 -39.69 9.91 -21.57
CA GLY A 222 -39.12 10.87 -22.51
C GLY A 222 -39.00 10.30 -23.91
N PRO A 223 -38.42 11.08 -24.82
CA PRO A 223 -38.24 10.60 -26.20
C PRO A 223 -37.42 9.31 -26.34
N MET A 224 -36.47 9.03 -25.44
CA MET A 224 -35.71 7.79 -25.56
C MET A 224 -36.33 6.62 -24.80
N ASP A 225 -37.44 6.83 -24.09
CA ASP A 225 -38.15 5.72 -23.44
C ASP A 225 -39.19 5.16 -24.41
N CYS A 226 -38.68 4.46 -25.43
CA CYS A 226 -39.51 3.95 -26.52
C CYS A 226 -39.38 2.44 -26.71
N TRP A 227 -38.82 1.73 -25.74
CA TRP A 227 -38.53 0.32 -25.94
C TRP A 227 -39.66 -0.60 -25.49
N GLN A 228 -40.65 -0.10 -24.75
CA GLN A 228 -41.77 -0.94 -24.36
C GLN A 228 -42.55 -1.44 -25.57
N ASP A 229 -42.55 -0.68 -26.66
CA ASP A 229 -43.27 -1.04 -27.87
C ASP A 229 -42.44 -1.89 -28.83
N VAL A 230 -41.12 -1.91 -28.66
CA VAL A 230 -40.23 -2.73 -29.48
C VAL A 230 -40.27 -4.17 -28.99
N LYS A 231 -40.30 -5.08 -29.96
CA LYS A 231 -40.27 -6.52 -29.62
C LYS A 231 -39.29 -7.26 -30.54
N THR A 232 -39.49 -7.18 -31.85
CA THR A 232 -38.66 -7.96 -32.76
C THR A 232 -37.24 -7.42 -32.83
N PRO A 233 -36.26 -8.27 -33.14
CA PRO A 233 -34.88 -7.77 -33.26
C PRO A 233 -34.74 -6.67 -34.30
N GLU A 234 -35.54 -6.74 -35.38
CA GLU A 234 -35.47 -5.72 -36.41
C GLU A 234 -36.07 -4.41 -35.92
N GLN A 235 -37.18 -4.46 -35.18
CA GLN A 235 -37.69 -3.23 -34.58
C GLN A 235 -36.69 -2.64 -33.60
N HIS A 236 -35.96 -3.51 -32.88
CA HIS A 236 -35.02 -3.00 -31.89
C HIS A 236 -33.88 -2.27 -32.56
N LEU A 237 -33.29 -2.87 -33.59
CA LEU A 237 -32.20 -2.21 -34.30
C LEU A 237 -32.68 -0.92 -34.96
N GLN A 238 -33.89 -0.94 -35.52
CA GLN A 238 -34.41 0.26 -36.17
C GLN A 238 -34.66 1.37 -35.17
N CYS A 239 -35.14 1.03 -33.97
CA CYS A 239 -35.31 2.05 -32.94
C CYS A 239 -33.97 2.61 -32.51
N SER A 240 -32.95 1.76 -32.43
CA SER A 240 -31.63 2.24 -32.07
C SER A 240 -31.11 3.22 -33.10
N LEU A 241 -31.28 2.90 -34.39
CA LEU A 241 -30.81 3.80 -35.43
C LEU A 241 -31.62 5.09 -35.49
N ASP A 242 -32.94 5.01 -35.31
CA ASP A 242 -33.77 6.22 -35.38
C ASP A 242 -33.40 7.19 -34.27
N LEU A 243 -33.08 6.68 -33.07
CA LEU A 243 -32.70 7.54 -31.96
C LEU A 243 -31.37 8.21 -32.23
N LEU A 244 -30.45 7.51 -32.91
CA LEU A 244 -29.16 8.12 -33.21
C LEU A 244 -29.28 9.17 -34.29
N LYS A 245 -30.10 8.90 -35.31
CA LYS A 245 -30.36 9.87 -36.36
C LYS A 245 -30.94 11.16 -35.80
N LYS A 246 -31.81 11.04 -34.80
CA LYS A 246 -32.51 12.21 -34.28
C LYS A 246 -31.67 13.01 -33.29
N PHE A 247 -30.96 12.32 -32.40
CA PHE A 247 -30.31 13.01 -31.30
C PHE A 247 -28.80 13.06 -31.39
N VAL A 248 -28.17 12.11 -32.08
CA VAL A 248 -26.71 12.03 -32.08
C VAL A 248 -26.23 11.75 -33.50
N PRO A 249 -26.43 12.68 -34.45
CA PRO A 249 -26.12 12.36 -35.85
C PRO A 249 -24.68 11.95 -36.09
N TRP A 250 -23.72 12.47 -35.33
CA TRP A 250 -22.32 12.07 -35.54
C TRP A 250 -22.10 10.60 -35.16
N GLU A 251 -22.86 10.08 -34.20
CA GLU A 251 -22.79 8.64 -33.96
C GLU A 251 -23.56 7.86 -35.02
N TYR A 252 -24.68 8.42 -35.49
CA TYR A 252 -25.44 7.77 -36.55
C TYR A 252 -24.60 7.58 -37.81
N GLU A 253 -23.70 8.53 -38.10
CA GLU A 253 -22.80 8.43 -39.27
C GLU A 253 -21.94 7.16 -39.23
N ARG A 254 -21.68 6.67 -38.03
CA ARG A 254 -20.88 5.46 -37.89
C ARG A 254 -21.65 4.19 -38.18
N CYS A 255 -22.97 4.30 -38.41
CA CYS A 255 -23.83 3.14 -38.34
C CYS A 255 -24.52 2.80 -39.66
N ALA A 256 -23.99 3.26 -40.80
CA ALA A 256 -24.70 3.06 -42.06
C ALA A 256 -24.87 1.57 -42.39
N ASN A 257 -23.92 0.73 -41.99
CA ASN A 257 -23.92 -0.67 -42.38
C ASN A 257 -24.15 -1.63 -41.22
N VAL A 258 -24.60 -1.14 -40.06
CA VAL A 258 -24.61 -2.02 -38.89
C VAL A 258 -25.67 -3.09 -39.05
N GLU A 259 -25.42 -4.22 -38.39
CA GLU A 259 -26.36 -5.33 -38.28
C GLU A 259 -26.20 -5.92 -36.89
N LEU A 260 -27.27 -6.52 -36.36
CA LEU A 260 -27.13 -7.18 -35.07
C LEU A 260 -26.08 -8.28 -35.16
N THR A 261 -25.31 -8.46 -34.08
CA THR A 261 -24.33 -9.54 -34.08
C THR A 261 -25.01 -10.89 -34.21
N ASP A 262 -26.19 -11.04 -33.60
CA ASP A 262 -26.86 -12.33 -33.49
C ASP A 262 -28.24 -12.09 -32.91
N ALA A 263 -29.08 -13.13 -32.95
CA ALA A 263 -30.48 -12.97 -32.57
C ALA A 263 -30.67 -12.61 -31.12
N GLY A 264 -29.70 -12.89 -30.25
CA GLY A 264 -29.74 -12.53 -28.85
C GLY A 264 -28.98 -11.26 -28.50
N GLY A 265 -28.48 -10.54 -29.50
CA GLY A 265 -27.64 -9.36 -29.24
C GLY A 265 -28.39 -8.09 -28.90
N TYR A 266 -29.46 -8.18 -28.12
CA TYR A 266 -30.13 -6.96 -27.72
C TYR A 266 -30.91 -7.19 -26.44
N LEU A 267 -31.18 -6.09 -25.74
CA LEU A 267 -31.85 -6.14 -24.44
C LEU A 267 -32.49 -4.79 -24.19
N ALA A 268 -33.63 -4.82 -23.50
CA ALA A 268 -34.28 -3.62 -22.99
C ALA A 268 -34.79 -3.92 -21.58
N GLY A 269 -34.77 -2.90 -20.73
CA GLY A 269 -35.29 -3.09 -19.39
C GLY A 269 -35.00 -1.88 -18.53
N ARG A 270 -35.37 -2.01 -17.27
CA ARG A 270 -35.20 -0.94 -16.30
C ARG A 270 -35.27 -1.54 -14.90
N PHE A 271 -34.51 -0.95 -13.97
CA PHE A 271 -34.57 -1.43 -12.59
C PHE A 271 -34.14 -0.34 -11.64
N PRO A 272 -34.76 -0.21 -10.48
CA PRO A 272 -34.37 0.84 -9.54
C PRO A 272 -32.97 0.62 -9.00
N PRO A 273 -32.15 1.67 -8.91
CA PRO A 273 -30.92 1.57 -8.13
C PRO A 273 -31.26 1.31 -6.67
N THR A 274 -30.45 0.47 -6.01
CA THR A 274 -30.83 0.03 -4.68
C THR A 274 -29.59 -0.37 -3.90
N VAL A 275 -29.62 -0.09 -2.59
CA VAL A 275 -28.66 -0.62 -1.62
C VAL A 275 -29.45 -1.44 -0.62
N ARG A 276 -28.92 -2.60 -0.27
CA ARG A 276 -29.57 -3.50 0.67
C ARG A 276 -28.68 -3.77 1.87
N LYS A 277 -29.31 -4.27 2.94
CA LYS A 277 -28.57 -4.74 4.10
C LYS A 277 -27.90 -6.07 3.75
N PRO A 278 -26.68 -6.33 4.25
CA PRO A 278 -25.88 -7.44 3.72
C PRO A 278 -26.19 -8.81 4.27
N VAL A 279 -26.94 -8.93 5.37
CA VAL A 279 -27.15 -10.21 6.01
C VAL A 279 -28.62 -10.56 5.94
N LEU A 280 -28.93 -11.71 5.35
CA LEU A 280 -30.28 -12.24 5.31
C LEU A 280 -30.42 -13.31 6.38
N THR A 281 -31.35 -13.12 7.32
CA THR A 281 -31.61 -14.14 8.33
C THR A 281 -32.78 -15.00 7.85
N LEU A 282 -32.53 -16.30 7.79
CA LEU A 282 -33.50 -17.29 7.33
C LEU A 282 -34.51 -17.61 8.41
N PRO A 283 -35.65 -18.20 8.05
CA PRO A 283 -36.61 -18.62 9.09
C PRO A 283 -35.97 -19.52 10.13
N SER A 284 -35.05 -20.38 9.72
CA SER A 284 -34.29 -21.20 10.67
C SER A 284 -33.38 -20.36 11.55
N GLY A 285 -33.10 -19.11 11.18
CA GLY A 285 -32.16 -18.28 11.88
C GLY A 285 -30.72 -18.43 11.43
N LYS A 286 -30.45 -19.29 10.46
CA LYS A 286 -29.16 -19.30 9.77
C LYS A 286 -29.04 -18.04 8.91
N LYS A 287 -27.80 -17.67 8.61
CA LYS A 287 -27.49 -16.39 7.97
C LYS A 287 -26.97 -16.61 6.55
N ILE A 288 -27.44 -15.77 5.62
CA ILE A 288 -26.93 -15.72 4.25
C ILE A 288 -26.28 -14.37 4.01
N PHE A 289 -25.12 -14.36 3.37
CA PHE A 289 -24.31 -13.15 3.15
C PHE A 289 -24.37 -12.74 1.69
N GLY A 290 -24.85 -11.51 1.41
CA GLY A 290 -24.90 -11.03 0.05
C GLY A 290 -23.56 -10.56 -0.51
N MET A 291 -23.49 -10.49 -1.84
CA MET A 291 -22.29 -10.01 -2.50
C MET A 291 -22.64 -9.34 -3.81
N ALA A 292 -22.01 -8.18 -4.06
CA ALA A 292 -22.05 -7.42 -5.34
C ALA A 292 -23.46 -6.92 -5.64
N ASP A 293 -23.99 -7.11 -6.85
CA ASP A 293 -25.27 -6.49 -7.23
C ASP A 293 -26.39 -6.88 -6.30
N ALA A 294 -26.30 -8.05 -5.65
CA ALA A 294 -27.34 -8.42 -4.71
C ALA A 294 -27.55 -7.36 -3.65
N LEU A 295 -26.48 -6.63 -3.31
CA LEU A 295 -26.53 -5.61 -2.26
C LEU A 295 -26.40 -4.19 -2.78
N VAL A 296 -25.65 -3.97 -3.85
CA VAL A 296 -25.43 -2.61 -4.38
C VAL A 296 -25.59 -2.65 -5.90
N VAL A 297 -26.77 -2.28 -6.41
CA VAL A 297 -27.04 -2.28 -7.83
C VAL A 297 -27.24 -0.84 -8.33
N ASN A 298 -26.63 -0.54 -9.48
CA ASN A 298 -26.67 0.80 -10.07
C ASN A 298 -26.98 0.72 -11.56
N ASP A 299 -26.99 1.86 -12.26
CA ASP A 299 -27.35 1.91 -13.68
C ASP A 299 -26.11 1.98 -14.57
N PRO A 300 -26.13 1.31 -15.73
N PRO A 300 -26.17 1.30 -15.72
CA PRO A 300 -24.92 1.03 -16.53
CA PRO A 300 -24.94 0.95 -16.45
C PRO A 300 -23.80 2.07 -16.69
C PRO A 300 -24.04 2.11 -16.83
N ILE A 301 -22.59 1.53 -16.93
N ILE A 301 -24.60 3.28 -17.13
CA ILE A 301 -21.30 2.20 -17.19
CA ILE A 301 -23.85 4.48 -17.52
C ILE A 301 -20.89 3.15 -16.07
C ILE A 301 -22.53 4.56 -16.77
N THR A 302 -21.64 4.23 -15.83
N THR A 302 -22.62 5.04 -15.53
CA THR A 302 -21.33 5.01 -14.64
CA THR A 302 -21.49 5.12 -14.63
C THR A 302 -21.71 4.26 -13.38
C THR A 302 -21.70 4.24 -13.41
N GLY A 303 -22.66 3.32 -13.46
CA GLY A 303 -22.95 2.49 -12.32
C GLY A 303 -21.90 1.44 -12.07
N GLN A 304 -21.16 1.05 -13.10
CA GLN A 304 -19.90 0.32 -12.94
C GLN A 304 -20.09 -1.05 -12.33
N GLY A 305 -21.22 -1.72 -12.58
CA GLY A 305 -21.54 -2.92 -11.82
C GLY A 305 -20.57 -4.07 -12.02
N SER A 306 -20.06 -4.26 -13.24
CA SER A 306 -19.06 -5.30 -13.45
C SER A 306 -17.75 -4.95 -12.77
N ASN A 307 -17.37 -3.66 -12.86
CA ASN A 307 -16.18 -3.23 -12.16
C ASN A 307 -16.34 -3.40 -10.66
N ASN A 308 -17.51 -3.02 -10.15
CA ASN A 308 -17.78 -3.18 -8.72
C ASN A 308 -17.76 -4.64 -8.33
N ALA A 309 -18.29 -5.51 -9.20
CA ALA A 309 -18.38 -6.91 -8.82
C ALA A 309 -16.99 -7.55 -8.78
N ALA A 310 -16.12 -7.16 -9.70
CA ALA A 310 -14.76 -7.68 -9.66
C ALA A 310 -14.03 -7.19 -8.42
N LYS A 311 -14.13 -5.88 -8.14
CA LYS A 311 -13.45 -5.35 -6.95
C LYS A 311 -14.06 -5.93 -5.68
N CYS A 312 -15.38 -6.15 -5.68
CA CYS A 312 -16.00 -6.75 -4.52
C CYS A 312 -15.52 -8.18 -4.31
N SER A 313 -15.31 -8.92 -5.40
CA SER A 313 -14.83 -10.28 -5.25
C SER A 313 -13.45 -10.29 -4.60
N LYS A 314 -12.62 -9.29 -4.88
CA LYS A 314 -11.28 -9.28 -4.30
C LYS A 314 -11.35 -8.94 -2.82
N ILE A 315 -12.23 -7.99 -2.44
CA ILE A 315 -12.37 -7.65 -1.02
C ILE A 315 -12.91 -8.82 -0.23
N TYR A 316 -13.91 -9.52 -0.77
CA TYR A 316 -14.45 -10.68 -0.06
C TYR A 316 -13.45 -11.83 0.02
N PHE A 317 -12.69 -12.06 -1.07
CA PHE A 317 -11.64 -13.07 -1.02
C PHE A 317 -10.62 -12.77 0.06
N ASP A 318 -10.21 -11.52 0.17
CA ASP A 318 -9.19 -11.16 1.14
C ASP A 318 -9.74 -11.34 2.54
N ALA A 319 -11.03 -11.02 2.73
CA ALA A 319 -11.66 -11.13 4.05
C ALA A 319 -11.90 -12.58 4.44
N ILE A 320 -12.14 -13.44 3.45
CA ILE A 320 -12.33 -14.86 3.76
C ILE A 320 -11.02 -15.47 4.19
N LEU A 321 -9.95 -15.23 3.41
CA LEU A 321 -8.67 -15.80 3.80
C LEU A 321 -8.19 -15.23 5.13
N ALA A 322 -8.45 -13.95 5.38
CA ALA A 322 -7.97 -13.34 6.62
C ALA A 322 -8.68 -13.90 7.84
N ASN A 323 -9.86 -14.49 7.65
CA ASN A 323 -10.66 -15.02 8.75
C ASN A 323 -10.22 -16.42 9.17
N ASP A 324 -9.30 -17.04 8.44
CA ASP A 324 -8.67 -18.29 8.83
C ASP A 324 -9.69 -19.37 9.20
N ASN A 325 -9.64 -19.88 10.44
CA ASN A 325 -10.60 -20.87 10.89
C ASN A 325 -11.62 -20.32 11.88
N GLN A 326 -11.80 -18.99 11.92
CA GLN A 326 -12.88 -18.42 12.72
C GLN A 326 -14.23 -18.61 12.02
N SER A 327 -15.30 -18.50 12.81
CA SER A 327 -16.64 -18.58 12.27
C SER A 327 -16.91 -17.40 11.34
N PHE A 328 -17.70 -17.67 10.30
CA PHE A 328 -18.20 -16.60 9.44
C PHE A 328 -19.51 -16.09 10.05
N SER A 329 -19.35 -15.37 11.15
CA SER A 329 -20.46 -14.85 11.92
C SER A 329 -21.05 -13.62 11.24
N GLU A 330 -22.24 -13.22 11.70
CA GLU A 330 -22.88 -12.03 11.17
C GLU A 330 -22.00 -10.80 11.33
N GLN A 331 -21.24 -10.72 12.43
CA GLN A 331 -20.33 -9.60 12.63
C GLN A 331 -19.25 -9.57 11.56
N TRP A 332 -18.70 -10.73 11.22
CA TRP A 332 -17.68 -10.75 10.18
C TRP A 332 -18.26 -10.38 8.83
N MET A 333 -19.50 -10.80 8.56
CA MET A 333 -20.14 -10.44 7.30
C MET A 333 -20.38 -8.94 7.22
N VAL A 334 -20.94 -8.34 8.28
CA VAL A 334 -21.18 -6.90 8.27
C VAL A 334 -19.87 -6.14 8.12
N GLN A 335 -18.84 -6.58 8.83
CA GLN A 335 -17.55 -5.91 8.74
C GLN A 335 -16.96 -6.02 7.34
N THR A 336 -17.18 -7.17 6.68
CA THR A 336 -16.65 -7.36 5.34
C THR A 336 -17.42 -6.53 4.32
N PHE A 337 -18.73 -6.47 4.45
CA PHE A 337 -19.52 -5.65 3.54
C PHE A 337 -19.19 -4.17 3.71
N GLU A 338 -18.93 -3.76 4.94
CA GLU A 338 -18.57 -2.35 5.14
C GLU A 338 -17.22 -2.04 4.51
N ARG A 339 -16.32 -3.02 4.42
CA ARG A 339 -15.09 -2.78 3.67
C ARG A 339 -15.40 -2.53 2.20
N TYR A 340 -16.37 -3.27 1.65
CA TYR A 340 -16.80 -3.01 0.27
C TYR A 340 -17.51 -1.68 0.16
N TRP A 341 -18.38 -1.37 1.12
CA TRP A 341 -19.12 -0.12 1.05
C TRP A 341 -18.18 1.07 1.17
N ALA A 342 -17.03 0.89 1.83
CA ALA A 342 -16.03 1.95 1.90
C ALA A 342 -15.45 2.27 0.52
N TYR A 343 -15.43 1.29 -0.38
CA TYR A 343 -15.14 1.58 -1.78
C TYR A 343 -16.36 2.13 -2.49
N ALA A 344 -17.49 1.41 -2.43
CA ALA A 344 -18.60 1.68 -3.34
C ALA A 344 -19.37 2.95 -3.03
N GLU A 345 -19.34 3.42 -1.78
CA GLU A 345 -20.19 4.54 -1.38
C GLU A 345 -20.02 5.72 -2.33
N LYS A 346 -18.77 6.10 -2.60
CA LYS A 346 -18.50 7.25 -3.46
C LYS A 346 -18.81 6.96 -4.92
N VAL A 347 -18.64 5.70 -5.35
CA VAL A 347 -19.02 5.33 -6.70
C VAL A 347 -20.53 5.46 -6.87
N VAL A 348 -21.28 5.06 -5.84
CA VAL A 348 -22.72 5.17 -5.90
C VAL A 348 -23.16 6.63 -5.91
N ALA A 349 -22.50 7.47 -5.12
CA ALA A 349 -22.86 8.89 -5.08
C ALA A 349 -22.60 9.55 -6.42
N TRP A 350 -21.49 9.18 -7.05
CA TRP A 350 -21.17 9.73 -8.37
C TRP A 350 -22.18 9.28 -9.42
N THR A 351 -22.46 7.98 -9.49
CA THR A 351 -23.42 7.54 -10.49
C THR A 351 -24.83 8.05 -10.20
N ASN A 352 -25.23 8.14 -8.92
CA ASN A 352 -26.55 8.68 -8.62
C ASN A 352 -26.67 10.11 -9.14
N SER A 353 -25.60 10.89 -8.99
CA SER A 353 -25.66 12.29 -9.37
C SER A 353 -25.89 12.46 -10.87
N LEU A 354 -25.37 11.54 -11.70
CA LEU A 354 -25.56 11.61 -13.14
C LEU A 354 -26.94 11.17 -13.60
N LEU A 355 -27.75 10.58 -12.70
CA LEU A 355 -29.13 10.26 -13.07
C LEU A 355 -30.05 11.46 -12.95
N LEU A 356 -29.56 12.47 -12.25
CA LEU A 356 -30.37 13.70 -12.03
C LEU A 356 -29.76 14.86 -12.83
N PRO A 357 -30.47 16.00 -12.94
CA PRO A 357 -29.90 17.15 -13.62
C PRO A 357 -28.58 17.51 -12.95
N PRO A 358 -27.54 17.80 -13.76
CA PRO A 358 -26.23 18.08 -13.21
C PRO A 358 -26.18 19.38 -12.40
N GLU A 359 -25.56 19.32 -11.23
N GLU A 359 -25.56 19.32 -11.23
CA GLU A 359 -25.37 20.56 -10.45
CA GLU A 359 -25.37 20.56 -10.45
C GLU A 359 -24.56 21.53 -11.30
C GLU A 359 -24.56 21.53 -11.30
N PRO A 360 -24.76 22.86 -11.16
CA PRO A 360 -24.05 23.79 -12.04
C PRO A 360 -22.54 23.61 -12.00
N HIS A 361 -21.97 23.26 -10.84
CA HIS A 361 -20.54 23.06 -10.81
C HIS A 361 -20.11 21.79 -11.55
N VAL A 362 -20.98 20.80 -11.69
CA VAL A 362 -20.58 19.63 -12.45
C VAL A 362 -20.54 19.94 -13.94
N VAL A 363 -21.50 20.73 -14.44
CA VAL A 363 -21.42 21.20 -15.82
C VAL A 363 -20.13 21.99 -16.01
N GLU A 364 -19.77 22.83 -15.03
CA GLU A 364 -18.51 23.58 -15.12
C GLU A 364 -17.31 22.65 -15.15
N LEU A 365 -17.34 21.59 -14.34
CA LEU A 365 -16.22 20.67 -14.30
C LEU A 365 -16.10 19.91 -15.61
N LEU A 366 -17.24 19.39 -16.10
CA LEU A 366 -17.21 18.62 -17.33
C LEU A 366 -16.84 19.50 -18.52
N ALA A 367 -17.33 20.76 -18.50
CA ALA A 367 -17.02 21.70 -19.59
C ALA A 367 -15.57 22.14 -19.56
N ALA A 368 -14.97 22.23 -18.36
CA ALA A 368 -13.58 22.66 -18.29
C ALA A 368 -12.67 21.67 -18.99
N ALA A 369 -13.05 20.39 -19.01
CA ALA A 369 -12.23 19.38 -19.66
C ALA A 369 -12.09 19.65 -21.15
N SER A 370 -13.04 20.36 -21.75
CA SER A 370 -12.93 20.61 -23.18
C SER A 370 -11.87 21.65 -23.52
N GLN A 371 -11.46 22.48 -22.54
CA GLN A 371 -10.42 23.50 -22.70
C GLN A 371 -9.08 23.13 -22.06
N ASN A 372 -9.03 22.09 -21.24
CA ASN A 372 -7.84 21.74 -20.48
C ASN A 372 -7.70 20.23 -20.55
N GLN A 373 -6.81 19.76 -21.42
CA GLN A 373 -6.69 18.33 -21.66
C GLN A 373 -6.25 17.59 -20.40
N SER A 374 -5.49 18.25 -19.51
CA SER A 374 -5.12 17.57 -18.27
C SER A 374 -6.35 17.28 -17.41
N ILE A 375 -7.36 18.16 -17.44
CA ILE A 375 -8.60 17.86 -16.73
C ILE A 375 -9.35 16.73 -17.42
N ALA A 376 -9.36 16.71 -18.75
CA ALA A 376 -10.04 15.62 -19.46
C ALA A 376 -9.39 14.28 -19.12
N SER A 377 -8.07 14.26 -19.01
CA SER A 377 -7.39 13.00 -18.69
C SER A 377 -7.75 12.53 -17.29
N ILE A 378 -7.83 13.47 -16.34
CA ILE A 378 -8.25 13.12 -14.99
C ILE A 378 -9.67 12.56 -15.00
N MET A 379 -10.58 13.23 -15.72
CA MET A 379 -11.96 12.75 -15.79
C MET A 379 -12.03 11.35 -16.36
N ALA A 380 -11.34 11.13 -17.48
CA ALA A 380 -11.40 9.83 -18.13
C ALA A 380 -10.82 8.75 -17.22
N ASN A 381 -9.66 9.02 -16.63
CA ASN A 381 -9.03 7.98 -15.86
C ASN A 381 -9.71 7.75 -14.52
N ASN A 382 -10.52 8.70 -14.07
CA ASN A 382 -11.31 8.45 -12.87
C ASN A 382 -12.39 7.40 -13.08
N PHE A 383 -12.68 7.01 -14.33
CA PHE A 383 -13.57 5.85 -14.50
C PHE A 383 -12.97 4.59 -13.90
N ASP A 384 -11.64 4.53 -13.81
CA ASP A 384 -10.98 3.38 -13.21
C ASP A 384 -11.13 3.33 -11.69
N ASP A 385 -11.45 4.47 -11.04
CA ASP A 385 -11.67 4.53 -9.60
C ASP A 385 -12.48 5.78 -9.30
N PRO A 386 -13.81 5.71 -9.39
CA PRO A 386 -14.60 6.95 -9.27
C PRO A 386 -14.53 7.60 -7.89
N ARG A 387 -13.88 6.96 -6.91
CA ARG A 387 -13.68 7.64 -5.63
C ARG A 387 -12.93 8.94 -5.82
N ALA A 388 -12.10 9.01 -6.85
CA ALA A 388 -11.25 10.17 -7.09
C ALA A 388 -12.02 11.39 -7.57
N PHE A 389 -13.29 11.23 -7.94
CA PHE A 389 -14.13 12.39 -8.22
C PHE A 389 -14.44 13.17 -6.94
N ALA A 390 -14.43 12.50 -5.78
CA ALA A 390 -14.58 13.24 -4.54
C ALA A 390 -13.29 13.95 -4.17
N PRO A 391 -13.36 15.14 -3.54
CA PRO A 391 -14.56 15.84 -3.08
C PRO A 391 -15.16 16.81 -4.10
N TRP A 392 -14.37 17.18 -5.11
CA TRP A 392 -14.76 18.30 -5.98
C TRP A 392 -15.98 18.01 -6.83
N TRP A 393 -16.30 16.75 -7.13
CA TRP A 393 -17.53 16.48 -7.86
C TRP A 393 -18.77 16.89 -7.06
N PHE A 394 -18.69 16.84 -5.72
CA PHE A 394 -19.89 16.96 -4.90
C PHE A 394 -20.01 18.28 -4.16
N ASP A 395 -19.00 19.12 -4.21
CA ASP A 395 -18.94 20.33 -3.40
C ASP A 395 -18.55 21.45 -4.35
N ALA A 396 -19.43 22.45 -4.49
CA ALA A 396 -19.17 23.51 -5.45
C ALA A 396 -17.92 24.32 -5.09
N ASP A 397 -17.64 24.52 -3.80
CA ASP A 397 -16.42 25.25 -3.43
C ASP A 397 -15.19 24.42 -3.71
N GLN A 398 -15.24 23.11 -3.46
CA GLN A 398 -14.13 22.24 -3.81
C GLN A 398 -13.95 22.18 -5.32
N ALA A 399 -15.06 22.23 -6.05
CA ALA A 399 -15.00 22.26 -7.50
C ALA A 399 -14.28 23.51 -7.99
N GLN A 400 -14.63 24.68 -7.43
CA GLN A 400 -13.96 25.89 -7.87
C GLN A 400 -12.49 25.90 -7.48
N ALA A 401 -12.15 25.36 -6.30
CA ALA A 401 -10.74 25.27 -5.93
C ALA A 401 -9.99 24.30 -6.84
N PHE A 402 -10.64 23.21 -7.27
CA PHE A 402 -10.01 22.30 -8.21
C PHE A 402 -9.74 22.99 -9.53
N LEU A 403 -10.73 23.72 -10.05
CA LEU A 403 -10.56 24.42 -11.31
C LEU A 403 -9.54 25.55 -11.18
N ALA A 404 -9.57 26.27 -10.07
CA ALA A 404 -8.61 27.36 -9.89
C ALA A 404 -7.18 26.84 -9.87
N SER A 405 -7.00 25.63 -9.33
CA SER A 405 -5.68 25.03 -9.30
C SER A 405 -5.23 24.59 -10.68
N LYS A 406 -6.14 23.99 -11.46
CA LYS A 406 -5.79 23.48 -12.77
C LYS A 406 -5.50 24.59 -13.78
N ASN A 407 -6.18 25.73 -13.66
CA ASN A 407 -6.00 26.76 -14.66
C ASN A 407 -4.84 27.70 -14.33
N THR A 408 -4.55 27.91 -13.05
CA THR A 408 -3.31 28.60 -12.70
C THR A 408 -2.08 27.76 -13.06
N ALA A 409 -2.18 26.43 -12.96
CA ALA A 409 -1.11 25.57 -13.43
C ALA A 409 -0.95 25.63 -14.94
N LYS A 410 -2.07 25.81 -15.67
CA LYS A 410 -2.01 25.97 -17.11
C LYS A 410 -1.28 27.25 -17.50
N VAL A 411 -1.23 28.23 -16.61
CA VAL A 411 -0.64 29.56 -16.81
C VAL A 411 -1.15 30.20 -18.10
N MET B 1 -26.64 -21.58 40.55
CA MET B 1 -26.71 -22.87 39.88
C MET B 1 -25.30 -23.34 39.51
N ARG B 2 -24.38 -22.40 39.34
CA ARG B 2 -23.02 -22.72 38.96
C ARG B 2 -22.04 -22.07 39.92
N ARG B 3 -20.78 -22.49 39.83
CA ARG B 3 -19.73 -22.01 40.73
C ARG B 3 -18.72 -21.18 39.93
N ILE B 4 -18.63 -19.89 40.25
CA ILE B 4 -17.91 -18.91 39.44
C ILE B 4 -16.79 -18.31 40.29
N ALA B 5 -15.61 -18.11 39.69
CA ALA B 5 -14.53 -17.38 40.34
C ALA B 5 -14.27 -16.10 39.55
N ILE B 6 -14.08 -14.99 40.25
CA ILE B 6 -13.79 -13.69 39.64
C ILE B 6 -12.52 -13.16 40.27
N VAL B 7 -11.57 -12.73 39.45
CA VAL B 7 -10.34 -12.12 39.94
C VAL B 7 -10.43 -10.62 39.69
N GLY B 8 -10.47 -9.85 40.78
CA GLY B 8 -10.46 -8.39 40.77
C GLY B 8 -11.75 -7.77 41.25
N ALA B 9 -11.73 -7.11 42.40
CA ALA B 9 -12.95 -6.55 43.03
C ALA B 9 -13.19 -5.09 42.59
N GLY B 10 -13.47 -4.92 41.31
CA GLY B 10 -13.73 -3.57 40.81
C GLY B 10 -15.16 -3.42 40.33
N GLN B 11 -15.39 -2.43 39.47
CA GLN B 11 -16.75 -2.15 39.03
C GLN B 11 -17.39 -3.37 38.36
N SER B 12 -16.70 -3.98 37.39
CA SER B 12 -17.34 -5.08 36.68
C SER B 12 -17.36 -6.35 37.50
N GLY B 13 -16.28 -6.63 38.22
CA GLY B 13 -16.21 -7.89 38.95
C GLY B 13 -17.21 -7.94 40.09
N LEU B 14 -17.29 -6.85 40.88
CA LEU B 14 -18.26 -6.80 41.96
C LEU B 14 -19.70 -6.72 41.43
N GLN B 15 -19.94 -5.93 40.39
CA GLN B 15 -21.32 -5.83 39.91
C GLN B 15 -21.82 -7.18 39.40
N LEU B 16 -20.97 -7.88 38.64
CA LEU B 16 -21.32 -9.22 38.18
C LEU B 16 -21.44 -10.19 39.35
N GLY B 17 -20.48 -10.15 40.27
CA GLY B 17 -20.51 -11.09 41.38
C GLY B 17 -21.72 -10.88 42.27
N LEU B 18 -22.08 -9.62 42.52
CA LEU B 18 -23.25 -9.34 43.34
C LEU B 18 -24.53 -9.80 42.66
N GLY B 19 -24.64 -9.64 41.33
CA GLY B 19 -25.84 -10.08 40.66
C GLY B 19 -25.93 -11.59 40.63
N LEU B 20 -24.79 -12.26 40.48
CA LEU B 20 -24.79 -13.72 40.43
C LEU B 20 -25.18 -14.32 41.78
N LEU B 21 -24.66 -13.74 42.88
CA LEU B 21 -25.01 -14.25 44.21
C LEU B 21 -26.50 -14.10 44.47
N ASP B 22 -27.10 -13.01 44.02
CA ASP B 22 -28.50 -12.77 44.25
C ASP B 22 -29.38 -13.74 43.46
N THR B 23 -28.82 -14.36 42.43
CA THR B 23 -29.51 -15.31 41.58
C THR B 23 -29.17 -16.76 41.95
N GLY B 24 -28.48 -16.95 43.08
CA GLY B 24 -28.22 -18.28 43.59
C GLY B 24 -26.91 -18.91 43.16
N TYR B 25 -26.06 -18.21 42.40
CA TYR B 25 -24.75 -18.74 42.05
C TYR B 25 -23.82 -18.65 43.24
N ASP B 26 -22.83 -19.54 43.27
CA ASP B 26 -21.75 -19.44 44.23
C ASP B 26 -20.62 -18.69 43.56
N VAL B 27 -20.11 -17.66 44.24
CA VAL B 27 -19.08 -16.81 43.65
C VAL B 27 -17.93 -16.68 44.63
N THR B 28 -16.72 -16.96 44.13
CA THR B 28 -15.50 -16.68 44.85
C THR B 28 -14.80 -15.52 44.17
N MET B 29 -14.43 -14.52 44.96
N MET B 29 -14.45 -14.51 44.95
CA MET B 29 -13.75 -13.32 44.48
CA MET B 29 -13.73 -13.34 44.46
C MET B 29 -12.33 -13.27 45.05
C MET B 29 -12.33 -13.32 45.05
N ILE B 30 -11.33 -13.22 44.19
CA ILE B 30 -9.94 -13.09 44.60
C ILE B 30 -9.50 -11.69 44.20
N THR B 31 -8.95 -10.93 45.15
CA THR B 31 -8.55 -9.56 44.82
C THR B 31 -7.39 -9.16 45.71
N ASN B 32 -6.63 -8.15 45.25
CA ASN B 32 -5.32 -7.86 45.84
C ASN B 32 -5.38 -6.83 46.98
N ARG B 33 -6.46 -6.06 47.08
CA ARG B 33 -6.60 -5.02 48.09
C ARG B 33 -7.85 -5.25 48.94
N THR B 34 -7.72 -5.10 50.25
CA THR B 34 -8.87 -5.22 51.15
C THR B 34 -9.79 -4.01 50.98
N ALA B 35 -11.01 -4.15 51.50
CA ALA B 35 -11.93 -3.01 51.51
C ALA B 35 -11.34 -1.85 52.29
N ASP B 36 -10.67 -2.15 53.41
CA ASP B 36 -10.12 -1.06 54.20
C ASP B 36 -8.96 -0.37 53.49
N GLU B 37 -8.11 -1.12 52.77
CA GLU B 37 -7.04 -0.46 52.03
C GLU B 37 -7.56 0.42 50.90
N ILE B 38 -8.66 0.02 50.25
CA ILE B 38 -9.22 0.91 49.25
C ILE B 38 -9.78 2.17 49.88
N ARG B 39 -10.42 2.04 51.04
CA ARG B 39 -11.01 3.20 51.73
C ARG B 39 -9.94 4.18 52.14
N GLN B 40 -8.77 3.69 52.51
CA GLN B 40 -7.70 4.53 53.02
C GLN B 40 -6.68 4.92 51.97
N GLY B 41 -6.85 4.52 50.71
CA GLY B 41 -5.91 4.82 49.66
C GLY B 41 -6.31 6.04 48.84
N LYS B 42 -5.61 6.19 47.72
CA LYS B 42 -5.85 7.30 46.81
C LYS B 42 -7.06 7.02 45.94
N VAL B 43 -7.59 8.11 45.38
CA VAL B 43 -8.64 7.99 44.38
C VAL B 43 -8.11 7.21 43.18
N MET B 44 -9.03 6.54 42.50
N MET B 44 -9.03 6.52 42.49
CA MET B 44 -8.67 5.68 41.38
CA MET B 44 -8.63 5.70 41.35
C MET B 44 -9.31 6.09 40.06
C MET B 44 -9.29 6.10 40.04
N SER B 45 -10.25 7.02 40.05
CA SER B 45 -11.07 7.26 38.89
C SER B 45 -11.80 8.56 39.14
N SER B 46 -12.40 9.10 38.07
CA SER B 46 -13.42 10.12 38.25
C SER B 46 -14.82 9.59 37.95
N GLN B 47 -14.92 8.33 37.53
CA GLN B 47 -16.13 7.49 37.47
C GLN B 47 -17.45 8.20 37.21
N CYS B 48 -17.51 9.06 36.20
CA CYS B 48 -18.80 9.67 35.86
C CYS B 48 -19.64 8.65 35.11
N MET B 49 -20.69 8.11 35.76
CA MET B 49 -21.53 7.09 35.13
C MET B 49 -22.86 7.67 34.65
N PHE B 50 -23.16 7.47 33.38
CA PHE B 50 -24.38 8.01 32.78
C PHE B 50 -25.56 7.07 33.06
N HIS B 51 -26.76 7.52 32.63
CA HIS B 51 -27.98 6.92 33.10
C HIS B 51 -28.06 5.40 32.82
N THR B 52 -27.71 4.97 31.60
CA THR B 52 -27.89 3.55 31.29
C THR B 52 -27.02 2.67 32.19
N ALA B 53 -25.78 3.10 32.44
CA ALA B 53 -24.93 2.34 33.36
C ALA B 53 -25.44 2.44 34.80
N LEU B 54 -25.88 3.62 35.22
CA LEU B 54 -26.46 3.73 36.56
C LEU B 54 -27.64 2.77 36.70
N GLN B 55 -28.44 2.63 35.65
CA GLN B 55 -29.63 1.80 35.73
C GLN B 55 -29.27 0.33 35.84
N THR B 56 -28.12 -0.10 35.28
CA THR B 56 -27.71 -1.48 35.51
C THR B 56 -27.46 -1.72 36.98
N GLU B 57 -27.02 -0.69 37.72
CA GLU B 57 -26.85 -0.85 39.17
C GLU B 57 -28.17 -0.82 39.90
N ARG B 58 -29.05 0.12 39.51
CA ARG B 58 -30.34 0.23 40.17
C ARG B 58 -31.11 -1.07 40.07
N ASP B 59 -31.04 -1.73 38.91
CA ASP B 59 -31.81 -2.95 38.69
C ASP B 59 -31.35 -4.10 39.57
N LEU B 60 -30.12 -4.04 40.06
CA LEU B 60 -29.58 -4.99 41.01
C LEU B 60 -29.68 -4.52 42.46
N GLY B 61 -30.30 -3.36 42.70
CA GLY B 61 -30.38 -2.86 44.06
C GLY B 61 -29.07 -2.34 44.59
N LEU B 62 -28.15 -1.97 43.70
CA LEU B 62 -26.79 -1.63 44.12
C LEU B 62 -26.52 -0.12 44.11
N ASN B 63 -27.55 0.70 43.87
CA ASN B 63 -27.41 2.17 43.84
C ASN B 63 -27.50 2.75 45.26
N PHE B 64 -26.57 2.32 46.11
CA PHE B 64 -26.65 2.65 47.53
C PHE B 64 -26.45 4.14 47.82
N TRP B 65 -25.85 4.89 46.90
CA TRP B 65 -25.52 6.29 47.15
C TRP B 65 -26.33 7.26 46.31
N GLU B 66 -27.36 6.80 45.61
CA GLU B 66 -28.05 7.72 44.69
C GLU B 66 -28.66 8.91 45.41
N GLU B 67 -29.15 8.72 46.66
CA GLU B 67 -29.71 9.82 47.43
C GLU B 67 -28.63 10.78 47.93
N GLN B 68 -27.41 10.29 48.12
CA GLN B 68 -26.33 11.08 48.72
C GLN B 68 -25.46 11.78 47.69
N CYS B 69 -25.45 11.30 46.47
CA CYS B 69 -24.55 11.78 45.43
C CYS B 69 -25.18 12.90 44.62
N PRO B 70 -24.52 14.04 44.44
CA PRO B 70 -25.09 15.06 43.55
C PRO B 70 -25.21 14.54 42.13
N ALA B 71 -26.24 14.99 41.45
CA ALA B 71 -26.47 14.62 40.07
C ALA B 71 -25.60 15.46 39.15
N VAL B 72 -25.20 14.86 38.05
CA VAL B 72 -24.52 15.58 36.97
C VAL B 72 -25.57 15.73 35.90
N GLU B 73 -26.04 16.96 35.72
CA GLU B 73 -27.31 17.14 35.00
C GLU B 73 -27.14 17.43 33.52
N GLY B 74 -25.91 17.60 33.04
CA GLY B 74 -25.75 17.88 31.62
C GLY B 74 -24.30 17.83 31.19
N ILE B 75 -24.09 18.26 29.94
CA ILE B 75 -22.77 18.33 29.34
C ILE B 75 -22.57 19.75 28.81
N GLY B 76 -21.39 20.30 29.05
CA GLY B 76 -21.02 21.59 28.47
C GLY B 76 -19.71 21.41 27.73
N LEU B 77 -19.57 22.10 26.60
CA LEU B 77 -18.34 22.00 25.83
C LEU B 77 -17.89 23.38 25.39
N ALA B 78 -16.60 23.62 25.48
CA ALA B 78 -16.01 24.82 24.90
C ALA B 78 -14.72 24.43 24.20
N LEU B 79 -14.47 25.04 23.05
CA LEU B 79 -13.20 24.90 22.37
C LEU B 79 -12.41 26.19 22.56
N VAL B 80 -11.17 26.07 23.03
CA VAL B 80 -10.42 27.20 23.58
C VAL B 80 -9.11 27.38 22.83
N ASN B 81 -8.79 28.64 22.49
CA ASN B 81 -7.50 28.95 21.89
C ASN B 81 -6.52 29.25 23.02
N PRO B 82 -5.42 28.50 23.16
CA PRO B 82 -4.49 28.74 24.27
C PRO B 82 -3.73 30.06 24.15
N GLU B 83 -3.64 30.65 22.96
CA GLU B 83 -2.89 31.91 22.83
C GLU B 83 -3.60 33.09 23.50
N ASN B 84 -4.91 33.23 23.29
CA ASN B 84 -5.63 34.41 23.76
C ASN B 84 -6.76 34.12 24.73
N GLY B 85 -7.07 32.85 24.99
CA GLY B 85 -8.21 32.51 25.80
C GLY B 85 -9.53 32.53 25.05
N ALA B 86 -9.51 32.78 23.75
CA ALA B 86 -10.76 32.89 23.01
C ALA B 86 -11.42 31.52 22.88
N LYS B 87 -12.74 31.53 22.83
CA LYS B 87 -13.52 30.32 22.60
C LYS B 87 -14.06 30.36 21.18
N ALA B 88 -13.71 29.36 20.37
CA ALA B 88 -14.29 29.29 19.04
C ALA B 88 -15.80 29.09 19.11
N PHE B 89 -16.27 28.37 20.13
CA PHE B 89 -17.70 28.17 20.36
C PHE B 89 -17.85 27.54 21.74
N GLU B 90 -19.06 27.61 22.26
CA GLU B 90 -19.36 26.93 23.51
C GLU B 90 -20.83 26.59 23.54
N TRP B 91 -21.16 25.50 24.25
CA TRP B 91 -22.57 25.17 24.38
C TRP B 91 -22.75 24.28 25.61
N SER B 92 -24.01 24.12 26.02
CA SER B 92 -24.31 23.15 27.06
C SER B 92 -25.71 22.62 26.80
N ALA B 93 -25.96 21.41 27.28
CA ALA B 93 -27.32 20.88 27.19
C ALA B 93 -27.56 19.94 28.36
N ARG B 94 -28.80 19.91 28.83
CA ARG B 94 -29.19 18.94 29.84
C ARG B 94 -29.11 17.52 29.29
N LEU B 95 -28.70 16.59 30.17
CA LEU B 95 -28.97 15.18 29.94
C LEU B 95 -30.45 14.91 30.20
N GLU B 96 -31.04 14.01 29.41
CA GLU B 96 -32.41 13.60 29.70
C GLU B 96 -32.50 12.94 31.07
N ARG B 97 -31.49 12.14 31.42
CA ARG B 97 -31.40 11.48 32.72
C ARG B 97 -30.02 11.75 33.28
N TYR B 98 -29.93 12.05 34.57
CA TYR B 98 -28.64 12.50 35.09
C TYR B 98 -27.62 11.37 35.17
N ALA B 99 -26.36 11.79 35.24
CA ALA B 99 -25.23 10.94 35.57
C ALA B 99 -24.85 11.12 37.05
N GLN B 100 -24.04 10.19 37.57
CA GLN B 100 -23.51 10.36 38.92
C GLN B 100 -22.11 9.78 39.00
N SER B 101 -21.29 10.44 39.82
CA SER B 101 -19.92 10.00 40.06
C SER B 101 -19.74 9.66 41.54
N VAL B 102 -19.78 8.35 41.87
CA VAL B 102 -19.56 7.86 43.23
C VAL B 102 -18.14 7.34 43.31
N ASP B 103 -17.28 8.02 44.08
CA ASP B 103 -15.89 7.62 44.28
C ASP B 103 -15.79 6.11 44.47
N GLN B 104 -14.88 5.48 43.74
CA GLN B 104 -14.69 4.05 43.93
C GLN B 104 -14.20 3.73 45.34
N ARG B 105 -13.54 4.69 46.03
CA ARG B 105 -13.19 4.49 47.44
C ARG B 105 -14.41 4.38 48.34
N VAL B 106 -15.56 4.88 47.90
CA VAL B 106 -16.83 4.70 48.60
C VAL B 106 -17.51 3.42 48.15
N LYS B 107 -17.59 3.24 46.84
CA LYS B 107 -18.43 2.19 46.29
C LYS B 107 -17.83 0.80 46.47
N MET B 108 -16.55 0.61 46.10
CA MET B 108 -16.02 -0.75 46.12
C MET B 108 -15.93 -1.32 47.53
N PRO B 109 -15.43 -0.60 48.53
CA PRO B 109 -15.40 -1.24 49.87
C PRO B 109 -16.77 -1.64 50.37
N TYR B 110 -17.81 -0.84 50.10
CA TYR B 110 -19.15 -1.24 50.53
C TYR B 110 -19.64 -2.42 49.72
N TRP B 111 -19.40 -2.39 48.41
CA TRP B 111 -19.82 -3.53 47.59
C TRP B 111 -19.08 -4.80 47.99
N MET B 112 -17.81 -4.70 48.41
CA MET B 112 -17.10 -5.89 48.90
C MET B 112 -17.73 -6.44 50.16
N GLU B 113 -18.10 -5.56 51.10
CA GLU B 113 -18.75 -6.02 52.32
C GLU B 113 -20.12 -6.63 52.03
N GLU B 114 -20.86 -6.05 51.07
CA GLU B 114 -22.13 -6.60 50.63
C GLU B 114 -21.95 -7.95 49.97
N PHE B 115 -20.89 -8.09 49.18
CA PHE B 115 -20.58 -9.37 48.54
C PHE B 115 -20.41 -10.46 49.59
N GLU B 116 -19.69 -10.15 50.68
CA GLU B 116 -19.54 -11.11 51.77
C GLU B 116 -20.86 -11.37 52.50
N ARG B 117 -21.66 -10.32 52.72
CA ARG B 117 -22.94 -10.50 53.40
C ARG B 117 -23.87 -11.39 52.59
N ARG B 118 -23.75 -11.36 51.27
CA ARG B 118 -24.61 -12.16 50.40
C ARG B 118 -24.09 -13.58 50.18
N GLY B 119 -23.06 -13.98 50.90
CA GLY B 119 -22.52 -15.33 50.83
C GLY B 119 -21.35 -15.52 49.90
N GLY B 120 -20.83 -14.46 49.30
CA GLY B 120 -19.67 -14.61 48.47
C GLY B 120 -18.44 -14.90 49.30
N GLN B 121 -17.52 -15.62 48.71
CA GLN B 121 -16.24 -15.96 49.33
C GLN B 121 -15.21 -14.96 48.84
N LEU B 122 -14.67 -14.14 49.74
CA LEU B 122 -13.69 -13.12 49.40
C LEU B 122 -12.30 -13.56 49.86
N VAL B 123 -11.38 -13.68 48.91
CA VAL B 123 -10.01 -14.11 49.17
C VAL B 123 -9.07 -12.97 48.77
N ILE B 124 -8.21 -12.55 49.68
CA ILE B 124 -7.24 -11.49 49.39
C ILE B 124 -5.96 -12.16 48.93
N GLN B 125 -5.61 -11.97 47.66
CA GLN B 125 -4.45 -12.59 47.06
C GLN B 125 -4.07 -11.78 45.83
N ASP B 126 -2.76 -11.68 45.58
CA ASP B 126 -2.26 -11.11 44.34
C ASP B 126 -2.18 -12.24 43.33
N ALA B 127 -3.13 -12.29 42.41
CA ALA B 127 -3.25 -13.46 41.55
C ALA B 127 -2.28 -13.38 40.37
N GLY B 128 -1.55 -14.46 40.12
CA GLY B 128 -0.77 -14.59 38.92
C GLY B 128 -1.11 -15.87 38.19
N ILE B 129 -0.23 -16.33 37.29
CA ILE B 129 -0.54 -17.51 36.50
C ILE B 129 -0.77 -18.71 37.40
N GLU B 130 0.06 -18.90 38.42
CA GLU B 130 -0.09 -20.10 39.28
C GLU B 130 -1.44 -20.04 40.00
N GLU B 131 -1.80 -18.86 40.46
CA GLU B 131 -3.08 -18.72 41.15
C GLU B 131 -4.25 -18.93 40.18
N LEU B 132 -4.10 -18.47 38.94
CA LEU B 132 -5.16 -18.71 37.95
C LEU B 132 -5.28 -20.19 37.60
N GLU B 133 -4.17 -20.91 37.60
CA GLU B 133 -4.23 -22.34 37.29
C GLU B 133 -5.06 -23.09 38.33
N GLN B 134 -4.93 -22.68 39.57
CA GLN B 134 -5.65 -23.36 40.67
C GLN B 134 -7.15 -23.04 40.53
N LEU B 135 -7.45 -21.78 40.26
CA LEU B 135 -8.84 -21.40 40.12
C LEU B 135 -9.51 -22.14 38.96
N ALA B 136 -8.79 -22.29 37.85
CA ALA B 136 -9.33 -23.00 36.70
C ALA B 136 -9.56 -24.47 36.99
N ASN B 137 -8.79 -25.02 37.93
CA ASN B 137 -9.01 -26.39 38.37
C ASN B 137 -10.23 -26.50 39.27
N ASP B 138 -10.48 -25.50 40.10
CA ASP B 138 -11.48 -25.63 41.15
C ASP B 138 -12.87 -25.07 40.79
N TYR B 139 -13.00 -24.22 39.74
CA TYR B 139 -14.26 -23.54 39.46
C TYR B 139 -14.68 -23.76 38.01
N GLU B 140 -15.98 -23.58 37.75
CA GLU B 140 -16.52 -23.83 36.40
C GLU B 140 -16.18 -22.72 35.41
N LEU B 141 -15.97 -21.53 35.91
CA LEU B 141 -15.65 -20.38 35.07
C LEU B 141 -14.80 -19.47 35.92
N VAL B 142 -13.74 -18.91 35.33
CA VAL B 142 -12.87 -17.99 36.02
C VAL B 142 -12.80 -16.73 35.17
N LEU B 143 -13.29 -15.63 35.73
CA LEU B 143 -13.23 -14.34 35.05
C LEU B 143 -12.10 -13.49 35.60
N LEU B 144 -11.36 -12.86 34.68
N LEU B 144 -11.36 -12.87 34.69
CA LEU B 144 -10.26 -11.96 35.08
CA LEU B 144 -10.26 -11.97 35.09
C LEU B 144 -10.73 -10.53 34.84
C LEU B 144 -10.74 -10.53 34.84
N ALA B 145 -11.05 -9.84 35.91
CA ALA B 145 -11.58 -8.48 35.83
C ALA B 145 -10.64 -7.57 36.61
N ALA B 146 -9.34 -7.72 36.39
CA ALA B 146 -8.35 -7.05 37.21
C ALA B 146 -8.01 -5.64 36.70
N GLY B 147 -8.83 -5.07 35.83
CA GLY B 147 -8.66 -3.68 35.48
C GLY B 147 -7.40 -3.41 34.67
N LYS B 148 -6.52 -2.59 35.23
CA LYS B 148 -5.23 -2.28 34.56
C LYS B 148 -4.08 -2.97 35.30
N GLY B 149 -4.38 -3.84 36.25
CA GLY B 149 -3.32 -4.57 36.93
C GLY B 149 -2.50 -5.38 35.94
N GLU B 150 -1.22 -5.57 36.30
CA GLU B 150 -0.25 -6.11 35.33
C GLU B 150 -0.66 -7.50 34.82
N VAL B 151 -1.43 -8.25 35.61
CA VAL B 151 -1.80 -9.61 35.20
C VAL B 151 -2.59 -9.61 33.89
N VAL B 152 -3.29 -8.51 33.58
CA VAL B 152 -4.11 -8.53 32.36
C VAL B 152 -3.25 -8.54 31.11
N LYS B 153 -1.96 -8.20 31.22
CA LYS B 153 -1.08 -8.32 30.06
C LYS B 153 -0.88 -9.76 29.63
N GLN B 154 -1.36 -10.74 30.39
CA GLN B 154 -1.29 -12.12 29.92
C GLN B 154 -2.26 -12.35 28.77
N PHE B 155 -3.33 -11.58 28.67
CA PHE B 155 -4.15 -11.64 27.46
C PHE B 155 -3.41 -11.02 26.27
N GLU B 156 -3.54 -11.65 25.11
CA GLU B 156 -2.98 -11.14 23.87
C GLU B 156 -3.51 -9.75 23.56
N ARG B 157 -2.61 -8.81 23.24
CA ARG B 157 -3.07 -7.53 22.73
C ARG B 157 -3.56 -7.71 21.31
N ASP B 158 -4.77 -7.23 21.02
CA ASP B 158 -5.39 -7.40 19.72
C ASP B 158 -4.89 -6.27 18.82
N GLY B 159 -3.96 -6.58 17.91
CA GLY B 159 -3.37 -5.54 17.10
C GLY B 159 -4.29 -5.00 16.03
N ALA B 160 -5.30 -5.77 15.64
CA ALA B 160 -6.29 -5.29 14.69
C ALA B 160 -7.23 -4.26 15.32
N ARG B 161 -7.55 -4.42 16.61
CA ARG B 161 -8.54 -3.55 17.24
C ARG B 161 -7.91 -2.43 18.07
N SER B 162 -6.60 -2.48 18.31
CA SER B 162 -5.91 -1.49 19.12
C SER B 162 -5.20 -0.52 18.18
N VAL B 163 -5.66 0.74 18.16
CA VAL B 163 -5.02 1.72 17.29
C VAL B 163 -3.86 2.45 17.96
N PHE B 164 -3.72 2.37 19.28
CA PHE B 164 -2.64 3.05 19.98
C PHE B 164 -1.76 2.06 20.71
N ASP B 165 -0.47 2.37 20.79
CA ASP B 165 0.43 1.54 21.58
C ASP B 165 1.18 2.31 22.67
N LYS B 166 0.94 3.61 22.81
CA LYS B 166 1.52 4.42 23.87
C LYS B 166 0.43 5.30 24.47
N PRO B 167 0.63 5.81 25.67
CA PRO B 167 -0.36 6.74 26.23
C PRO B 167 -0.53 7.96 25.33
N GLN B 168 -1.78 8.41 25.23
CA GLN B 168 -2.12 9.56 24.41
C GLN B 168 -2.38 10.81 25.23
N ARG B 169 -2.51 10.68 26.56
CA ARG B 169 -2.70 11.82 27.45
C ARG B 169 -2.00 11.57 28.76
N ALA B 170 -1.46 12.63 29.33
CA ALA B 170 -1.04 12.64 30.73
C ALA B 170 -2.23 13.04 31.58
N LEU B 171 -2.63 12.14 32.48
CA LEU B 171 -3.84 12.28 33.28
C LEU B 171 -3.54 12.83 34.67
N ALA B 172 -4.44 13.68 35.16
CA ALA B 172 -4.42 14.05 36.57
C ALA B 172 -5.85 14.25 37.06
N LEU B 173 -6.07 13.88 38.33
CA LEU B 173 -7.36 14.06 39.00
C LEU B 173 -7.11 14.85 40.27
N THR B 174 -8.04 15.75 40.60
CA THR B 174 -7.99 16.49 41.85
C THR B 174 -9.40 16.59 42.40
N TYR B 175 -9.62 16.01 43.57
CA TYR B 175 -10.91 16.11 44.25
C TYR B 175 -10.88 17.31 45.20
N VAL B 176 -11.84 18.21 45.07
CA VAL B 176 -11.83 19.43 45.87
C VAL B 176 -13.18 19.73 46.50
N LYS B 177 -13.13 20.38 47.66
CA LYS B 177 -14.26 21.02 48.30
C LYS B 177 -14.29 22.50 47.89
N ASN B 178 -15.47 23.10 47.98
CA ASN B 178 -15.71 24.54 47.93
C ASN B 178 -15.65 25.10 46.52
N MET B 179 -15.64 24.28 45.48
CA MET B 179 -15.78 24.81 44.13
C MET B 179 -17.17 25.44 43.96
N LYS B 180 -17.22 26.57 43.25
CA LYS B 180 -18.50 27.21 43.01
C LYS B 180 -19.35 26.38 42.04
N PRO B 181 -20.62 26.16 42.35
CA PRO B 181 -21.52 25.46 41.42
C PRO B 181 -21.90 26.32 40.23
N ILE B 182 -22.40 25.65 39.20
CA ILE B 182 -22.91 26.28 37.99
C ILE B 182 -24.43 26.24 38.01
N SER B 183 -25.03 27.40 37.92
CA SER B 183 -26.47 27.53 37.78
C SER B 183 -26.85 27.55 36.29
N PRO B 184 -28.04 27.06 35.90
CA PRO B 184 -29.11 26.47 36.72
C PRO B 184 -29.08 24.95 36.78
N TYR B 185 -28.10 24.31 36.14
CA TYR B 185 -27.96 22.86 36.25
C TYR B 185 -26.47 22.52 36.19
N SER B 186 -26.10 21.45 36.91
CA SER B 186 -24.70 21.01 36.92
C SER B 186 -24.36 20.34 35.59
N ARG B 187 -23.09 20.38 35.21
CA ARG B 187 -22.73 19.73 33.96
C ARG B 187 -21.25 19.34 34.02
N VAL B 188 -20.89 18.34 33.20
CA VAL B 188 -19.48 18.12 32.87
C VAL B 188 -19.02 19.33 32.05
N THR B 189 -18.04 20.08 32.56
CA THR B 189 -17.51 21.29 31.88
C THR B 189 -16.30 20.95 31.02
N PHE B 190 -16.57 20.39 29.84
CA PHE B 190 -15.55 19.88 28.94
C PHE B 190 -14.92 21.09 28.24
N ASN B 191 -13.60 21.25 28.38
CA ASN B 191 -12.87 22.34 27.73
C ASN B 191 -11.78 21.70 26.89
N ILE B 192 -11.87 21.84 25.57
CA ILE B 192 -10.82 21.35 24.69
C ILE B 192 -9.91 22.52 24.39
N ILE B 193 -8.67 22.47 24.86
CA ILE B 193 -7.67 23.51 24.64
C ILE B 193 -6.83 23.04 23.47
N THR B 194 -6.94 23.71 22.33
CA THR B 194 -6.38 23.21 21.09
C THR B 194 -4.87 23.01 21.23
N GLU B 195 -4.41 21.84 20.77
CA GLU B 195 -2.99 21.43 20.77
C GLU B 195 -2.38 21.39 22.17
N VAL B 196 -3.20 21.37 23.23
CA VAL B 196 -2.72 21.36 24.61
C VAL B 196 -3.29 20.19 25.40
N GLY B 197 -4.61 20.01 25.37
CA GLY B 197 -5.23 18.98 26.16
C GLY B 197 -6.65 19.35 26.49
N GLU B 198 -7.18 18.74 27.56
CA GLU B 198 -8.58 18.90 27.90
C GLU B 198 -8.70 19.09 29.42
N TYR B 199 -9.68 19.86 29.83
CA TYR B 199 -10.04 19.97 31.25
C TYR B 199 -11.53 19.69 31.36
N PHE B 200 -11.91 18.95 32.39
CA PHE B 200 -13.33 19.01 32.73
C PHE B 200 -13.54 18.80 34.21
N SER B 201 -14.74 19.16 34.65
CA SER B 201 -15.08 19.07 36.05
C SER B 201 -16.55 18.71 36.16
N PHE B 202 -16.90 18.07 37.27
CA PHE B 202 -18.29 17.77 37.59
C PHE B 202 -18.39 17.46 39.08
N PRO B 203 -19.58 17.64 39.67
CA PRO B 203 -19.79 17.22 41.07
C PRO B 203 -19.72 15.72 41.21
N ALA B 204 -19.33 15.27 42.41
CA ALA B 204 -19.19 13.86 42.71
C ALA B 204 -19.44 13.62 44.21
N LEU B 205 -19.44 12.35 44.62
CA LEU B 205 -19.50 12.00 46.04
C LEU B 205 -18.21 11.30 46.43
N THR B 206 -17.58 11.77 47.50
CA THR B 206 -16.40 11.04 47.97
C THR B 206 -16.56 10.67 49.44
N ILE B 207 -15.45 10.26 50.06
CA ILE B 207 -15.45 9.60 51.36
C ILE B 207 -15.93 10.51 52.47
N ASN B 208 -15.88 11.83 52.28
CA ASN B 208 -16.40 12.75 53.29
C ASN B 208 -17.49 13.66 52.73
N GLY B 209 -18.24 13.19 51.73
CA GLY B 209 -19.40 13.89 51.23
C GLY B 209 -19.20 14.44 49.82
N PRO B 210 -20.16 15.23 49.38
CA PRO B 210 -20.11 15.77 48.01
C PRO B 210 -18.90 16.66 47.77
N CYS B 211 -18.41 16.62 46.54
CA CYS B 211 -17.22 17.35 46.15
C CYS B 211 -17.34 17.65 44.67
N ASP B 212 -16.27 18.19 44.10
CA ASP B 212 -16.17 18.31 42.67
C ASP B 212 -14.84 17.69 42.26
N ILE B 213 -14.82 17.09 41.08
CA ILE B 213 -13.58 16.50 40.58
C ILE B 213 -13.05 17.35 39.45
N MET B 214 -11.75 17.67 39.51
CA MET B 214 -11.02 18.27 38.41
C MET B 214 -10.31 17.17 37.62
N VAL B 215 -10.46 17.17 36.30
CA VAL B 215 -9.78 16.20 35.46
C VAL B 215 -8.96 16.96 34.43
N PHE B 216 -7.66 16.68 34.40
CA PHE B 216 -6.76 17.26 33.40
C PHE B 216 -6.26 16.15 32.49
N GLU B 217 -6.27 16.41 31.18
CA GLU B 217 -5.71 15.47 30.19
C GLU B 217 -4.78 16.26 29.29
N GLY B 218 -3.49 15.98 29.37
CA GLY B 218 -2.47 16.77 28.72
C GLY B 218 -1.86 16.00 27.56
N ILE B 219 -1.76 16.68 26.42
CA ILE B 219 -1.05 16.04 25.32
C ILE B 219 0.38 15.81 25.77
N PRO B 220 0.96 14.62 25.59
CA PRO B 220 2.27 14.36 26.22
C PRO B 220 3.31 15.32 25.70
N ASN B 221 4.20 15.71 26.61
CA ASN B 221 5.29 16.67 26.42
C ASN B 221 4.81 18.10 26.24
N GLY B 222 3.51 18.36 26.27
CA GLY B 222 3.01 19.71 26.10
C GLY B 222 2.84 20.44 27.43
N PRO B 223 2.29 21.65 27.35
CA PRO B 223 2.16 22.48 28.56
C PRO B 223 1.35 21.86 29.69
N MET B 224 0.38 20.99 29.40
CA MET B 224 -0.37 20.30 30.44
C MET B 224 0.24 18.95 30.85
N ASP B 225 1.39 18.56 30.32
CA ASP B 225 2.09 17.38 30.83
C ASP B 225 3.15 17.82 31.84
N CYS B 226 2.66 18.22 33.02
CA CYS B 226 3.52 18.86 34.02
C CYS B 226 3.42 18.18 35.38
N TRP B 227 3.01 16.91 35.43
CA TRP B 227 2.70 16.25 36.69
C TRP B 227 3.81 15.38 37.24
N GLN B 228 4.80 15.00 36.42
CA GLN B 228 5.88 14.17 36.95
C GLN B 228 6.72 14.91 37.98
N ASP B 229 6.73 16.25 37.95
CA ASP B 229 7.48 17.06 38.89
C ASP B 229 6.71 17.41 40.16
N VAL B 230 5.40 17.12 40.23
CA VAL B 230 4.64 17.41 41.45
C VAL B 230 4.68 16.20 42.35
N LYS B 231 4.86 16.43 43.64
CA LYS B 231 4.94 15.36 44.62
C LYS B 231 3.87 15.50 45.70
N THR B 232 3.91 16.58 46.48
CA THR B 232 3.01 16.74 47.62
C THR B 232 1.60 17.09 47.17
N PRO B 233 0.60 16.83 48.00
CA PRO B 233 -0.75 17.26 47.65
C PRO B 233 -0.86 18.75 47.40
N GLU B 234 -0.10 19.57 48.14
CA GLU B 234 -0.16 21.02 47.96
C GLU B 234 0.40 21.42 46.60
N GLN B 235 1.48 20.79 46.18
CA GLN B 235 2.00 20.98 44.84
C GLN B 235 0.99 20.55 43.78
N HIS B 236 0.31 19.43 44.03
CA HIS B 236 -0.66 18.94 43.05
C HIS B 236 -1.82 19.91 42.91
N LEU B 237 -2.34 20.41 44.03
CA LEU B 237 -3.42 21.39 43.95
C LEU B 237 -2.95 22.67 43.28
N GLN B 238 -1.74 23.13 43.61
CA GLN B 238 -1.29 24.39 43.04
C GLN B 238 -1.11 24.28 41.53
N CYS B 239 -0.65 23.13 41.06
CA CYS B 239 -0.44 22.97 39.63
C CYS B 239 -1.78 22.87 38.91
N SER B 240 -2.78 22.26 39.56
CA SER B 240 -4.14 22.25 39.03
C SER B 240 -4.66 23.68 38.88
N LEU B 241 -4.49 24.50 39.91
CA LEU B 241 -4.98 25.87 39.84
C LEU B 241 -4.20 26.70 38.82
N ASP B 242 -2.87 26.52 38.75
CA ASP B 242 -2.07 27.27 37.79
C ASP B 242 -2.46 26.94 36.36
N LEU B 243 -2.81 25.67 36.09
CA LEU B 243 -3.27 25.32 34.75
C LEU B 243 -4.60 25.96 34.44
N LEU B 244 -5.51 26.02 35.42
CA LEU B 244 -6.80 26.64 35.18
C LEU B 244 -6.66 28.14 34.97
N LYS B 245 -5.75 28.77 35.72
CA LYS B 245 -5.55 30.21 35.54
C LYS B 245 -5.02 30.52 34.16
N LYS B 246 -4.12 29.68 33.66
CA LYS B 246 -3.46 29.92 32.38
C LYS B 246 -4.34 29.59 31.20
N PHE B 247 -5.06 28.45 31.23
CA PHE B 247 -5.74 27.98 30.03
C PHE B 247 -7.26 28.08 30.08
N VAL B 248 -7.87 28.07 31.27
CA VAL B 248 -9.33 28.02 31.37
C VAL B 248 -9.80 29.00 32.43
N PRO B 249 -9.70 30.32 32.18
CA PRO B 249 -9.96 31.30 33.25
C PRO B 249 -11.36 31.22 33.84
N TRP B 250 -12.37 30.87 33.04
CA TRP B 250 -13.73 30.81 33.57
C TRP B 250 -13.90 29.67 34.56
N GLU B 251 -13.10 28.62 34.42
CA GLU B 251 -13.14 27.56 35.43
C GLU B 251 -12.29 27.93 36.64
N TYR B 252 -11.20 28.66 36.43
CA TYR B 252 -10.41 29.14 37.57
C TYR B 252 -11.24 30.05 38.47
N GLU B 253 -12.17 30.80 37.88
CA GLU B 253 -13.01 31.71 38.64
C GLU B 253 -13.89 30.94 39.63
N ARG B 254 -14.16 29.65 39.38
CA ARG B 254 -14.96 28.84 40.30
C ARG B 254 -14.17 28.33 41.49
N CYS B 255 -12.85 28.53 41.51
CA CYS B 255 -11.96 27.80 42.42
C CYS B 255 -11.23 28.71 43.41
N ALA B 256 -11.77 29.88 43.70
CA ALA B 256 -11.05 30.81 44.59
C ALA B 256 -10.78 30.20 45.97
N ASN B 257 -11.65 29.32 46.45
CA ASN B 257 -11.55 28.80 47.81
C ASN B 257 -11.39 27.29 47.87
N VAL B 258 -10.99 26.64 46.77
CA VAL B 258 -10.98 25.16 46.80
C VAL B 258 -9.89 24.63 47.71
N GLU B 259 -10.15 23.47 48.30
CA GLU B 259 -9.17 22.71 49.05
C GLU B 259 -9.32 21.26 48.63
N LEU B 260 -8.27 20.47 48.85
CA LEU B 260 -8.38 19.04 48.61
C LEU B 260 -9.43 18.45 49.54
N THR B 261 -10.18 17.46 49.05
CA THR B 261 -11.13 16.80 49.94
C THR B 261 -10.42 16.07 51.07
N ASP B 262 -9.26 15.50 50.77
CA ASP B 262 -8.52 14.65 51.69
C ASP B 262 -7.14 14.39 51.10
N ALA B 263 -6.26 13.82 51.93
CA ALA B 263 -4.87 13.59 51.52
C ALA B 263 -4.73 12.59 50.38
N GLY B 264 -5.71 11.71 50.18
CA GLY B 264 -5.69 10.82 49.04
C GLY B 264 -6.45 11.33 47.81
N GLY B 265 -6.93 12.57 47.84
CA GLY B 265 -7.83 13.05 46.81
C GLY B 265 -7.16 13.56 45.53
N TYR B 266 -6.12 12.87 45.07
CA TYR B 266 -5.47 13.26 43.84
C TYR B 266 -4.73 12.08 43.24
N LEU B 267 -4.49 12.18 41.94
CA LEU B 267 -3.89 11.11 41.16
C LEU B 267 -3.27 11.74 39.93
N ALA B 268 -2.17 11.16 39.47
CA ALA B 268 -1.57 11.44 38.18
C ALA B 268 -1.07 10.14 37.60
N GLY B 269 -1.17 10.00 36.29
CA GLY B 269 -0.74 8.77 35.65
C GLY B 269 -1.05 8.82 34.16
N ARG B 270 -0.72 7.72 33.49
CA ARG B 270 -0.94 7.60 32.06
C ARG B 270 -0.87 6.14 31.68
N PHE B 271 -1.66 5.75 30.68
CA PHE B 271 -1.62 4.37 30.21
C PHE B 271 -2.11 4.31 28.78
N PRO B 272 -1.69 3.32 28.00
CA PRO B 272 -2.13 3.23 26.62
C PRO B 272 -3.52 2.65 26.51
N PRO B 273 -4.38 3.23 25.67
CA PRO B 273 -5.64 2.53 25.33
C PRO B 273 -5.28 1.21 24.66
N THR B 274 -6.04 0.17 24.98
CA THR B 274 -5.70 -1.18 24.53
C THR B 274 -6.97 -1.98 24.36
N VAL B 275 -7.01 -2.83 23.34
CA VAL B 275 -8.01 -3.88 23.21
C VAL B 275 -7.29 -5.23 23.14
N ARG B 276 -7.77 -6.20 23.91
CA ARG B 276 -7.11 -7.50 24.04
C ARG B 276 -8.04 -8.61 23.58
N LYS B 277 -7.43 -9.77 23.31
CA LYS B 277 -8.24 -10.93 22.97
C LYS B 277 -8.80 -11.55 24.26
N PRO B 278 -10.02 -12.11 24.22
CA PRO B 278 -10.74 -12.42 25.46
C PRO B 278 -10.33 -13.67 26.22
N VAL B 279 -9.65 -14.63 25.61
CA VAL B 279 -9.40 -15.91 26.27
C VAL B 279 -7.89 -16.07 26.49
N LEU B 280 -7.52 -16.27 27.74
CA LEU B 280 -6.13 -16.61 28.09
C LEU B 280 -6.06 -18.12 28.24
N THR B 281 -5.12 -18.75 27.52
CA THR B 281 -4.90 -20.18 27.66
C THR B 281 -3.69 -20.39 28.55
N LEU B 282 -3.92 -21.00 29.71
CA LEU B 282 -2.87 -21.20 30.68
C LEU B 282 -1.94 -22.31 30.19
N PRO B 283 -0.75 -22.42 30.77
CA PRO B 283 0.15 -23.52 30.33
C PRO B 283 -0.48 -24.89 30.48
N SER B 284 -1.36 -25.07 31.47
CA SER B 284 -2.07 -26.33 31.65
C SER B 284 -3.05 -26.61 30.52
N GLY B 285 -3.43 -25.61 29.74
CA GLY B 285 -4.48 -25.73 28.75
C GLY B 285 -5.84 -25.25 29.21
N LYS B 286 -5.99 -24.94 30.49
CA LYS B 286 -7.24 -24.39 31.00
C LYS B 286 -7.38 -22.94 30.57
N LYS B 287 -8.63 -22.45 30.56
CA LYS B 287 -8.93 -21.14 29.98
C LYS B 287 -9.44 -20.17 31.02
N ILE B 288 -9.02 -18.91 30.90
CA ILE B 288 -9.44 -17.80 31.74
C ILE B 288 -10.09 -16.76 30.83
N PHE B 289 -11.22 -16.20 31.26
CA PHE B 289 -12.04 -15.30 30.45
C PHE B 289 -11.94 -13.89 31.00
N GLY B 290 -11.52 -12.95 30.16
CA GLY B 290 -11.35 -11.58 30.61
C GLY B 290 -12.67 -10.81 30.63
N MET B 291 -12.71 -9.76 31.45
CA MET B 291 -13.89 -8.89 31.54
C MET B 291 -13.44 -7.43 31.63
N ALA B 292 -14.14 -6.53 30.92
CA ALA B 292 -14.15 -5.05 31.13
C ALA B 292 -12.74 -4.51 30.83
N ASP B 293 -12.17 -3.64 31.68
CA ASP B 293 -10.88 -3.01 31.30
C ASP B 293 -9.80 -4.01 31.00
N ALA B 294 -9.87 -5.21 31.57
CA ALA B 294 -8.83 -6.20 31.27
C ALA B 294 -8.73 -6.43 29.78
N LEU B 295 -9.84 -6.29 29.07
CA LEU B 295 -9.85 -6.50 27.63
C LEU B 295 -10.02 -5.24 26.81
N VAL B 296 -10.68 -4.21 27.36
CA VAL B 296 -10.93 -3.00 26.58
C VAL B 296 -10.75 -1.83 27.53
N VAL B 297 -9.64 -1.10 27.42
CA VAL B 297 -9.35 0.02 28.31
C VAL B 297 -9.08 1.25 27.44
N ASN B 298 -9.71 2.36 27.81
CA ASN B 298 -9.65 3.62 27.08
C ASN B 298 -9.21 4.74 28.01
N ASP B 299 -9.02 5.87 27.43
CA ASP B 299 -8.50 7.02 28.15
C ASP B 299 -9.66 7.80 28.79
N PRO B 300 -9.53 8.36 29.99
N PRO B 300 -9.53 8.14 30.10
CA PRO B 300 -10.70 8.69 30.82
CA PRO B 300 -10.67 8.50 30.95
C PRO B 300 -11.75 9.67 30.30
C PRO B 300 -11.84 9.21 30.30
N ILE B 301 -13.00 9.38 30.70
N ILE B 301 -11.66 10.52 30.02
CA ILE B 301 -14.27 10.11 30.61
CA ILE B 301 -12.56 11.41 29.30
C ILE B 301 -14.96 9.96 29.25
C ILE B 301 -13.83 10.73 28.84
N THR B 302 -14.34 10.40 28.16
N THR B 302 -13.91 10.65 27.52
CA THR B 302 -14.85 9.96 26.88
CA THR B 302 -14.91 9.92 26.78
C THR B 302 -14.53 8.49 26.69
C THR B 302 -14.58 8.44 26.72
N GLY B 303 -13.52 8.00 27.40
CA GLY B 303 -13.22 6.58 27.37
C GLY B 303 -14.25 5.76 28.11
N GLN B 304 -14.91 6.38 29.10
CA GLN B 304 -16.15 5.86 29.70
C GLN B 304 -15.95 4.51 30.38
N GLY B 305 -14.80 4.26 31.00
CA GLY B 305 -14.49 2.91 31.44
C GLY B 305 -15.45 2.38 32.49
N SER B 306 -15.89 3.25 33.40
CA SER B 306 -16.84 2.76 34.41
C SER B 306 -18.17 2.43 33.76
N ASN B 307 -18.59 3.26 32.81
CA ASN B 307 -19.81 2.97 32.05
C ASN B 307 -19.69 1.66 31.30
N ASN B 308 -18.54 1.46 30.65
CA ASN B 308 -18.29 0.22 29.93
C ASN B 308 -18.27 -0.96 30.87
N ALA B 309 -17.73 -0.78 32.08
CA ALA B 309 -17.61 -1.91 32.99
C ALA B 309 -18.98 -2.35 33.49
N ALA B 310 -19.84 -1.36 33.79
CA ALA B 310 -21.20 -1.68 34.21
C ALA B 310 -21.95 -2.38 33.10
N LYS B 311 -21.87 -1.83 31.88
CA LYS B 311 -22.58 -2.43 30.76
C LYS B 311 -22.02 -3.81 30.45
N CYS B 312 -20.70 -3.99 30.60
CA CYS B 312 -20.15 -5.29 30.28
C CYS B 312 -20.53 -6.29 31.37
N SER B 313 -20.68 -5.85 32.63
CA SER B 313 -21.13 -6.80 33.67
C SER B 313 -22.52 -7.31 33.37
N LYS B 314 -23.36 -6.45 32.80
CA LYS B 314 -24.72 -6.88 32.48
C LYS B 314 -24.71 -7.87 31.33
N ILE B 315 -23.92 -7.59 30.28
CA ILE B 315 -23.84 -8.55 29.18
C ILE B 315 -23.34 -9.90 29.65
N TYR B 316 -22.28 -9.90 30.46
CA TYR B 316 -21.75 -11.17 30.95
C TYR B 316 -22.75 -11.87 31.87
N PHE B 317 -23.47 -11.10 32.69
CA PHE B 317 -24.45 -11.68 33.61
C PHE B 317 -25.55 -12.37 32.82
N ASP B 318 -26.08 -11.69 31.81
CA ASP B 318 -27.11 -12.28 30.96
C ASP B 318 -26.60 -13.52 30.25
N ALA B 319 -25.35 -13.47 29.77
CA ALA B 319 -24.81 -14.62 29.05
C ALA B 319 -24.58 -15.81 29.97
N ILE B 320 -24.13 -15.56 31.20
CA ILE B 320 -23.91 -16.67 32.14
C ILE B 320 -25.24 -17.33 32.45
N LEU B 321 -26.26 -16.51 32.74
CA LEU B 321 -27.56 -17.09 33.10
C LEU B 321 -28.18 -17.83 31.93
N ALA B 322 -28.00 -17.30 30.72
CA ALA B 322 -28.56 -17.96 29.55
C ALA B 322 -27.85 -19.27 29.25
N ASN B 323 -26.62 -19.45 29.74
CA ASN B 323 -25.90 -20.68 29.48
C ASN B 323 -26.43 -21.83 30.31
N ASP B 324 -27.25 -21.57 31.31
CA ASP B 324 -27.88 -22.63 32.09
C ASP B 324 -26.83 -23.59 32.63
N ASN B 325 -26.93 -24.88 32.30
CA ASN B 325 -26.02 -25.87 32.84
C ASN B 325 -24.95 -26.31 31.83
N GLN B 326 -24.78 -25.57 30.74
CA GLN B 326 -23.82 -25.84 29.69
C GLN B 326 -22.41 -25.44 30.14
N SER B 327 -21.41 -26.05 29.50
CA SER B 327 -20.03 -25.68 29.81
C SER B 327 -19.78 -24.24 29.41
N PHE B 328 -18.93 -23.58 30.19
CA PHE B 328 -18.41 -22.26 29.85
C PHE B 328 -17.18 -22.47 28.98
N SER B 329 -17.45 -22.83 27.72
CA SER B 329 -16.44 -23.21 26.75
C SER B 329 -15.72 -22.00 26.18
N GLU B 330 -14.58 -22.27 25.54
CA GLU B 330 -13.88 -21.20 24.83
C GLU B 330 -14.79 -20.59 23.76
N GLN B 331 -15.61 -21.41 23.08
CA GLN B 331 -16.55 -20.87 22.12
C GLN B 331 -17.56 -19.95 22.81
N TRP B 332 -18.04 -20.35 23.99
CA TRP B 332 -18.98 -19.50 24.72
C TRP B 332 -18.31 -18.18 25.14
N MET B 333 -17.06 -18.23 25.58
CA MET B 333 -16.43 -16.97 25.97
C MET B 333 -16.21 -16.06 24.77
N VAL B 334 -15.82 -16.61 23.62
CA VAL B 334 -15.60 -15.73 22.47
C VAL B 334 -16.91 -15.08 22.05
N GLN B 335 -17.97 -15.87 21.98
CA GLN B 335 -19.29 -15.35 21.64
C GLN B 335 -19.75 -14.29 22.63
N THR B 336 -19.48 -14.49 23.92
CA THR B 336 -19.92 -13.55 24.94
C THR B 336 -19.13 -12.25 24.84
N PHE B 337 -17.82 -12.36 24.65
CA PHE B 337 -17.05 -11.12 24.48
C PHE B 337 -17.48 -10.37 23.23
N GLU B 338 -17.80 -11.10 22.16
CA GLU B 338 -18.19 -10.42 20.93
C GLU B 338 -19.52 -9.68 21.09
N ARG B 339 -20.43 -10.16 21.95
CA ARG B 339 -21.60 -9.36 22.28
C ARG B 339 -21.20 -8.06 22.98
N TYR B 340 -20.17 -8.10 23.83
CA TYR B 340 -19.70 -6.86 24.43
C TYR B 340 -19.01 -5.97 23.40
N TRP B 341 -18.23 -6.57 22.50
CA TRP B 341 -17.55 -5.77 21.50
C TRP B 341 -18.54 -5.14 20.54
N ALA B 342 -19.70 -5.78 20.34
CA ALA B 342 -20.72 -5.15 19.53
C ALA B 342 -21.16 -3.82 20.15
N TYR B 343 -21.10 -3.71 21.48
CA TYR B 343 -21.34 -2.44 22.14
C TYR B 343 -20.12 -1.54 22.08
N ALA B 344 -18.95 -2.07 22.46
CA ALA B 344 -17.82 -1.18 22.73
C ALA B 344 -17.16 -0.63 21.46
N GLU B 345 -17.28 -1.33 20.32
CA GLU B 345 -16.45 -1.01 19.15
C GLU B 345 -16.58 0.46 18.76
N LYS B 346 -17.81 0.95 18.62
CA LYS B 346 -18.01 2.34 18.23
C LYS B 346 -17.69 3.30 19.37
N VAL B 347 -17.80 2.83 20.62
CA VAL B 347 -17.43 3.70 21.73
C VAL B 347 -15.93 3.92 21.72
N VAL B 348 -15.18 2.84 21.48
CA VAL B 348 -13.74 2.95 21.38
C VAL B 348 -13.35 3.84 20.20
N ALA B 349 -14.07 3.70 19.07
CA ALA B 349 -13.73 4.55 17.91
C ALA B 349 -13.96 6.01 18.23
N TRP B 350 -15.06 6.32 18.93
CA TRP B 350 -15.36 7.71 19.28
C TRP B 350 -14.31 8.27 20.21
N THR B 351 -14.02 7.57 21.31
CA THR B 351 -13.05 8.11 22.25
C THR B 351 -11.66 8.19 21.63
N ASN B 352 -11.29 7.22 20.79
CA ASN B 352 -9.97 7.31 20.14
C ASN B 352 -9.89 8.55 19.27
N SER B 353 -10.99 8.90 18.61
CA SER B 353 -10.94 10.05 17.70
C SER B 353 -10.63 11.32 18.46
N LEU B 354 -11.09 11.42 19.70
CA LEU B 354 -10.90 12.62 20.52
C LEU B 354 -9.49 12.72 21.09
N LEU B 355 -8.69 11.64 20.98
CA LEU B 355 -7.28 11.68 21.38
C LEU B 355 -6.39 12.28 20.30
N LEU B 356 -6.89 12.35 19.07
CA LEU B 356 -6.16 12.90 17.93
C LEU B 356 -6.77 14.24 17.54
N PRO B 357 -6.06 15.05 16.75
CA PRO B 357 -6.65 16.31 16.34
C PRO B 357 -7.97 16.03 15.63
N PRO B 358 -8.98 16.84 15.89
CA PRO B 358 -10.30 16.58 15.33
C PRO B 358 -10.26 16.69 13.81
N GLU B 359 -11.01 15.83 13.15
CA GLU B 359 -11.15 16.00 11.72
C GLU B 359 -12.04 17.21 11.48
N PRO B 360 -11.92 17.87 10.33
CA PRO B 360 -12.66 19.14 10.16
C PRO B 360 -14.15 18.99 10.34
N HIS B 361 -14.76 17.86 9.92
CA HIS B 361 -16.20 17.71 10.07
C HIS B 361 -16.60 17.53 11.52
N VAL B 362 -15.69 17.02 12.36
CA VAL B 362 -16.01 16.91 13.78
C VAL B 362 -16.03 18.29 14.42
N VAL B 363 -15.08 19.16 14.04
CA VAL B 363 -15.14 20.53 14.53
C VAL B 363 -16.44 21.17 14.09
N GLU B 364 -16.86 20.92 12.84
CA GLU B 364 -18.13 21.47 12.36
C GLU B 364 -19.32 20.93 13.14
N LEU B 365 -19.31 19.64 13.46
CA LEU B 365 -20.43 19.08 14.20
C LEU B 365 -20.52 19.69 15.60
N LEU B 366 -19.37 19.76 16.28
CA LEU B 366 -19.38 20.28 17.65
C LEU B 366 -19.75 21.74 17.66
N ALA B 367 -19.27 22.51 16.67
CA ALA B 367 -19.58 23.93 16.59
C ALA B 367 -21.05 24.17 16.25
N ALA B 368 -21.65 23.28 15.49
CA ALA B 368 -23.05 23.45 15.11
C ALA B 368 -23.97 23.36 16.32
N ALA B 369 -23.53 22.64 17.36
CA ALA B 369 -24.32 22.57 18.59
C ALA B 369 -24.37 23.91 19.30
N SER B 370 -23.42 24.81 19.02
CA SER B 370 -23.51 26.11 19.67
C SER B 370 -24.60 26.99 19.07
N GLN B 371 -25.08 26.69 17.87
CA GLN B 371 -26.17 27.45 17.23
C GLN B 371 -27.46 26.67 17.04
N ASN B 372 -27.51 25.40 17.44
CA ASN B 372 -28.73 24.61 17.30
C ASN B 372 -28.83 23.77 18.57
N GLN B 373 -29.73 24.18 19.47
CA GLN B 373 -29.78 23.52 20.76
C GLN B 373 -30.22 22.06 20.64
N SER B 374 -30.99 21.72 19.60
CA SER B 374 -31.35 20.31 19.43
C SER B 374 -30.13 19.48 19.10
N ILE B 375 -29.16 20.06 18.38
CA ILE B 375 -27.91 19.34 18.14
C ILE B 375 -27.13 19.21 19.45
N ALA B 376 -27.06 20.27 20.26
CA ALA B 376 -26.36 20.17 21.53
C ALA B 376 -26.99 19.08 22.41
N SER B 377 -28.32 18.97 22.39
CA SER B 377 -28.97 17.96 23.21
C SER B 377 -28.63 16.55 22.73
N ILE B 378 -28.56 16.34 21.41
CA ILE B 378 -28.18 15.02 20.91
C ILE B 378 -26.76 14.66 21.31
N MET B 379 -25.83 15.63 21.21
N MET B 379 -25.82 15.62 21.18
CA MET B 379 -24.45 15.33 21.54
CA MET B 379 -24.43 15.37 21.55
C MET B 379 -24.27 15.05 23.02
C MET B 379 -24.32 15.02 23.01
N ALA B 380 -24.97 15.81 23.87
CA ALA B 380 -24.89 15.58 25.31
C ALA B 380 -25.47 14.22 25.65
N ASN B 381 -26.64 13.91 25.11
CA ASN B 381 -27.24 12.65 25.51
C ASN B 381 -26.57 11.44 24.88
N ASN B 382 -25.79 11.65 23.81
CA ASN B 382 -25.04 10.54 23.25
C ASN B 382 -23.91 10.08 24.16
N PHE B 383 -23.56 10.86 25.19
CA PHE B 383 -22.66 10.34 26.20
C PHE B 383 -23.26 9.13 26.91
N ASP B 384 -24.59 9.00 26.91
CA ASP B 384 -25.18 7.81 27.52
C ASP B 384 -25.06 6.56 26.63
N ASP B 385 -24.81 6.74 25.35
CA ASP B 385 -24.62 5.61 24.46
C ASP B 385 -23.87 6.13 23.24
N PRO B 386 -22.54 6.19 23.30
CA PRO B 386 -21.78 6.83 22.21
C PRO B 386 -21.84 6.08 20.89
N ARG B 387 -22.47 4.90 20.82
CA ARG B 387 -22.70 4.29 19.52
C ARG B 387 -23.49 5.22 18.61
N ALA B 388 -24.33 6.09 19.19
CA ALA B 388 -25.19 6.95 18.38
C ALA B 388 -24.41 8.07 17.70
N PHE B 389 -23.12 8.25 18.01
CA PHE B 389 -22.31 9.19 17.23
C PHE B 389 -22.03 8.67 15.84
N ALA B 390 -22.08 7.34 15.65
CA ALA B 390 -21.91 6.68 14.37
C ALA B 390 -23.17 6.81 13.52
N PRO B 391 -23.02 6.96 12.21
CA PRO B 391 -21.77 7.00 11.45
C PRO B 391 -21.28 8.43 11.22
N TRP B 392 -22.11 9.44 11.55
CA TRP B 392 -21.83 10.80 11.10
C TRP B 392 -20.62 11.41 11.79
N TRP B 393 -20.26 10.92 12.98
CA TRP B 393 -19.04 11.41 13.62
C TRP B 393 -17.78 11.03 12.83
N PHE B 394 -17.83 9.99 12.01
CA PHE B 394 -16.62 9.44 11.42
C PHE B 394 -16.50 9.65 9.91
N ASP B 395 -17.58 9.99 9.23
CA ASP B 395 -17.56 10.21 7.79
C ASP B 395 -18.04 11.62 7.51
N ALA B 396 -17.21 12.41 6.84
CA ALA B 396 -17.55 13.80 6.59
C ALA B 396 -18.82 13.93 5.76
N ASP B 397 -19.05 13.00 4.83
CA ASP B 397 -20.27 13.04 4.03
C ASP B 397 -21.51 12.82 4.90
N GLN B 398 -21.45 11.84 5.80
CA GLN B 398 -22.57 11.64 6.71
C GLN B 398 -22.71 12.80 7.70
N ALA B 399 -21.60 13.42 8.11
CA ALA B 399 -21.71 14.60 8.97
C ALA B 399 -22.46 15.71 8.26
N GLN B 400 -22.17 15.92 6.97
CA GLN B 400 -22.89 16.96 6.25
C GLN B 400 -24.36 16.63 6.09
N ALA B 401 -24.70 15.35 5.87
CA ALA B 401 -26.10 14.99 5.78
C ALA B 401 -26.81 15.19 7.11
N PHE B 402 -26.12 14.89 8.21
CA PHE B 402 -26.70 15.08 9.53
C PHE B 402 -26.99 16.55 9.77
N LEU B 403 -26.00 17.40 9.48
CA LEU B 403 -26.16 18.84 9.68
C LEU B 403 -27.21 19.41 8.75
N ALA B 404 -27.26 18.94 7.50
CA ALA B 404 -28.28 19.42 6.59
C ALA B 404 -29.68 19.08 7.09
N SER B 405 -29.84 17.89 7.66
CA SER B 405 -31.17 17.49 8.11
C SER B 405 -31.59 18.31 9.33
N LYS B 406 -30.66 18.60 10.24
CA LYS B 406 -30.99 19.44 11.38
C LYS B 406 -31.27 20.87 10.97
N ASN B 407 -30.62 21.34 9.90
CA ASN B 407 -30.80 22.73 9.51
C ASN B 407 -32.16 22.94 8.87
N THR B 408 -32.57 22.05 7.95
CA THR B 408 -33.90 22.16 7.36
C THR B 408 -35.00 21.99 8.40
N ALA B 409 -34.79 21.09 9.37
CA ALA B 409 -35.79 20.89 10.42
C ALA B 409 -35.91 22.12 11.31
N LYS B 410 -34.82 22.87 11.48
CA LYS B 410 -34.84 24.07 12.34
C LYS B 410 -35.68 25.16 11.66
N VAL B 411 -35.18 25.74 10.57
CA VAL B 411 -35.86 26.82 9.87
C VAL B 411 -35.83 26.62 8.36
N MET C 1 11.78 -4.34 -16.70
CA MET C 1 11.13 -5.61 -16.28
C MET C 1 10.05 -5.32 -15.24
N ARG C 2 10.14 -5.92 -14.06
CA ARG C 2 9.16 -5.72 -13.00
C ARG C 2 9.53 -4.48 -12.20
N ARG C 3 8.52 -3.67 -11.88
CA ARG C 3 8.73 -2.37 -11.26
C ARG C 3 8.54 -2.52 -9.75
N ILE C 4 9.61 -2.30 -9.00
CA ILE C 4 9.59 -2.49 -7.55
C ILE C 4 10.05 -1.20 -6.88
N ALA C 5 9.32 -0.79 -5.85
CA ALA C 5 9.72 0.35 -5.04
C ALA C 5 10.05 -0.12 -3.64
N ILE C 6 11.14 0.41 -3.09
CA ILE C 6 11.58 0.10 -1.72
C ILE C 6 11.66 1.42 -0.96
N VAL C 7 10.91 1.52 0.13
CA VAL C 7 10.90 2.72 0.95
C VAL C 7 11.80 2.49 2.16
N GLY C 8 12.84 3.32 2.27
CA GLY C 8 13.82 3.23 3.35
C GLY C 8 15.13 2.61 2.91
N ALA C 9 16.21 3.39 2.91
CA ALA C 9 17.50 2.91 2.41
C ALA C 9 18.39 2.45 3.57
N GLY C 10 17.94 1.40 4.25
CA GLY C 10 18.73 0.76 5.29
C GLY C 10 19.38 -0.51 4.80
N GLN C 11 19.80 -1.33 5.77
CA GLN C 11 20.51 -2.56 5.45
C GLN C 11 19.69 -3.48 4.53
N SER C 12 18.45 -3.80 4.93
CA SER C 12 17.73 -4.79 4.14
C SER C 12 17.25 -4.19 2.83
N GLY C 13 16.83 -2.92 2.87
CA GLY C 13 16.27 -2.28 1.69
C GLY C 13 17.29 -2.09 0.59
N LEU C 14 18.48 -1.63 0.95
CA LEU C 14 19.52 -1.41 -0.04
C LEU C 14 20.12 -2.74 -0.51
N GLN C 15 20.31 -3.69 0.41
CA GLN C 15 20.84 -4.99 -0.01
C GLN C 15 19.89 -5.68 -0.97
N LEU C 16 18.59 -5.62 -0.69
CA LEU C 16 17.61 -6.17 -1.62
C LEU C 16 17.62 -5.40 -2.94
N GLY C 17 17.63 -4.07 -2.86
CA GLY C 17 17.55 -3.27 -4.07
C GLY C 17 18.76 -3.44 -4.97
N LEU C 18 19.95 -3.52 -4.38
CA LEU C 18 21.15 -3.75 -5.18
C LEU C 18 21.11 -5.12 -5.84
N GLY C 19 20.67 -6.15 -5.12
CA GLY C 19 20.55 -7.45 -5.72
C GLY C 19 19.55 -7.47 -6.86
N LEU C 20 18.44 -6.77 -6.70
CA LEU C 20 17.38 -6.82 -7.73
C LEU C 20 17.87 -6.09 -9.00
N LEU C 21 18.50 -4.94 -8.81
CA LEU C 21 19.01 -4.18 -9.97
C LEU C 21 19.95 -5.07 -10.79
N ASP C 22 20.78 -5.87 -10.11
CA ASP C 22 21.79 -6.69 -10.82
C ASP C 22 21.14 -7.83 -11.59
N THR C 23 19.92 -8.23 -11.22
CA THR C 23 19.20 -9.27 -11.94
C THR C 23 18.14 -8.69 -12.88
N GLY C 24 18.17 -7.40 -13.15
CA GLY C 24 17.36 -6.81 -14.19
C GLY C 24 16.03 -6.23 -13.78
N TYR C 25 15.80 -6.03 -12.48
CA TYR C 25 14.58 -5.38 -12.03
C TYR C 25 14.71 -3.87 -12.14
N ASP C 26 13.56 -3.22 -12.34
CA ASP C 26 13.46 -1.76 -12.33
C ASP C 26 13.11 -1.33 -10.91
N VAL C 27 14.12 -0.88 -10.15
CA VAL C 27 13.98 -0.61 -8.72
C VAL C 27 14.12 0.88 -8.45
N THR C 28 13.19 1.41 -7.67
CA THR C 28 13.29 2.75 -7.11
C THR C 28 13.41 2.66 -5.60
N MET C 29 14.33 3.45 -5.05
CA MET C 29 14.51 3.58 -3.61
C MET C 29 13.98 4.94 -3.19
N ILE C 30 13.08 4.95 -2.21
CA ILE C 30 12.58 6.18 -1.62
C ILE C 30 13.05 6.22 -0.18
N THR C 31 13.73 7.31 0.20
CA THR C 31 14.24 7.42 1.55
C THR C 31 14.23 8.89 1.99
N ASN C 32 14.17 9.10 3.30
CA ASN C 32 13.98 10.45 3.83
C ASN C 32 15.26 11.26 4.02
N ARG C 33 16.44 10.64 3.96
CA ARG C 33 17.69 11.37 4.14
C ARG C 33 18.65 11.07 3.00
N THR C 34 19.36 12.10 2.56
CA THR C 34 20.36 11.95 1.51
C THR C 34 21.60 11.25 2.08
N ALA C 35 22.41 10.73 1.16
CA ALA C 35 23.67 10.12 1.55
C ALA C 35 24.54 11.07 2.36
N ASP C 36 24.63 12.35 1.95
CA ASP C 36 25.44 13.30 2.71
C ASP C 36 24.87 13.51 4.12
N GLU C 37 23.55 13.61 4.25
CA GLU C 37 22.98 13.81 5.57
C GLU C 37 23.27 12.64 6.49
N ILE C 38 23.23 11.42 5.96
CA ILE C 38 23.55 10.27 6.77
C ILE C 38 25.02 10.31 7.19
N ARG C 39 25.88 10.75 6.29
CA ARG C 39 27.32 10.78 6.58
C ARG C 39 27.64 11.77 7.69
N GLN C 40 26.91 12.88 7.75
CA GLN C 40 27.18 13.92 8.73
C GLN C 40 26.30 13.81 9.96
N GLY C 41 25.45 12.79 10.05
CA GLY C 41 24.57 12.61 11.17
C GLY C 41 25.19 11.77 12.27
N LYS C 42 24.32 11.34 13.18
CA LYS C 42 24.71 10.52 14.32
C LYS C 42 24.73 9.03 13.96
N VAL C 43 25.41 8.25 14.81
CA VAL C 43 25.43 6.80 14.64
C VAL C 43 24.02 6.26 14.85
N MET C 44 23.76 5.08 14.26
CA MET C 44 22.39 4.52 14.30
C MET C 44 22.37 3.09 14.86
N SER C 45 23.52 2.46 15.09
CA SER C 45 23.55 1.04 15.50
C SER C 45 24.97 0.59 15.88
N SER C 46 25.09 -0.64 16.42
CA SER C 46 26.42 -1.22 16.70
C SER C 46 26.71 -2.23 15.58
N GLN C 47 25.69 -2.59 14.81
CA GLN C 47 25.83 -3.39 13.55
C GLN C 47 26.91 -4.49 13.56
N CYS C 48 26.95 -5.29 14.59
CA CYS C 48 27.88 -6.43 14.57
C CYS C 48 27.32 -7.56 13.69
N MET C 49 27.95 -7.83 12.54
CA MET C 49 27.39 -8.71 11.52
C MET C 49 28.24 -9.98 11.47
N PHE C 50 27.62 -11.14 11.71
CA PHE C 50 28.35 -12.40 11.79
C PHE C 50 28.52 -13.00 10.40
N HIS C 51 29.27 -14.12 10.33
CA HIS C 51 29.76 -14.62 9.05
C HIS C 51 28.65 -14.86 8.04
N THR C 52 27.58 -15.57 8.43
CA THR C 52 26.57 -15.90 7.43
C THR C 52 25.96 -14.63 6.82
N ALA C 53 25.73 -13.62 7.66
CA ALA C 53 25.22 -12.34 7.17
C ALA C 53 26.26 -11.59 6.34
N LEU C 54 27.53 -11.58 6.79
CA LEU C 54 28.58 -11.00 5.96
C LEU C 54 28.62 -11.66 4.59
N GLN C 55 28.43 -12.98 4.55
CA GLN C 55 28.58 -13.71 3.29
C GLN C 55 27.47 -13.35 2.32
N THR C 56 26.29 -13.01 2.83
CA THR C 56 25.23 -12.54 1.91
C THR C 56 25.66 -11.26 1.22
N GLU C 57 26.43 -10.41 1.92
CA GLU C 57 26.97 -9.22 1.27
C GLU C 57 28.08 -9.59 0.29
N ARG C 58 28.96 -10.51 0.69
CA ARG C 58 30.06 -10.89 -0.19
C ARG C 58 29.54 -11.46 -1.50
N ASP C 59 28.47 -12.24 -1.44
CA ASP C 59 27.96 -12.89 -2.63
C ASP C 59 27.39 -11.88 -3.62
N LEU C 60 27.03 -10.69 -3.15
CA LEU C 60 26.57 -9.60 -3.99
C LEU C 60 27.68 -8.62 -4.36
N GLY C 61 28.91 -8.85 -3.90
CA GLY C 61 29.97 -7.91 -4.18
C GLY C 61 29.87 -6.63 -3.39
N LEU C 62 29.17 -6.65 -2.26
CA LEU C 62 28.87 -5.45 -1.49
C LEU C 62 29.72 -5.31 -0.23
N ASN C 63 30.72 -6.18 -0.04
CA ASN C 63 31.62 -6.11 1.11
C ASN C 63 32.77 -5.14 0.87
N PHE C 64 32.42 -3.86 0.67
CA PHE C 64 33.40 -2.88 0.25
C PHE C 64 34.43 -2.53 1.31
N TRP C 65 34.19 -2.88 2.58
CA TRP C 65 35.07 -2.47 3.66
C TRP C 65 35.74 -3.65 4.35
N GLU C 66 35.72 -4.84 3.75
CA GLU C 66 36.21 -6.01 4.47
C GLU C 66 37.70 -5.87 4.78
N GLU C 67 38.44 -5.23 3.88
CA GLU C 67 39.90 -5.03 4.10
C GLU C 67 40.18 -3.94 5.13
N GLN C 68 39.26 -2.98 5.29
CA GLN C 68 39.52 -1.81 6.17
C GLN C 68 38.93 -2.00 7.58
N CYS C 69 37.96 -2.89 7.69
CA CYS C 69 37.25 -3.07 8.97
C CYS C 69 37.97 -4.09 9.84
N PRO C 70 38.23 -3.79 11.12
CA PRO C 70 38.80 -4.80 12.02
C PRO C 70 37.84 -5.96 12.19
N ALA C 71 38.41 -7.14 12.32
CA ALA C 71 37.62 -8.35 12.56
C ALA C 71 37.24 -8.48 14.02
N VAL C 72 36.03 -8.99 14.27
CA VAL C 72 35.58 -9.37 15.58
C VAL C 72 35.79 -10.89 15.64
N GLU C 73 36.79 -11.33 16.38
CA GLU C 73 37.24 -12.72 16.22
C GLU C 73 36.61 -13.71 17.18
N GLY C 74 35.77 -13.28 18.11
CA GLY C 74 35.32 -14.18 19.14
C GLY C 74 34.17 -13.58 19.93
N ILE C 75 33.66 -14.38 20.87
CA ILE C 75 32.64 -13.95 21.82
C ILE C 75 33.19 -14.21 23.21
N GLY C 76 33.06 -13.23 24.08
CA GLY C 76 33.38 -13.42 25.49
C GLY C 76 32.16 -13.19 26.35
N LEU C 77 32.12 -13.78 27.54
CA LEU C 77 31.01 -13.55 28.44
C LEU C 77 31.55 -13.59 29.84
N ALA C 78 31.09 -12.67 30.67
CA ALA C 78 31.39 -12.68 32.08
C ALA C 78 30.10 -12.37 32.81
N LEU C 79 29.87 -13.08 33.91
CA LEU C 79 28.69 -12.85 34.73
C LEU C 79 29.16 -12.19 36.02
N VAL C 80 28.71 -10.97 36.26
CA VAL C 80 29.18 -10.22 37.43
C VAL C 80 28.49 -10.78 38.66
N ASN C 81 29.28 -11.13 39.67
CA ASN C 81 28.75 -11.70 40.89
C ASN C 81 27.94 -10.64 41.63
N PRO C 82 26.66 -10.90 41.95
CA PRO C 82 25.84 -9.86 42.60
C PRO C 82 26.11 -9.77 44.08
N GLU C 83 27.36 -10.05 44.44
CA GLU C 83 27.78 -10.08 45.83
C GLU C 83 29.24 -9.65 46.00
N ASN C 84 29.92 -9.28 44.93
CA ASN C 84 31.23 -8.66 45.06
C ASN C 84 31.52 -7.59 44.02
N GLY C 85 30.83 -7.59 42.89
CA GLY C 85 31.21 -6.78 41.76
C GLY C 85 32.27 -7.41 40.90
N ALA C 86 32.78 -8.57 41.30
CA ALA C 86 33.73 -9.34 40.52
C ALA C 86 32.98 -10.35 39.66
N LYS C 87 33.69 -10.89 38.66
CA LYS C 87 33.09 -11.88 37.80
C LYS C 87 32.86 -13.18 38.57
N ALA C 88 31.62 -13.66 38.54
CA ALA C 88 31.34 -14.99 39.08
C ALA C 88 32.05 -16.06 38.26
N PHE C 89 32.12 -15.86 36.95
CA PHE C 89 32.90 -16.68 36.03
C PHE C 89 33.04 -15.89 34.75
N GLU C 90 33.89 -16.38 33.86
CA GLU C 90 34.04 -15.77 32.55
C GLU C 90 34.51 -16.85 31.58
N TRP C 91 34.26 -16.60 30.30
CA TRP C 91 34.83 -17.46 29.26
C TRP C 91 34.89 -16.64 27.98
N SER C 92 35.61 -17.18 27.01
CA SER C 92 35.64 -16.64 25.67
C SER C 92 35.97 -17.77 24.71
N ALA C 93 35.50 -17.64 23.49
CA ALA C 93 35.86 -18.58 22.44
C ALA C 93 35.96 -17.84 21.11
N ARG C 94 36.88 -18.31 20.27
CA ARG C 94 36.97 -17.79 18.91
C ARG C 94 35.72 -18.16 18.12
N LEU C 95 35.28 -17.23 17.27
CA LEU C 95 34.40 -17.57 16.16
C LEU C 95 35.17 -18.36 15.10
N GLU C 96 34.49 -19.33 14.49
CA GLU C 96 35.10 -20.02 13.34
C GLU C 96 35.35 -19.06 12.20
N ARG C 97 34.40 -18.17 11.95
CA ARG C 97 34.53 -17.14 10.93
C ARG C 97 34.24 -15.81 11.60
N TYR C 98 35.06 -14.79 11.31
CA TYR C 98 34.91 -13.54 12.04
C TYR C 98 33.64 -12.79 11.66
N ALA C 99 33.25 -11.90 12.56
CA ALA C 99 32.22 -10.88 12.37
C ALA C 99 32.87 -9.53 12.05
N GLN C 100 32.08 -8.60 11.51
CA GLN C 100 32.54 -7.25 11.26
C GLN C 100 31.40 -6.27 11.51
N SER C 101 31.76 -5.08 12.00
CA SER C 101 30.80 -4.02 12.29
C SER C 101 31.22 -2.78 11.49
N VAL C 102 30.55 -2.54 10.36
CA VAL C 102 30.81 -1.33 9.56
C VAL C 102 29.69 -0.35 9.85
N ASP C 103 30.06 0.81 10.43
CA ASP C 103 29.12 1.89 10.76
C ASP C 103 28.15 2.15 9.62
N GLN C 104 26.85 2.19 9.95
CA GLN C 104 25.86 2.46 8.90
C GLN C 104 26.09 3.84 8.27
N ARG C 105 26.70 4.77 9.00
CA ARG C 105 27.09 6.05 8.40
C ARG C 105 28.10 5.87 7.27
N VAL C 106 28.86 4.78 7.28
CA VAL C 106 29.78 4.50 6.19
C VAL C 106 29.10 3.68 5.11
N LYS C 107 28.39 2.63 5.50
CA LYS C 107 27.89 1.66 4.54
C LYS C 107 26.73 2.23 3.71
N MET C 108 25.72 2.77 4.40
CA MET C 108 24.48 3.15 3.72
C MET C 108 24.70 4.24 2.67
N PRO C 109 25.40 5.35 2.98
CA PRO C 109 25.65 6.33 1.90
C PRO C 109 26.40 5.77 0.71
N TYR C 110 27.40 4.92 0.93
CA TYR C 110 28.09 4.34 -0.22
C TYR C 110 27.20 3.40 -1.01
N TRP C 111 26.38 2.61 -0.30
CA TRP C 111 25.50 1.69 -0.99
C TRP C 111 24.44 2.43 -1.78
N MET C 112 24.01 3.60 -1.28
CA MET C 112 23.06 4.43 -2.00
C MET C 112 23.70 4.98 -3.27
N GLU C 113 24.93 5.48 -3.13
CA GLU C 113 25.66 5.96 -4.30
C GLU C 113 25.90 4.83 -5.29
N GLU C 114 26.17 3.62 -4.76
CA GLU C 114 26.32 2.46 -5.63
C GLU C 114 24.99 2.12 -6.31
N PHE C 115 23.88 2.27 -5.59
CA PHE C 115 22.55 2.07 -6.17
C PHE C 115 22.37 2.94 -7.40
N GLU C 116 22.79 4.19 -7.32
CA GLU C 116 22.61 5.13 -8.43
C GLU C 116 23.57 4.85 -9.57
N ARG C 117 24.82 4.50 -9.25
CA ARG C 117 25.79 4.20 -10.30
C ARG C 117 25.36 3.02 -11.15
N ARG C 118 24.63 2.08 -10.57
CA ARG C 118 24.10 0.95 -11.34
C ARG C 118 22.71 1.20 -11.90
N GLY C 119 22.29 2.46 -11.98
CA GLY C 119 21.06 2.81 -12.66
C GLY C 119 19.79 2.75 -11.85
N GLY C 120 19.86 2.42 -10.57
CA GLY C 120 18.68 2.51 -9.73
C GLY C 120 18.27 3.96 -9.53
N GLN C 121 16.96 4.19 -9.45
CA GLN C 121 16.44 5.53 -9.23
C GLN C 121 16.30 5.78 -7.74
N LEU C 122 16.83 6.91 -7.28
CA LEU C 122 16.83 7.27 -5.87
C LEU C 122 16.01 8.54 -5.68
N VAL C 123 15.04 8.49 -4.78
CA VAL C 123 14.14 9.61 -4.53
C VAL C 123 14.21 9.94 -3.05
N ILE C 124 14.41 11.22 -2.74
CA ILE C 124 14.47 11.72 -1.38
C ILE C 124 13.10 12.29 -1.02
N GLN C 125 12.40 11.62 -0.10
CA GLN C 125 11.17 12.18 0.47
C GLN C 125 10.84 11.43 1.75
N ASP C 126 10.08 12.09 2.61
CA ASP C 126 9.56 11.46 3.82
C ASP C 126 8.23 10.81 3.50
N ALA C 127 8.16 9.48 3.61
CA ALA C 127 7.02 8.73 3.12
C ALA C 127 6.00 8.50 4.24
N GLY C 128 4.79 9.01 4.02
CA GLY C 128 3.66 8.70 4.85
C GLY C 128 2.62 7.88 4.12
N ILE C 129 1.41 7.84 4.67
CA ILE C 129 0.32 7.10 4.04
C ILE C 129 0.07 7.64 2.63
N GLU C 130 0.09 8.96 2.47
CA GLU C 130 -0.22 9.55 1.17
C GLU C 130 0.86 9.25 0.14
N GLU C 131 2.13 9.30 0.52
CA GLU C 131 3.16 8.96 -0.44
C GLU C 131 3.11 7.48 -0.78
N LEU C 132 2.77 6.65 0.20
CA LEU C 132 2.67 5.21 -0.05
C LEU C 132 1.50 4.90 -0.99
N GLU C 133 0.42 5.68 -0.91
CA GLU C 133 -0.67 5.54 -1.87
C GLU C 133 -0.17 5.80 -3.30
N GLN C 134 0.60 6.89 -3.48
CA GLN C 134 1.09 7.22 -4.82
C GLN C 134 2.03 6.14 -5.34
N LEU C 135 2.92 5.63 -4.48
CA LEU C 135 3.81 4.57 -4.91
C LEU C 135 3.02 3.32 -5.29
N ALA C 136 1.99 3.01 -4.52
CA ALA C 136 1.24 1.78 -4.79
C ALA C 136 0.48 1.86 -6.10
N ASN C 137 0.22 3.07 -6.60
CA ASN C 137 -0.36 3.20 -7.94
C ASN C 137 0.66 3.02 -9.06
N ASP C 138 1.96 3.14 -8.76
CA ASP C 138 2.95 3.23 -9.83
C ASP C 138 3.91 2.05 -9.89
N TYR C 139 3.84 1.13 -8.94
CA TYR C 139 4.78 0.02 -8.87
C TYR C 139 4.04 -1.27 -8.56
N GLU C 140 4.56 -2.39 -9.07
CA GLU C 140 3.92 -3.69 -8.84
C GLU C 140 4.08 -4.18 -7.41
N LEU C 141 5.11 -3.71 -6.71
CA LEU C 141 5.39 -4.14 -5.34
C LEU C 141 6.01 -2.94 -4.64
N VAL C 142 5.50 -2.60 -3.47
CA VAL C 142 6.09 -1.56 -2.65
C VAL C 142 6.49 -2.19 -1.33
N LEU C 143 7.79 -2.19 -1.04
CA LEU C 143 8.30 -2.74 0.20
C LEU C 143 8.65 -1.59 1.15
N LEU C 144 8.26 -1.78 2.41
CA LEU C 144 8.52 -0.78 3.45
C LEU C 144 9.62 -1.34 4.34
N ALA C 145 10.81 -0.80 4.19
CA ALA C 145 12.01 -1.22 4.92
C ALA C 145 12.49 -0.11 5.83
N ALA C 146 11.56 0.60 6.46
CA ALA C 146 11.82 1.87 7.12
C ALA C 146 12.29 1.69 8.55
N GLY C 147 12.57 0.46 8.96
CA GLY C 147 13.22 0.20 10.22
C GLY C 147 12.38 0.54 11.43
N LYS C 148 12.83 1.54 12.18
CA LYS C 148 12.15 2.04 13.37
C LYS C 148 11.37 3.34 13.11
N GLY C 149 11.34 3.82 11.87
CA GLY C 149 10.63 5.06 11.58
C GLY C 149 9.14 4.93 11.81
N GLU C 150 8.50 6.07 12.02
CA GLU C 150 7.14 6.08 12.54
C GLU C 150 6.13 5.40 11.64
N VAL C 151 6.40 5.33 10.32
CA VAL C 151 5.44 4.74 9.40
C VAL C 151 5.24 3.25 9.66
N VAL C 152 6.27 2.56 10.19
CA VAL C 152 6.16 1.12 10.37
C VAL C 152 5.11 0.76 11.42
N LYS C 153 4.72 1.70 12.28
CA LYS C 153 3.67 1.40 13.26
C LYS C 153 2.32 1.23 12.61
N GLN C 154 2.20 1.53 11.31
CA GLN C 154 0.95 1.29 10.60
C GLN C 154 0.71 -0.20 10.40
N PHE C 155 1.76 -1.01 10.39
CA PHE C 155 1.58 -2.46 10.38
C PHE C 155 1.05 -2.93 11.73
N GLU C 156 0.09 -3.87 11.71
CA GLU C 156 -0.49 -4.38 12.95
C GLU C 156 0.58 -5.02 13.82
N ARG C 157 0.61 -4.69 15.13
CA ARG C 157 1.43 -5.48 16.05
C ARG C 157 0.81 -6.86 16.23
N ASP C 158 1.64 -7.89 16.11
CA ASP C 158 1.18 -9.28 16.20
C ASP C 158 1.17 -9.64 17.68
N GLY C 159 -0.01 -9.65 18.30
CA GLY C 159 -0.05 -9.92 19.73
C GLY C 159 0.27 -11.36 20.09
N ALA C 160 0.21 -12.26 19.12
CA ALA C 160 0.53 -13.66 19.41
C ALA C 160 2.04 -13.87 19.45
N ARG C 161 2.76 -13.17 18.59
CA ARG C 161 4.22 -13.42 18.49
C ARG C 161 5.03 -12.37 19.24
N SER C 162 4.38 -11.32 19.70
CA SER C 162 5.08 -10.27 20.50
C SER C 162 4.91 -10.57 22.00
N VAL C 163 6.04 -10.81 22.69
N VAL C 163 6.04 -10.80 22.68
CA VAL C 163 5.97 -11.13 24.13
CA VAL C 163 6.00 -11.14 24.14
C VAL C 163 6.06 -9.86 24.97
C VAL C 163 6.06 -9.86 24.97
N PHE C 164 6.61 -8.79 24.39
CA PHE C 164 6.77 -7.52 25.15
C PHE C 164 6.01 -6.38 24.50
N ASP C 165 5.53 -5.46 25.32
CA ASP C 165 4.87 -4.26 24.79
C ASP C 165 5.50 -2.96 25.26
N LYS C 166 6.59 -3.02 26.01
CA LYS C 166 7.34 -1.88 26.51
C LYS C 166 8.82 -2.15 26.28
N PRO C 167 9.64 -1.10 26.24
CA PRO C 167 11.09 -1.33 26.16
C PRO C 167 11.55 -2.16 27.34
N GLN C 168 12.45 -3.10 27.07
CA GLN C 168 13.02 -3.94 28.10
C GLN C 168 14.42 -3.47 28.51
N ARG C 169 15.04 -2.60 27.72
CA ARG C 169 16.34 -2.07 28.08
C ARG C 169 16.43 -0.63 27.61
N ALA C 170 17.13 0.17 28.40
CA ALA C 170 17.53 1.51 27.99
C ALA C 170 18.91 1.40 27.33
N LEU C 171 18.99 1.75 26.06
CA LEU C 171 20.20 1.54 25.27
C LEU C 171 21.05 2.80 25.21
N ALA C 172 22.35 2.60 25.12
CA ALA C 172 23.25 3.68 24.74
C ALA C 172 24.39 3.10 23.95
N LEU C 173 24.83 3.83 22.92
CA LEU C 173 26.02 3.52 22.15
C LEU C 173 27.03 4.62 22.34
N THR C 174 28.32 4.24 22.33
CA THR C 174 29.40 5.22 22.35
C THR C 174 30.52 4.70 21.45
N TYR C 175 30.82 5.43 20.39
CA TYR C 175 31.94 5.11 19.50
C TYR C 175 33.18 5.81 20.01
N VAL C 176 34.24 5.04 20.33
CA VAL C 176 35.45 5.64 20.89
C VAL C 176 36.69 5.24 20.11
N LYS C 177 37.68 6.10 20.26
CA LYS C 177 39.01 5.80 19.73
C LYS C 177 39.94 5.52 20.90
N ASN C 178 41.03 4.82 20.63
CA ASN C 178 42.11 4.52 21.58
C ASN C 178 41.71 3.61 22.73
N MET C 179 40.68 2.76 22.56
CA MET C 179 40.45 1.71 23.54
C MET C 179 41.54 0.65 23.45
N LYS C 180 41.93 0.10 24.60
CA LYS C 180 42.96 -0.95 24.60
C LYS C 180 42.39 -2.20 23.95
N PRO C 181 43.11 -2.84 23.02
CA PRO C 181 42.64 -4.12 22.48
C PRO C 181 42.82 -5.25 23.49
N ILE C 182 42.12 -6.35 23.25
CA ILE C 182 42.27 -7.56 24.04
C ILE C 182 43.10 -8.56 23.25
N SER C 183 44.16 -9.04 23.86
CA SER C 183 45.05 -10.08 23.35
C SER C 183 44.54 -11.45 23.80
N PRO C 184 44.65 -12.49 22.96
CA PRO C 184 45.27 -12.56 21.63
C PRO C 184 44.28 -12.49 20.47
N TYR C 185 42.99 -12.29 20.74
CA TYR C 185 42.04 -12.15 19.65
C TYR C 185 40.91 -11.26 20.13
N SER C 186 40.37 -10.45 19.21
CA SER C 186 39.29 -9.53 19.56
C SER C 186 38.01 -10.31 19.83
N ARG C 187 37.14 -9.74 20.66
CA ARG C 187 35.89 -10.43 20.89
C ARG C 187 34.82 -9.45 21.35
N VAL C 188 33.56 -9.82 21.14
CA VAL C 188 32.47 -9.11 21.80
C VAL C 188 32.56 -9.39 23.30
N THR C 189 32.80 -8.36 24.10
CA THR C 189 32.98 -8.58 25.54
C THR C 189 31.66 -8.45 26.29
N PHE C 190 30.88 -9.52 26.29
CA PHE C 190 29.59 -9.50 26.98
C PHE C 190 29.76 -9.54 28.48
N ASN C 191 29.09 -8.62 29.17
CA ASN C 191 29.09 -8.59 30.63
C ASN C 191 27.65 -8.49 31.10
N ILE C 192 27.17 -9.55 31.74
CA ILE C 192 25.85 -9.55 32.32
C ILE C 192 26.00 -9.11 33.78
N ILE C 193 25.45 -7.94 34.06
CA ILE C 193 25.43 -7.43 35.46
C ILE C 193 24.03 -7.75 35.99
N THR C 194 23.93 -8.76 36.83
CA THR C 194 22.61 -9.26 37.30
C THR C 194 21.73 -8.16 37.89
N GLU C 195 20.48 -8.10 37.46
CA GLU C 195 19.47 -7.12 37.95
C GLU C 195 19.80 -5.68 37.54
N VAL C 196 20.82 -5.46 36.73
CA VAL C 196 21.22 -4.07 36.40
C VAL C 196 21.19 -3.88 34.89
N GLY C 197 21.84 -4.79 34.17
CA GLY C 197 21.92 -4.59 32.74
C GLY C 197 23.10 -5.36 32.17
N GLU C 198 23.50 -4.95 30.96
CA GLU C 198 24.57 -5.62 30.24
C GLU C 198 25.48 -4.56 29.63
N TYR C 199 26.74 -4.92 29.45
CA TYR C 199 27.66 -4.09 28.70
C TYR C 199 28.38 -4.98 27.70
N PHE C 200 28.65 -4.45 26.50
CA PHE C 200 29.60 -5.16 25.65
C PHE C 200 30.28 -4.19 24.70
N SER C 201 31.45 -4.60 24.24
CA SER C 201 32.24 -3.78 23.33
C SER C 201 32.85 -4.69 22.27
N PHE C 202 33.14 -4.09 21.11
CA PHE C 202 33.84 -4.80 20.04
C PHE C 202 34.44 -3.77 19.09
N PRO C 203 35.50 -4.13 18.37
CA PRO C 203 36.04 -3.24 17.34
C PRO C 203 35.09 -3.07 16.17
N ALA C 204 35.20 -1.91 15.51
CA ALA C 204 34.32 -1.56 14.41
C ALA C 204 35.04 -0.58 13.50
N LEU C 205 34.40 -0.22 12.39
CA LEU C 205 34.93 0.77 11.45
C LEU C 205 33.94 1.92 11.36
N THR C 206 34.41 3.14 11.52
CA THR C 206 33.51 4.29 11.41
C THR C 206 34.06 5.29 10.40
N ILE C 207 33.51 6.51 10.41
CA ILE C 207 33.72 7.46 9.32
C ILE C 207 35.15 7.94 9.25
N ASN C 208 35.91 7.81 10.33
CA ASN C 208 37.31 8.23 10.29
C ASN C 208 38.26 7.11 10.68
N GLY C 209 37.85 5.84 10.47
CA GLY C 209 38.77 4.73 10.64
C GLY C 209 38.29 3.73 11.68
N PRO C 210 39.15 2.77 12.01
CA PRO C 210 38.79 1.78 13.03
C PRO C 210 38.53 2.45 14.37
N CYS C 211 37.59 1.88 15.13
CA CYS C 211 37.24 2.34 16.46
C CYS C 211 36.80 1.14 17.30
N ASP C 212 36.30 1.41 18.50
CA ASP C 212 35.59 0.41 19.27
C ASP C 212 34.24 0.98 19.65
N ILE C 213 33.23 0.11 19.72
CA ILE C 213 31.89 0.53 20.09
C ILE C 213 31.63 0.04 21.52
N MET C 214 31.14 0.95 22.38
CA MET C 214 30.56 0.56 23.65
C MET C 214 29.04 0.49 23.51
N VAL C 215 28.45 -0.56 24.08
CA VAL C 215 27.00 -0.75 24.08
C VAL C 215 26.55 -0.97 25.52
N PHE C 216 25.67 -0.12 26.02
CA PHE C 216 25.10 -0.26 27.34
C PHE C 216 23.63 -0.61 27.21
N GLU C 217 23.17 -1.59 27.98
CA GLU C 217 21.77 -1.99 28.01
C GLU C 217 21.34 -2.06 29.48
N GLY C 218 20.50 -1.12 29.90
CA GLY C 218 20.12 -0.98 31.29
C GLY C 218 18.67 -1.40 31.51
N ILE C 219 18.47 -2.21 32.55
CA ILE C 219 17.10 -2.51 32.98
C ILE C 219 16.43 -1.20 33.37
N PRO C 220 15.22 -0.93 32.91
CA PRO C 220 14.65 0.41 33.09
C PRO C 220 14.44 0.75 34.56
N ASN C 221 14.57 2.05 34.86
CA ASN C 221 14.61 2.64 36.20
C ASN C 221 15.77 2.13 37.04
N GLY C 222 16.70 1.39 36.46
CA GLY C 222 17.84 0.89 37.17
C GLY C 222 19.02 1.83 37.10
N PRO C 223 20.13 1.44 37.73
CA PRO C 223 21.32 2.29 37.71
C PRO C 223 21.85 2.58 36.31
N MET C 224 21.68 1.65 35.37
CA MET C 224 22.15 1.89 34.00
C MET C 224 21.11 2.59 33.14
N ASP C 225 19.95 2.92 33.71
CA ASP C 225 18.96 3.75 33.03
C ASP C 225 19.19 5.20 33.46
N CYS C 226 20.27 5.78 32.92
CA CYS C 226 20.75 7.08 33.38
C CYS C 226 21.05 8.04 32.23
N TRP C 227 20.52 7.77 31.03
CA TRP C 227 20.84 8.57 29.85
C TRP C 227 19.86 9.70 29.59
N GLN C 228 18.67 9.65 30.19
CA GLN C 228 17.67 10.68 29.95
C GLN C 228 18.20 12.04 30.36
N ASP C 229 19.01 12.08 31.43
CA ASP C 229 19.66 13.30 31.89
C ASP C 229 20.74 13.77 30.91
N VAL C 230 21.38 12.85 30.20
CA VAL C 230 22.61 13.14 29.46
C VAL C 230 22.27 13.71 28.10
N LYS C 231 23.03 14.72 27.67
CA LYS C 231 22.75 15.27 26.35
C LYS C 231 24.01 15.61 25.54
N THR C 232 25.00 16.28 26.13
CA THR C 232 26.18 16.65 25.35
C THR C 232 27.04 15.42 25.07
N PRO C 233 27.84 15.45 24.00
CA PRO C 233 28.79 14.36 23.77
C PRO C 233 29.78 14.19 24.92
N GLU C 234 30.16 15.27 25.61
CA GLU C 234 31.06 15.12 26.73
C GLU C 234 30.40 14.44 27.92
N GLN C 235 29.16 14.82 28.24
CA GLN C 235 28.44 14.12 29.30
C GLN C 235 28.18 12.66 28.94
N HIS C 236 27.94 12.38 27.66
CA HIS C 236 27.69 10.99 27.25
C HIS C 236 28.91 10.13 27.47
N LEU C 237 30.07 10.61 27.04
CA LEU C 237 31.30 9.86 27.25
C LEU C 237 31.60 9.70 28.73
N GLN C 238 31.39 10.77 29.52
CA GLN C 238 31.62 10.69 30.94
C GLN C 238 30.68 9.71 31.60
N CYS C 239 29.42 9.66 31.15
CA CYS C 239 28.49 8.70 31.72
C CYS C 239 28.90 7.28 31.37
N SER C 240 29.41 7.08 30.16
CA SER C 240 29.86 5.74 29.77
C SER C 240 31.01 5.29 30.65
N LEU C 241 31.99 6.16 30.84
CA LEU C 241 33.15 5.80 31.64
C LEU C 241 32.78 5.57 33.10
N ASP C 242 31.82 6.33 33.64
CA ASP C 242 31.43 6.12 35.04
C ASP C 242 30.73 4.79 35.20
N LEU C 243 29.89 4.42 34.24
CA LEU C 243 29.21 3.14 34.33
C LEU C 243 30.21 1.99 34.31
N LEU C 244 31.25 2.07 33.46
CA LEU C 244 32.24 1.00 33.44
C LEU C 244 33.04 0.99 34.74
N LYS C 245 33.42 2.17 35.26
CA LYS C 245 34.19 2.19 36.49
C LYS C 245 33.44 1.51 37.63
N LYS C 246 32.13 1.73 37.71
CA LYS C 246 31.36 1.20 38.84
C LYS C 246 30.95 -0.25 38.65
N PHE C 247 30.58 -0.65 37.43
CA PHE C 247 30.02 -1.99 37.23
C PHE C 247 30.93 -2.96 36.49
N VAL C 248 31.81 -2.50 35.62
CA VAL C 248 32.66 -3.40 34.85
C VAL C 248 34.10 -2.92 34.88
N PRO C 249 34.77 -2.98 36.03
CA PRO C 249 36.11 -2.36 36.14
C PRO C 249 37.13 -2.93 35.18
N TRP C 250 37.06 -4.22 34.84
CA TRP C 250 38.01 -4.80 33.90
C TRP C 250 37.83 -4.26 32.48
N GLU C 251 36.62 -3.83 32.12
CA GLU C 251 36.47 -3.11 30.86
C GLU C 251 36.88 -1.66 31.00
N TYR C 252 36.66 -1.07 32.18
CA TYR C 252 37.10 0.30 32.42
C TYR C 252 38.61 0.42 32.29
N GLU C 253 39.31 -0.67 32.62
CA GLU C 253 40.77 -0.67 32.56
C GLU C 253 41.27 -0.52 31.13
N ARG C 254 40.40 -0.77 30.14
CA ARG C 254 40.77 -0.61 28.73
C ARG C 254 40.65 0.82 28.24
N CYS C 255 40.21 1.76 29.09
CA CYS C 255 39.67 3.02 28.60
C CYS C 255 40.49 4.25 29.01
N ALA C 256 41.76 4.08 29.37
CA ALA C 256 42.55 5.19 29.92
C ALA C 256 42.67 6.35 28.95
N ASN C 257 42.69 6.08 27.65
CA ASN C 257 42.90 7.11 26.65
C ASN C 257 41.68 7.37 25.77
N VAL C 258 40.52 6.77 26.07
CA VAL C 258 39.43 6.80 25.10
C VAL C 258 38.90 8.20 24.92
N GLU C 259 38.54 8.51 23.67
CA GLU C 259 37.78 9.69 23.31
C GLU C 259 36.73 9.29 22.29
N LEU C 260 35.72 10.15 22.14
CA LEU C 260 34.74 9.96 21.09
C LEU C 260 35.40 9.99 19.74
N THR C 261 34.95 9.12 18.83
CA THR C 261 35.44 9.16 17.46
C THR C 261 35.12 10.48 16.80
N ASP C 262 33.96 11.05 17.13
CA ASP C 262 33.44 12.26 16.50
C ASP C 262 32.19 12.69 17.26
N ALA C 263 31.74 13.92 16.97
CA ALA C 263 30.62 14.50 17.70
C ALA C 263 29.30 13.77 17.46
N GLY C 264 29.21 12.96 16.40
CA GLY C 264 28.06 12.12 16.14
C GLY C 264 28.12 10.71 16.70
N GLY C 265 29.21 10.32 17.35
CA GLY C 265 29.45 8.93 17.72
C GLY C 265 28.84 8.49 19.03
N TYR C 266 27.58 8.87 19.27
CA TYR C 266 26.89 8.43 20.47
C TYR C 266 25.40 8.45 20.19
N LEU C 267 24.68 7.61 20.92
CA LEU C 267 23.24 7.48 20.75
C LEU C 267 22.67 7.01 22.07
N ALA C 268 21.43 7.39 22.33
CA ALA C 268 20.70 6.87 23.47
C ALA C 268 19.25 6.76 23.07
N GLY C 269 18.59 5.71 23.52
CA GLY C 269 17.21 5.49 23.14
C GLY C 269 16.68 4.21 23.73
N ARG C 270 15.42 3.92 23.41
CA ARG C 270 14.80 2.68 23.85
C ARG C 270 13.60 2.43 22.95
N PHE C 271 13.28 1.14 22.76
CA PHE C 271 12.13 0.79 21.93
C PHE C 271 11.63 -0.59 22.33
N PRO C 272 10.33 -0.85 22.24
CA PRO C 272 9.80 -2.18 22.57
C PRO C 272 10.16 -3.19 21.49
N PRO C 273 10.66 -4.36 21.87
CA PRO C 273 10.77 -5.44 20.89
C PRO C 273 9.38 -5.75 20.39
N THR C 274 9.25 -6.00 19.08
CA THR C 274 7.94 -6.12 18.48
C THR C 274 7.99 -7.04 17.26
N VAL C 275 6.93 -7.79 17.05
CA VAL C 275 6.73 -8.56 15.84
C VAL C 275 5.42 -8.04 15.23
N ARG C 276 5.45 -7.68 13.96
CA ARG C 276 4.28 -7.10 13.31
C ARG C 276 3.80 -8.04 12.21
N LYS C 277 2.55 -7.79 11.76
CA LYS C 277 2.02 -8.54 10.63
C LYS C 277 2.50 -7.92 9.32
N PRO C 278 2.73 -8.72 8.28
CA PRO C 278 3.54 -8.25 7.15
C PRO C 278 2.85 -7.34 6.16
N VAL C 279 1.52 -7.23 6.13
CA VAL C 279 0.84 -6.51 5.05
C VAL C 279 0.10 -5.31 5.64
N LEU C 280 0.40 -4.12 5.12
CA LEU C 280 -0.35 -2.90 5.43
C LEU C 280 -1.35 -2.65 4.31
N THR C 281 -2.64 -2.69 4.65
CA THR C 281 -3.69 -2.31 3.69
C THR C 281 -3.98 -0.83 3.86
N LEU C 282 -3.75 -0.06 2.80
CA LEU C 282 -3.89 1.38 2.80
C LEU C 282 -5.37 1.74 2.74
N PRO C 283 -5.74 2.99 3.05
CA PRO C 283 -7.19 3.33 2.99
C PRO C 283 -7.80 3.06 1.62
N SER C 284 -7.04 3.24 0.55
CA SER C 284 -7.54 2.91 -0.78
C SER C 284 -7.77 1.42 -0.98
N GLY C 285 -7.15 0.58 -0.16
CA GLY C 285 -7.19 -0.86 -0.35
C GLY C 285 -5.95 -1.45 -0.98
N LYS C 286 -5.04 -0.64 -1.51
CA LYS C 286 -3.76 -1.11 -2.01
C LYS C 286 -2.88 -1.56 -0.85
N LYS C 287 -1.92 -2.43 -1.16
N LYS C 287 -1.92 -2.44 -1.15
CA LYS C 287 -1.15 -3.14 -0.15
CA LYS C 287 -1.16 -3.14 -0.12
C LYS C 287 0.32 -2.75 -0.17
C LYS C 287 0.32 -2.77 -0.16
N ILE C 288 0.92 -2.68 1.02
CA ILE C 288 2.35 -2.41 1.21
C ILE C 288 2.96 -3.57 1.99
N PHE C 289 4.14 -4.04 1.57
CA PHE C 289 4.78 -5.22 2.14
C PHE C 289 5.97 -4.79 3.00
N GLY C 290 5.95 -5.15 4.28
CA GLY C 290 7.04 -4.77 5.16
C GLY C 290 8.21 -5.73 5.06
N MET C 291 9.38 -5.25 5.46
CA MET C 291 10.48 -6.19 5.61
C MET C 291 11.32 -5.87 6.84
N ALA C 292 12.02 -6.90 7.33
CA ALA C 292 13.11 -6.81 8.34
C ALA C 292 12.60 -6.06 9.57
N ASP C 293 13.30 -5.01 10.03
CA ASP C 293 12.95 -4.37 11.30
C ASP C 293 11.52 -3.84 11.30
N ALA C 294 11.01 -3.42 10.13
CA ALA C 294 9.64 -2.91 10.13
C ALA C 294 8.67 -3.95 10.63
N LEU C 295 9.04 -5.23 10.58
CA LEU C 295 8.17 -6.28 11.06
C LEU C 295 8.73 -7.01 12.27
N VAL C 296 10.04 -7.17 12.39
CA VAL C 296 10.57 -7.97 13.50
C VAL C 296 11.75 -7.21 14.08
N VAL C 297 11.55 -6.53 15.20
CA VAL C 297 12.58 -5.70 15.83
C VAL C 297 12.85 -6.21 17.23
N ASN C 298 14.13 -6.29 17.58
CA ASN C 298 14.58 -6.85 18.84
C ASN C 298 15.62 -5.93 19.46
N ASP C 299 15.91 -6.17 20.73
CA ASP C 299 16.90 -5.31 21.43
C ASP C 299 18.32 -5.65 20.99
N PRO C 300 19.27 -4.84 20.93
N PRO C 300 19.30 -4.71 20.98
CA PRO C 300 20.40 -4.92 19.98
CA PRO C 300 20.62 -5.07 20.47
C PRO C 300 21.32 -6.13 20.13
C PRO C 300 21.45 -6.08 21.28
N ILE C 301 21.86 -6.56 18.98
N ILE C 301 21.01 -6.45 22.48
CA ILE C 301 23.01 -7.47 18.79
CA ILE C 301 21.84 -7.30 23.35
C ILE C 301 22.78 -8.84 19.45
C ILE C 301 22.26 -8.55 22.62
N THR C 302 22.30 -8.85 20.69
N THR C 302 21.30 -9.19 21.97
CA THR C 302 21.62 -10.05 21.14
CA THR C 302 21.51 -10.32 21.09
C THR C 302 20.35 -10.25 20.33
C THR C 302 20.40 -10.32 20.04
N GLY C 303 19.78 -9.17 19.79
CA GLY C 303 18.66 -9.17 18.88
C GLY C 303 19.03 -9.20 17.43
N GLN C 304 20.34 -9.08 17.16
CA GLN C 304 20.94 -9.37 15.83
C GLN C 304 20.25 -8.69 14.65
N GLY C 305 19.82 -7.45 14.83
CA GLY C 305 19.04 -6.77 13.78
C GLY C 305 19.77 -6.67 12.45
N SER C 306 21.05 -6.32 12.48
CA SER C 306 21.74 -6.21 11.19
C SER C 306 21.87 -7.57 10.55
N ASN C 307 22.05 -8.61 11.37
CA ASN C 307 22.13 -9.95 10.83
C ASN C 307 20.78 -10.39 10.29
N ASN C 308 19.73 -10.13 11.05
CA ASN C 308 18.38 -10.45 10.58
C ASN C 308 18.07 -9.71 9.28
N ALA C 309 18.52 -8.46 9.16
CA ALA C 309 18.20 -7.68 7.98
C ALA C 309 18.86 -8.27 6.74
N ALA C 310 20.12 -8.68 6.85
CA ALA C 310 20.79 -9.27 5.69
C ALA C 310 20.15 -10.60 5.31
N LYS C 311 19.84 -11.45 6.30
CA LYS C 311 19.20 -12.73 5.98
C LYS C 311 17.78 -12.54 5.45
N CYS C 312 17.09 -11.50 5.92
CA CYS C 312 15.78 -11.18 5.36
C CYS C 312 15.89 -10.73 3.91
N SER C 313 16.91 -9.93 3.60
CA SER C 313 17.01 -9.44 2.23
C SER C 313 17.19 -10.60 1.26
N LYS C 314 17.92 -11.63 1.68
CA LYS C 314 18.15 -12.79 0.82
C LYS C 314 16.86 -13.62 0.66
N ILE C 315 16.10 -13.78 1.73
CA ILE C 315 14.84 -14.53 1.60
C ILE C 315 13.89 -13.79 0.69
N TYR C 316 13.77 -12.47 0.86
CA TYR C 316 12.85 -11.71 0.04
C TYR C 316 13.30 -11.69 -1.41
N PHE C 317 14.62 -11.62 -1.64
CA PHE C 317 15.13 -11.64 -3.00
C PHE C 317 14.80 -12.94 -3.70
N ASP C 318 15.09 -14.07 -3.05
CA ASP C 318 14.79 -15.36 -3.65
C ASP C 318 13.30 -15.49 -3.93
N ALA C 319 12.46 -15.01 -2.99
CA ALA C 319 11.01 -15.12 -3.20
C ALA C 319 10.57 -14.24 -4.36
N ILE C 320 11.17 -13.06 -4.52
CA ILE C 320 10.78 -12.18 -5.62
C ILE C 320 11.16 -12.82 -6.95
N LEU C 321 12.36 -13.41 -7.03
CA LEU C 321 12.78 -14.06 -8.27
C LEU C 321 11.96 -15.31 -8.54
N ALA C 322 11.60 -16.05 -7.50
CA ALA C 322 10.78 -17.25 -7.68
C ALA C 322 9.38 -16.91 -8.16
N ASN C 323 8.90 -15.68 -7.92
CA ASN C 323 7.55 -15.30 -8.33
C ASN C 323 7.44 -14.99 -9.82
N ASP C 324 8.57 -14.87 -10.52
CA ASP C 324 8.60 -14.69 -11.97
C ASP C 324 7.80 -13.47 -12.39
N ASN C 325 6.70 -13.66 -13.11
CA ASN C 325 5.80 -12.55 -13.38
C ASN C 325 4.38 -12.88 -12.95
N GLN C 326 4.25 -13.56 -11.80
CA GLN C 326 2.99 -13.65 -11.09
C GLN C 326 2.78 -12.36 -10.27
N SER C 327 1.53 -12.10 -9.89
CA SER C 327 1.28 -10.90 -9.12
C SER C 327 1.90 -11.02 -7.72
N PHE C 328 2.34 -9.88 -7.20
CA PHE C 328 2.83 -9.83 -5.82
C PHE C 328 1.63 -9.63 -4.90
N SER C 329 0.88 -10.70 -4.73
CA SER C 329 -0.39 -10.69 -4.02
C SER C 329 -0.16 -10.65 -2.50
N GLU C 330 -1.23 -10.29 -1.77
CA GLU C 330 -1.16 -10.37 -0.31
C GLU C 330 -0.86 -11.79 0.15
N GLN C 331 -1.43 -12.80 -0.52
CA GLN C 331 -1.09 -14.19 -0.19
C GLN C 331 0.40 -14.45 -0.37
N TRP C 332 0.99 -13.95 -1.46
CA TRP C 332 2.43 -14.10 -1.69
C TRP C 332 3.25 -13.37 -0.64
N MET C 333 2.77 -12.19 -0.21
CA MET C 333 3.48 -11.45 0.83
C MET C 333 3.47 -12.24 2.13
N VAL C 334 2.32 -12.80 2.50
CA VAL C 334 2.21 -13.57 3.74
C VAL C 334 3.11 -14.79 3.68
N GLN C 335 3.10 -15.48 2.54
CA GLN C 335 3.95 -16.66 2.38
C GLN C 335 5.41 -16.28 2.51
N THR C 336 5.79 -15.14 1.95
CA THR C 336 7.19 -14.74 1.95
C THR C 336 7.63 -14.34 3.34
N PHE C 337 6.81 -13.57 4.05
CA PHE C 337 7.15 -13.26 5.43
C PHE C 337 7.20 -14.52 6.30
N GLU C 338 6.33 -15.48 6.06
CA GLU C 338 6.38 -16.67 6.91
C GLU C 338 7.67 -17.46 6.69
N ARG C 339 8.28 -17.39 5.50
CA ARG C 339 9.60 -17.99 5.34
C ARG C 339 10.66 -17.28 6.16
N TYR C 340 10.56 -15.96 6.30
CA TYR C 340 11.51 -15.28 7.18
C TYR C 340 11.24 -15.60 8.64
N TRP C 341 9.95 -15.68 9.02
CA TRP C 341 9.62 -16.01 10.41
C TRP C 341 10.08 -17.42 10.75
N ALA C 342 10.11 -18.32 9.77
CA ALA C 342 10.59 -19.67 10.04
C ALA C 342 12.04 -19.65 10.50
N TYR C 343 12.82 -18.70 9.99
CA TYR C 343 14.17 -18.47 10.50
C TYR C 343 14.13 -17.74 11.84
N ALA C 344 13.43 -16.60 11.89
CA ALA C 344 13.59 -15.67 13.02
C ALA C 344 12.94 -16.16 14.31
N GLU C 345 11.97 -17.08 14.24
CA GLU C 345 11.20 -17.42 15.43
C GLU C 345 12.09 -17.82 16.60
N LYS C 346 13.05 -18.72 16.36
CA LYS C 346 13.91 -19.18 17.45
C LYS C 346 14.95 -18.12 17.83
N VAL C 347 15.33 -17.26 16.88
CA VAL C 347 16.23 -16.17 17.22
C VAL C 347 15.53 -15.17 18.14
N VAL C 348 14.27 -14.84 17.83
CA VAL C 348 13.49 -13.97 18.71
C VAL C 348 13.35 -14.62 20.08
N ALA C 349 13.08 -15.93 20.13
CA ALA C 349 12.87 -16.59 21.40
C ALA C 349 14.13 -16.54 22.25
N TRP C 350 15.30 -16.74 21.62
CA TRP C 350 16.56 -16.65 22.34
C TRP C 350 16.85 -15.23 22.83
N THR C 351 16.70 -14.24 21.95
CA THR C 351 16.91 -12.86 22.39
C THR C 351 15.94 -12.47 23.50
N ASN C 352 14.65 -12.84 23.34
CA ASN C 352 13.67 -12.54 24.38
C ASN C 352 14.10 -13.12 25.72
N SER C 353 14.66 -14.33 25.69
CA SER C 353 15.01 -15.00 26.94
C SER C 353 16.09 -14.22 27.69
N LEU C 354 16.99 -13.56 26.97
CA LEU C 354 18.08 -12.81 27.60
C LEU C 354 17.62 -11.47 28.16
N LEU C 355 16.40 -11.02 27.83
CA LEU C 355 15.89 -9.80 28.40
C LEU C 355 15.29 -10.03 29.79
N LEU C 356 14.96 -11.25 30.09
CA LEU C 356 14.34 -11.72 31.32
C LEU C 356 15.38 -12.38 32.20
N PRO C 357 15.10 -12.54 33.49
CA PRO C 357 16.05 -13.26 34.34
C PRO C 357 16.24 -14.67 33.80
N PRO C 358 17.48 -15.15 33.80
CA PRO C 358 17.77 -16.45 33.24
C PRO C 358 17.08 -17.57 34.01
N GLU C 359 16.66 -18.60 33.28
CA GLU C 359 16.17 -19.81 33.91
C GLU C 359 17.32 -20.56 34.58
N PRO C 360 17.01 -21.43 35.56
CA PRO C 360 18.09 -22.17 36.23
C PRO C 360 18.95 -23.00 35.29
N HIS C 361 18.39 -23.61 34.24
CA HIS C 361 19.24 -24.39 33.35
C HIS C 361 20.14 -23.51 32.50
N VAL C 362 19.72 -22.27 32.21
CA VAL C 362 20.58 -21.35 31.46
C VAL C 362 21.75 -20.90 32.32
N VAL C 363 21.49 -20.67 33.61
CA VAL C 363 22.57 -20.31 34.51
C VAL C 363 23.59 -21.44 34.59
N GLU C 364 23.10 -22.69 34.63
CA GLU C 364 23.98 -23.85 34.64
C GLU C 364 24.75 -23.98 33.34
N LEU C 365 24.08 -23.72 32.21
CA LEU C 365 24.74 -23.85 30.91
C LEU C 365 25.84 -22.81 30.75
N LEU C 366 25.56 -21.56 31.12
CA LEU C 366 26.56 -20.50 30.98
C LEU C 366 27.76 -20.74 31.89
N ALA C 367 27.51 -21.27 33.09
CA ALA C 367 28.61 -21.59 34.00
C ALA C 367 29.44 -22.76 33.48
N ALA C 368 28.79 -23.75 32.87
CA ALA C 368 29.52 -24.91 32.36
C ALA C 368 30.49 -24.49 31.27
N ALA C 369 30.14 -23.44 30.52
CA ALA C 369 31.03 -22.95 29.48
C ALA C 369 32.33 -22.41 30.06
N SER C 370 32.32 -21.98 31.33
CA SER C 370 33.57 -21.48 31.90
C SER C 370 34.52 -22.60 32.29
N GLN C 371 34.05 -23.84 32.37
CA GLN C 371 34.92 -24.96 32.67
C GLN C 371 35.08 -25.95 31.52
N ASN C 372 34.43 -25.73 30.39
CA ASN C 372 34.47 -26.64 29.25
C ASN C 372 34.55 -25.80 27.99
N GLN C 373 35.75 -25.68 27.43
CA GLN C 373 35.93 -24.82 26.26
C GLN C 373 35.10 -25.28 25.07
N SER C 374 34.80 -26.58 24.96
CA SER C 374 33.96 -27.03 23.85
C SER C 374 32.57 -26.40 23.94
N ILE C 375 32.04 -26.27 25.15
CA ILE C 375 30.75 -25.60 25.32
C ILE C 375 30.87 -24.12 25.01
N ALA C 376 31.96 -23.48 25.45
CA ALA C 376 32.12 -22.06 25.13
C ALA C 376 32.18 -21.87 23.62
N SER C 377 32.83 -22.78 22.91
CA SER C 377 32.94 -22.61 21.47
C SER C 377 31.59 -22.74 20.76
N ILE C 378 30.76 -23.69 21.21
CA ILE C 378 29.42 -23.84 20.63
C ILE C 378 28.58 -22.60 20.87
N MET C 379 28.63 -22.08 22.09
CA MET C 379 27.88 -20.88 22.45
C MET C 379 28.31 -19.69 21.60
N ALA C 380 29.62 -19.47 21.47
CA ALA C 380 30.10 -18.35 20.67
C ALA C 380 29.66 -18.50 19.22
N ASN C 381 29.82 -19.68 18.65
CA ASN C 381 29.56 -19.81 17.23
C ASN C 381 28.08 -19.84 16.91
N ASN C 382 27.24 -20.10 17.91
CA ASN C 382 25.80 -19.99 17.68
C ASN C 382 25.35 -18.55 17.50
N PHE C 383 26.21 -17.56 17.74
CA PHE C 383 25.79 -16.20 17.41
C PHE C 383 25.62 -16.04 15.90
N ASP C 384 26.22 -16.91 15.11
CA ASP C 384 26.08 -16.82 13.66
C ASP C 384 24.72 -17.32 13.20
N ASP C 385 24.05 -18.14 14.03
CA ASP C 385 22.73 -18.72 13.74
C ASP C 385 22.11 -19.18 15.04
N PRO C 386 21.45 -18.27 15.77
CA PRO C 386 20.95 -18.61 17.10
C PRO C 386 19.84 -19.67 17.12
N ARG C 387 19.35 -20.13 15.96
CA ARG C 387 18.43 -21.27 15.96
C ARG C 387 19.06 -22.49 16.61
N ALA C 388 20.39 -22.59 16.60
CA ALA C 388 21.09 -23.74 17.15
C ALA C 388 21.03 -23.81 18.67
N PHE C 389 20.65 -22.72 19.36
CA PHE C 389 20.44 -22.82 20.80
C PHE C 389 19.24 -23.68 21.13
N ALA C 390 18.28 -23.76 20.21
CA ALA C 390 17.14 -24.64 20.41
C ALA C 390 17.56 -26.10 20.19
N PRO C 391 17.08 -27.03 21.02
CA PRO C 391 16.14 -26.85 22.12
C PRO C 391 16.80 -26.74 23.49
N TRP C 392 18.09 -27.04 23.63
CA TRP C 392 18.65 -27.19 24.97
C TRP C 392 18.68 -25.88 25.75
N TRP C 393 18.61 -24.72 25.06
CA TRP C 393 18.56 -23.46 25.77
C TRP C 393 17.20 -23.22 26.44
N PHE C 394 16.15 -23.87 25.96
CA PHE C 394 14.81 -23.55 26.45
C PHE C 394 14.20 -24.65 27.31
N ASP C 395 14.67 -25.87 27.20
CA ASP C 395 14.11 -27.03 27.88
C ASP C 395 15.11 -27.52 28.93
N ALA C 396 14.72 -27.44 30.21
CA ALA C 396 15.64 -27.83 31.27
C ALA C 396 16.11 -29.28 31.12
N ASP C 397 15.25 -30.16 30.62
CA ASP C 397 15.64 -31.56 30.45
C ASP C 397 16.58 -31.74 29.26
N GLN C 398 16.34 -31.01 28.17
CA GLN C 398 17.29 -31.01 27.07
C GLN C 398 18.62 -30.40 27.49
N ALA C 399 18.58 -29.38 28.35
CA ALA C 399 19.82 -28.77 28.79
C ALA C 399 20.65 -29.74 29.61
N GLN C 400 20.00 -30.56 30.42
CA GLN C 400 20.75 -31.57 31.17
C GLN C 400 21.34 -32.61 30.24
N ALA C 401 20.62 -32.96 29.17
CA ALA C 401 21.12 -33.95 28.23
C ALA C 401 22.35 -33.42 27.49
N PHE C 402 22.30 -32.13 27.14
CA PHE C 402 23.43 -31.45 26.53
C PHE C 402 24.63 -31.46 27.46
N LEU C 403 24.44 -31.04 28.72
CA LEU C 403 25.56 -30.96 29.64
C LEU C 403 26.18 -32.32 29.90
N ALA C 404 25.35 -33.38 29.97
CA ALA C 404 25.90 -34.70 30.26
C ALA C 404 26.73 -35.25 29.10
N SER C 405 26.30 -35.00 27.86
CA SER C 405 27.06 -35.48 26.71
C SER C 405 28.39 -34.74 26.56
N LYS C 406 28.44 -33.47 26.95
CA LYS C 406 29.71 -32.75 26.94
C LYS C 406 30.61 -33.17 28.09
N ASN C 407 30.05 -33.70 29.17
CA ASN C 407 30.86 -34.05 30.33
C ASN C 407 31.56 -35.39 30.14
N THR C 408 30.86 -36.38 29.56
CA THR C 408 31.54 -37.61 29.17
C THR C 408 32.56 -37.37 28.07
N ALA C 409 32.31 -36.38 27.19
CA ALA C 409 33.29 -36.05 26.16
C ALA C 409 34.57 -35.49 26.78
N LYS C 410 34.47 -34.83 27.93
CA LYS C 410 35.65 -34.39 28.66
C LYS C 410 36.16 -35.51 29.55
N VAL C 411 37.48 -35.66 29.61
CA VAL C 411 38.14 -36.74 30.36
C VAL C 411 37.54 -38.10 30.00
N MET D 1 25.29 30.68 -16.55
CA MET D 1 25.07 29.28 -16.07
C MET D 1 25.97 28.35 -16.88
N ARG D 2 25.82 27.05 -16.67
CA ARG D 2 26.59 26.11 -17.46
C ARG D 2 26.27 26.30 -18.94
N ARG D 3 27.30 26.50 -19.76
CA ARG D 3 27.15 26.72 -21.19
C ARG D 3 27.34 25.40 -21.93
N ILE D 4 26.25 24.87 -22.50
CA ILE D 4 26.28 23.60 -23.21
C ILE D 4 25.72 23.82 -24.61
N ALA D 5 26.40 23.28 -25.61
CA ALA D 5 25.96 23.36 -26.99
C ALA D 5 25.71 21.96 -27.54
N ILE D 6 24.58 21.79 -28.22
CA ILE D 6 24.17 20.51 -28.79
C ILE D 6 24.06 20.69 -30.29
N VAL D 7 24.77 19.86 -31.05
CA VAL D 7 24.86 20.01 -32.49
C VAL D 7 24.10 18.85 -33.12
N GLY D 8 23.04 19.18 -33.86
CA GLY D 8 22.18 18.18 -34.44
C GLY D 8 20.86 18.03 -33.70
N ALA D 9 19.77 18.51 -34.29
CA ALA D 9 18.52 18.57 -33.54
C ALA D 9 17.63 17.38 -33.88
N GLY D 10 18.08 16.21 -33.44
CA GLY D 10 17.34 14.97 -33.54
C GLY D 10 16.74 14.56 -32.21
N GLN D 11 16.47 13.26 -32.08
CA GLN D 11 15.73 12.80 -30.91
C GLN D 11 16.54 12.98 -29.62
N SER D 12 17.76 12.45 -29.60
CA SER D 12 18.52 12.50 -28.35
C SER D 12 18.94 13.92 -28.02
N GLY D 13 19.34 14.69 -29.03
CA GLY D 13 19.85 16.03 -28.77
C GLY D 13 18.78 16.98 -28.28
N LEU D 14 17.60 16.96 -28.92
CA LEU D 14 16.52 17.84 -28.48
C LEU D 14 15.96 17.40 -27.14
N GLN D 15 15.79 16.09 -26.93
CA GLN D 15 15.26 15.66 -25.65
C GLN D 15 16.19 16.05 -24.51
N LEU D 16 17.49 15.88 -24.71
CA LEU D 16 18.46 16.31 -23.71
C LEU D 16 18.43 17.82 -23.54
N GLY D 17 18.38 18.55 -24.65
CA GLY D 17 18.43 20.00 -24.55
C GLY D 17 17.20 20.58 -23.89
N LEU D 18 16.04 20.00 -24.16
CA LEU D 18 14.82 20.50 -23.49
C LEU D 18 14.90 20.23 -21.98
N GLY D 19 15.43 19.07 -21.58
CA GLY D 19 15.52 18.79 -20.16
C GLY D 19 16.53 19.69 -19.47
N LEU D 20 17.64 19.99 -20.16
CA LEU D 20 18.66 20.88 -19.60
C LEU D 20 18.14 22.32 -19.49
N LEU D 21 17.37 22.77 -20.48
CA LEU D 21 16.82 24.12 -20.41
C LEU D 21 15.89 24.26 -19.22
N ASP D 22 15.18 23.20 -18.87
CA ASP D 22 14.17 23.27 -17.78
C ASP D 22 14.85 23.05 -16.43
N THR D 23 16.16 22.81 -16.42
CA THR D 23 16.92 22.58 -15.21
C THR D 23 17.78 23.78 -14.84
N GLY D 24 17.90 24.76 -15.71
CA GLY D 24 18.72 25.93 -15.46
C GLY D 24 20.03 25.98 -16.21
N TYR D 25 20.20 25.16 -17.24
CA TYR D 25 21.38 25.20 -18.09
C TYR D 25 21.21 26.20 -19.23
N ASP D 26 22.32 26.79 -19.64
CA ASP D 26 22.35 27.67 -20.82
C ASP D 26 22.62 26.81 -22.04
N VAL D 27 21.55 26.46 -22.77
CA VAL D 27 21.64 25.50 -23.86
C VAL D 27 21.44 26.23 -25.18
N THR D 28 22.29 25.91 -26.14
CA THR D 28 22.17 26.36 -27.51
C THR D 28 22.11 25.11 -28.39
N MET D 29 21.08 25.04 -29.25
CA MET D 29 20.96 24.02 -30.28
C MET D 29 21.51 24.55 -31.60
N ILE D 30 22.42 23.79 -32.20
CA ILE D 30 22.98 24.12 -33.51
C ILE D 30 22.58 23.00 -34.46
N THR D 31 21.93 23.35 -35.57
CA THR D 31 21.50 22.34 -36.52
C THR D 31 21.43 22.96 -37.91
N ASN D 32 21.42 22.11 -38.93
CA ASN D 32 21.64 22.57 -40.29
C ASN D 32 20.35 22.88 -41.05
N ARG D 33 19.22 22.34 -40.64
CA ARG D 33 17.94 22.64 -41.27
C ARG D 33 17.02 23.35 -40.30
N THR D 34 16.22 24.28 -40.80
CA THR D 34 15.24 24.91 -39.93
C THR D 34 14.05 23.97 -39.71
N ALA D 35 13.21 24.34 -38.77
CA ALA D 35 12.06 23.51 -38.45
C ALA D 35 11.14 23.36 -39.65
N ASP D 36 10.97 24.43 -40.43
CA ASP D 36 10.09 24.33 -41.60
C ASP D 36 10.70 23.46 -42.70
N GLU D 37 12.02 23.51 -42.88
CA GLU D 37 12.63 22.64 -43.88
C GLU D 37 12.50 21.17 -43.50
N ILE D 38 12.54 20.86 -42.20
CA ILE D 38 12.31 19.48 -41.80
C ILE D 38 10.87 19.08 -42.06
N ARG D 39 9.93 19.98 -41.78
CA ARG D 39 8.53 19.69 -42.03
C ARG D 39 8.27 19.41 -43.50
N GLN D 40 8.96 20.12 -44.38
CA GLN D 40 8.73 20.00 -45.81
C GLN D 40 9.65 18.99 -46.50
N GLY D 41 10.50 18.30 -45.75
CA GLY D 41 11.44 17.36 -46.31
C GLY D 41 10.93 15.93 -46.34
N LYS D 42 11.86 15.00 -46.54
CA LYS D 42 11.64 13.56 -46.57
C LYS D 42 11.58 12.96 -45.16
N VAL D 43 10.93 11.79 -45.07
CA VAL D 43 10.92 11.03 -43.82
C VAL D 43 12.31 10.52 -43.51
N MET D 44 12.55 10.25 -42.21
CA MET D 44 13.92 9.90 -41.78
C MET D 44 13.97 8.62 -40.95
N SER D 45 12.82 8.10 -40.54
CA SER D 45 12.81 6.93 -39.63
C SER D 45 11.45 6.25 -39.55
N SER D 46 11.39 5.07 -38.92
CA SER D 46 10.10 4.44 -38.64
C SER D 46 9.82 4.71 -37.15
N GLN D 47 10.83 5.16 -36.42
CA GLN D 47 10.67 5.65 -35.02
C GLN D 47 9.57 4.97 -34.18
N CYS D 48 9.59 3.66 -34.07
CA CYS D 48 8.65 2.98 -33.18
C CYS D 48 9.21 2.99 -31.75
N MET D 49 8.64 3.84 -30.88
CA MET D 49 9.13 3.98 -29.50
C MET D 49 8.28 3.21 -28.50
N PHE D 50 8.93 2.36 -27.72
CA PHE D 50 8.21 1.54 -26.76
C PHE D 50 8.02 2.31 -25.46
N HIS D 51 7.31 1.66 -24.52
CA HIS D 51 6.77 2.35 -23.37
C HIS D 51 7.83 3.04 -22.54
N THR D 52 8.96 2.35 -22.27
CA THR D 52 9.97 2.98 -21.42
C THR D 52 10.49 4.26 -22.07
N ALA D 53 10.77 4.20 -23.37
CA ALA D 53 11.22 5.40 -24.07
C ALA D 53 10.13 6.46 -24.13
N LEU D 54 8.88 6.05 -24.37
CA LEU D 54 7.79 7.02 -24.36
C LEU D 54 7.69 7.72 -23.02
N GLN D 55 7.88 6.96 -21.94
CA GLN D 55 7.75 7.50 -20.61
C GLN D 55 8.84 8.53 -20.30
N THR D 56 10.03 8.40 -20.91
CA THR D 56 11.04 9.45 -20.71
C THR D 56 10.57 10.78 -21.30
N GLU D 57 9.85 10.74 -22.42
CA GLU D 57 9.27 11.97 -22.97
C GLU D 57 8.12 12.46 -22.10
N ARG D 58 7.28 11.55 -21.61
CA ARG D 58 6.13 11.95 -20.81
C ARG D 58 6.58 12.69 -19.57
N ASP D 59 7.66 12.21 -18.96
CA ASP D 59 8.17 12.80 -17.74
C ASP D 59 8.73 14.20 -17.96
N LEU D 60 9.15 14.53 -19.17
CA LEU D 60 9.53 15.89 -19.52
C LEU D 60 8.38 16.73 -20.05
N GLY D 61 7.17 16.17 -20.13
CA GLY D 61 6.07 16.91 -20.71
C GLY D 61 6.19 17.12 -22.20
N LEU D 62 6.87 16.22 -22.90
CA LEU D 62 7.14 16.36 -24.33
C LEU D 62 6.34 15.40 -25.19
N ASN D 63 5.40 14.69 -24.60
CA ASN D 63 4.55 13.75 -25.34
C ASN D 63 3.36 14.49 -25.96
N PHE D 64 3.68 15.41 -26.87
CA PHE D 64 2.69 16.35 -27.37
C PHE D 64 1.67 15.68 -28.29
N TRP D 65 1.96 14.48 -28.78
CA TRP D 65 1.09 13.83 -29.75
C TRP D 65 0.47 12.54 -29.23
N GLU D 66 0.52 12.29 -27.93
CA GLU D 66 0.04 10.99 -27.45
C GLU D 66 -1.44 10.78 -27.78
N GLU D 67 -2.24 11.85 -27.71
CA GLU D 67 -3.66 11.79 -28.07
C GLU D 67 -3.87 11.59 -29.55
N GLN D 68 -3.00 12.16 -30.38
CA GLN D 68 -3.22 12.15 -31.82
C GLN D 68 -2.64 10.91 -32.51
N CYS D 69 -1.71 10.23 -31.88
CA CYS D 69 -0.96 9.15 -32.50
C CYS D 69 -1.64 7.80 -32.21
N PRO D 70 -1.88 6.97 -33.22
CA PRO D 70 -2.39 5.62 -32.95
C PRO D 70 -1.40 4.81 -32.11
N ALA D 71 -1.94 3.97 -31.23
CA ALA D 71 -1.11 3.06 -30.45
C ALA D 71 -0.65 1.86 -31.28
N VAL D 72 0.58 1.43 -31.04
CA VAL D 72 1.07 0.13 -31.49
C VAL D 72 0.87 -0.81 -30.30
N GLU D 73 -0.12 -1.72 -30.40
CA GLU D 73 -0.58 -2.44 -29.22
C GLU D 73 0.10 -3.79 -28.99
N GLY D 74 0.96 -4.23 -29.91
CA GLY D 74 1.55 -5.55 -29.76
C GLY D 74 2.64 -5.81 -30.78
N ILE D 75 3.18 -7.03 -30.70
CA ILE D 75 4.18 -7.56 -31.62
C ILE D 75 3.66 -8.86 -32.20
N GLY D 76 3.82 -9.03 -33.51
CA GLY D 76 3.54 -10.31 -34.15
C GLY D 76 4.74 -10.75 -34.94
N LEU D 77 4.87 -12.06 -35.10
CA LEU D 77 5.99 -12.63 -35.83
C LEU D 77 5.46 -13.75 -36.71
N ALA D 78 5.89 -13.76 -37.95
CA ALA D 78 5.66 -14.89 -38.85
C ALA D 78 6.96 -15.28 -39.52
N LEU D 79 7.19 -16.58 -39.67
CA LEU D 79 8.38 -17.12 -40.31
C LEU D 79 7.99 -17.70 -41.68
N VAL D 80 8.64 -17.22 -42.73
CA VAL D 80 8.36 -17.66 -44.09
C VAL D 80 9.53 -18.55 -44.51
N ASN D 81 9.35 -19.86 -44.38
CA ASN D 81 10.40 -20.80 -44.69
C ASN D 81 10.66 -20.83 -46.20
N PRO D 82 11.89 -21.15 -46.62
CA PRO D 82 12.27 -20.93 -48.02
C PRO D 82 11.42 -21.77 -48.96
N GLU D 83 11.18 -21.21 -50.15
CA GLU D 83 10.27 -21.80 -51.13
C GLU D 83 8.88 -21.93 -50.54
N ASN D 84 7.93 -22.48 -51.33
CA ASN D 84 6.56 -22.67 -50.90
C ASN D 84 5.86 -21.33 -50.59
N GLY D 85 6.63 -20.33 -50.16
CA GLY D 85 6.08 -19.00 -49.90
C GLY D 85 5.17 -18.96 -48.69
N ALA D 86 5.12 -20.03 -47.92
CA ALA D 86 4.10 -20.25 -46.92
C ALA D 86 4.54 -19.77 -45.54
N LYS D 87 3.55 -19.45 -44.72
CA LYS D 87 3.79 -19.05 -43.34
C LYS D 87 4.05 -20.30 -42.52
N ALA D 88 5.32 -20.50 -42.13
CA ALA D 88 5.68 -21.70 -41.37
C ALA D 88 5.00 -21.72 -40.01
N PHE D 89 5.02 -20.58 -39.32
CA PHE D 89 4.27 -20.44 -38.08
C PHE D 89 4.05 -18.95 -37.86
N GLU D 90 3.15 -18.65 -36.93
CA GLU D 90 2.97 -17.26 -36.57
C GLU D 90 2.53 -17.18 -35.13
N TRP D 91 2.77 -16.02 -34.53
CA TRP D 91 2.18 -15.71 -33.24
C TRP D 91 2.08 -14.20 -33.13
N SER D 92 1.33 -13.77 -32.12
CA SER D 92 1.31 -12.38 -31.75
C SER D 92 0.94 -12.27 -30.28
N ALA D 93 1.32 -11.15 -29.68
CA ALA D 93 0.99 -10.91 -28.29
C ALA D 93 0.92 -9.41 -28.07
N ARG D 94 0.03 -9.01 -27.17
CA ARG D 94 -0.10 -7.62 -26.78
C ARG D 94 1.14 -7.18 -26.01
N LEU D 95 1.53 -5.93 -26.26
CA LEU D 95 2.41 -5.22 -25.33
C LEU D 95 1.64 -4.89 -24.06
N GLU D 96 2.29 -4.99 -22.90
CA GLU D 96 1.61 -4.57 -21.69
C GLU D 96 1.30 -3.08 -21.71
N ARG D 97 2.18 -2.30 -22.30
CA ARG D 97 2.02 -0.88 -22.51
C ARG D 97 2.34 -0.59 -23.96
N TYR D 98 1.55 0.25 -24.61
CA TYR D 98 1.70 0.42 -26.04
C TYR D 98 2.93 1.23 -26.43
N ALA D 99 3.34 1.02 -27.68
CA ALA D 99 4.34 1.83 -28.37
C ALA D 99 3.65 2.87 -29.25
N GLN D 100 4.41 3.89 -29.64
CA GLN D 100 3.90 4.91 -30.56
C GLN D 100 5.01 5.34 -31.49
N SER D 101 4.63 5.67 -32.72
CA SER D 101 5.57 6.13 -33.74
C SER D 101 5.12 7.49 -34.28
N VAL D 102 5.79 8.55 -33.82
CA VAL D 102 5.49 9.92 -34.23
C VAL D 102 6.57 10.36 -35.20
N ASP D 103 6.17 10.70 -36.43
CA ASP D 103 7.10 11.05 -37.49
C ASP D 103 8.04 12.14 -37.02
N GLN D 104 9.34 11.97 -37.31
CA GLN D 104 10.27 13.00 -36.90
C GLN D 104 10.00 14.32 -37.60
N ARG D 105 9.38 14.28 -38.79
CA ARG D 105 8.96 15.52 -39.43
C ARG D 105 7.92 16.28 -38.61
N VAL D 106 7.22 15.58 -37.72
CA VAL D 106 6.29 16.25 -36.81
C VAL D 106 6.98 16.62 -35.51
N LYS D 107 7.72 15.67 -34.91
CA LYS D 107 8.22 15.85 -33.56
C LYS D 107 9.36 16.88 -33.52
N MET D 108 10.38 16.71 -34.36
CA MET D 108 11.55 17.57 -34.28
C MET D 108 11.23 19.05 -34.51
N PRO D 109 10.51 19.43 -35.57
CA PRO D 109 10.22 20.87 -35.74
C PRO D 109 9.46 21.48 -34.58
N TYR D 110 8.53 20.74 -33.98
CA TYR D 110 7.78 21.27 -32.85
C TYR D 110 8.66 21.35 -31.62
N TRP D 111 9.51 20.34 -31.41
CA TRP D 111 10.42 20.38 -30.27
C TRP D 111 11.41 21.54 -30.41
N MET D 112 11.84 21.83 -31.63
CA MET D 112 12.72 22.99 -31.82
C MET D 112 11.97 24.28 -31.52
N GLU D 113 10.73 24.40 -31.98
CA GLU D 113 9.97 25.61 -31.68
C GLU D 113 9.74 25.72 -30.17
N GLU D 114 9.50 24.57 -29.52
CA GLU D 114 9.34 24.55 -28.07
C GLU D 114 10.62 24.95 -27.37
N PHE D 115 11.76 24.52 -27.90
CA PHE D 115 13.04 24.89 -27.33
C PHE D 115 13.22 26.41 -27.34
N GLU D 116 12.94 27.05 -28.48
CA GLU D 116 12.98 28.50 -28.55
C GLU D 116 11.96 29.15 -27.64
N ARG D 117 10.76 28.55 -27.53
CA ARG D 117 9.67 29.19 -26.74
C ARG D 117 10.09 29.27 -25.28
N ARG D 118 10.87 28.31 -24.82
CA ARG D 118 11.32 28.28 -23.41
C ARG D 118 12.63 29.06 -23.29
N GLY D 119 12.86 30.03 -24.16
CA GLY D 119 14.05 30.89 -24.04
C GLY D 119 15.34 30.23 -24.47
N GLY D 120 15.29 29.05 -25.07
CA GLY D 120 16.53 28.45 -25.61
C GLY D 120 17.00 29.18 -26.85
N GLN D 121 18.30 29.13 -27.15
CA GLN D 121 18.80 29.74 -28.38
C GLN D 121 19.01 28.66 -29.44
N LEU D 122 18.58 28.97 -30.66
CA LEU D 122 18.63 28.04 -31.77
C LEU D 122 19.40 28.67 -32.91
N VAL D 123 20.51 28.06 -33.29
CA VAL D 123 21.37 28.54 -34.37
C VAL D 123 21.31 27.54 -35.51
N ILE D 124 21.21 28.04 -36.74
CA ILE D 124 21.11 27.20 -37.93
C ILE D 124 22.37 27.39 -38.77
N GLN D 125 23.17 26.34 -38.89
CA GLN D 125 24.15 26.23 -39.96
C GLN D 125 24.68 24.80 -40.01
N ASP D 126 25.18 24.43 -41.19
CA ASP D 126 25.92 23.18 -41.30
C ASP D 126 27.20 23.28 -40.48
N ALA D 127 27.53 22.19 -39.78
CA ALA D 127 28.64 22.22 -38.83
C ALA D 127 29.67 21.17 -39.24
N GLY D 128 30.79 21.63 -39.77
CA GLY D 128 31.96 20.81 -39.98
C GLY D 128 32.96 20.98 -38.86
N ILE D 129 34.18 20.50 -39.11
CA ILE D 129 35.21 20.54 -38.08
C ILE D 129 35.54 21.98 -37.69
N GLU D 130 35.54 22.90 -38.65
CA GLU D 130 35.83 24.28 -38.30
C GLU D 130 34.74 24.88 -37.42
N GLU D 131 33.48 24.57 -37.71
CA GLU D 131 32.39 25.09 -36.87
C GLU D 131 32.44 24.49 -35.48
N LEU D 132 32.82 23.21 -35.38
CA LEU D 132 32.96 22.57 -34.07
C LEU D 132 34.09 23.21 -33.27
N GLU D 133 35.16 23.63 -33.94
CA GLU D 133 36.24 24.31 -33.24
C GLU D 133 35.76 25.61 -32.62
N GLN D 134 34.94 26.37 -33.34
CA GLN D 134 34.43 27.61 -32.80
C GLN D 134 33.47 27.36 -31.64
N LEU D 135 32.66 26.30 -31.72
CA LEU D 135 31.78 26.00 -30.60
C LEU D 135 32.59 25.62 -29.36
N ALA D 136 33.63 24.81 -29.54
CA ALA D 136 34.41 24.35 -28.39
C ALA D 136 35.10 25.51 -27.69
N ASN D 137 35.39 26.59 -28.41
CA ASN D 137 35.96 27.78 -27.77
C ASN D 137 34.98 28.49 -26.85
N ASP D 138 33.67 28.41 -27.13
CA ASP D 138 32.73 29.22 -26.37
C ASP D 138 31.75 28.45 -25.49
N TYR D 139 31.86 27.13 -25.43
CA TYR D 139 30.98 26.33 -24.59
C TYR D 139 31.78 25.34 -23.76
N GLU D 140 31.36 25.15 -22.50
CA GLU D 140 32.01 24.19 -21.61
C GLU D 140 31.87 22.75 -22.09
N LEU D 141 30.79 22.46 -22.82
CA LEU D 141 30.58 21.13 -23.37
C LEU D 141 29.89 21.28 -24.71
N VAL D 142 30.35 20.53 -25.69
CA VAL D 142 29.74 20.48 -27.02
C VAL D 142 29.38 19.03 -27.30
N LEU D 143 28.10 18.76 -27.49
CA LEU D 143 27.65 17.41 -27.78
C LEU D 143 27.30 17.29 -29.25
N LEU D 144 27.70 16.19 -29.85
CA LEU D 144 27.46 15.94 -31.27
C LEU D 144 26.38 14.88 -31.36
N ALA D 145 25.16 15.31 -31.66
CA ALA D 145 24.03 14.40 -31.82
C ALA D 145 23.53 14.38 -33.26
N ALA D 146 24.46 14.50 -34.21
CA ALA D 146 24.14 14.71 -35.62
C ALA D 146 23.71 13.42 -36.32
N GLY D 147 23.57 12.32 -35.59
CA GLY D 147 23.03 11.10 -36.15
C GLY D 147 23.92 10.49 -37.20
N LYS D 148 23.41 10.40 -38.44
CA LYS D 148 24.20 10.00 -39.58
C LYS D 148 24.61 11.20 -40.42
N GLY D 149 25.08 12.26 -39.77
CA GLY D 149 25.50 13.46 -40.47
C GLY D 149 26.91 13.33 -41.00
N GLU D 150 27.43 14.46 -41.49
CA GLU D 150 28.76 14.46 -42.09
C GLU D 150 29.84 14.12 -41.05
N VAL D 151 29.80 14.78 -39.90
CA VAL D 151 30.95 14.75 -38.99
C VAL D 151 31.08 13.44 -38.20
N VAL D 152 30.03 12.63 -38.11
CA VAL D 152 30.09 11.44 -37.26
C VAL D 152 31.11 10.44 -37.75
N LYS D 153 31.55 10.55 -39.01
CA LYS D 153 32.67 9.73 -39.48
C LYS D 153 33.94 10.03 -38.69
N GLN D 154 34.08 11.26 -38.20
CA GLN D 154 35.33 11.67 -37.57
C GLN D 154 35.56 11.01 -36.22
N PHE D 155 34.53 10.43 -35.60
CA PHE D 155 34.74 9.64 -34.39
C PHE D 155 35.39 8.32 -34.77
N GLU D 156 36.35 7.88 -33.95
CA GLU D 156 37.08 6.65 -34.24
C GLU D 156 36.17 5.43 -34.14
N ARG D 157 36.31 4.53 -35.10
CA ARG D 157 35.57 3.28 -35.09
C ARG D 157 36.11 2.38 -33.98
N ASP D 158 35.21 1.71 -33.28
CA ASP D 158 35.57 0.80 -32.18
C ASP D 158 35.53 -0.62 -32.73
N GLY D 159 36.69 -1.13 -33.15
CA GLY D 159 36.74 -2.45 -33.74
C GLY D 159 36.52 -3.56 -32.73
N ALA D 160 36.80 -3.29 -31.46
CA ALA D 160 36.47 -4.26 -30.42
C ALA D 160 34.97 -4.45 -30.26
N ARG D 161 34.18 -3.41 -30.55
CA ARG D 161 32.75 -3.50 -30.33
C ARG D 161 31.93 -3.52 -31.61
N SER D 162 32.52 -3.26 -32.76
CA SER D 162 31.81 -3.31 -34.03
C SER D 162 31.98 -4.69 -34.64
N VAL D 163 30.93 -5.51 -34.57
CA VAL D 163 30.98 -6.85 -35.12
C VAL D 163 30.94 -6.84 -36.65
N PHE D 164 30.46 -5.76 -37.25
CA PHE D 164 30.21 -5.73 -38.69
C PHE D 164 31.02 -4.62 -39.36
N ASP D 165 31.51 -4.93 -40.56
CA ASP D 165 32.27 -4.00 -41.40
C ASP D 165 31.40 -3.30 -42.44
N LYS D 166 30.43 -3.98 -42.99
CA LYS D 166 29.65 -3.54 -44.13
C LYS D 166 28.17 -3.64 -43.79
N PRO D 167 27.32 -2.91 -44.49
CA PRO D 167 25.89 -2.94 -44.16
C PRO D 167 25.33 -4.35 -44.26
N GLN D 168 24.44 -4.69 -43.32
CA GLN D 168 23.87 -6.03 -43.23
C GLN D 168 22.47 -6.12 -43.82
N ARG D 169 21.82 -4.99 -44.09
CA ARG D 169 20.48 -4.98 -44.70
C ARG D 169 20.34 -3.72 -45.55
N ALA D 170 19.64 -3.85 -46.67
CA ALA D 170 19.17 -2.70 -47.43
C ALA D 170 17.82 -2.28 -46.87
N LEU D 171 17.72 -1.03 -46.42
CA LEU D 171 16.53 -0.53 -45.73
C LEU D 171 15.65 0.26 -46.68
N ALA D 172 14.34 0.12 -46.52
CA ALA D 172 13.38 0.97 -47.21
C ALA D 172 12.17 1.21 -46.32
N LEU D 173 11.70 2.46 -46.30
CA LEU D 173 10.51 2.88 -45.58
C LEU D 173 9.48 3.42 -46.55
N THR D 174 8.21 3.10 -46.34
CA THR D 174 7.14 3.70 -47.13
C THR D 174 5.99 4.06 -46.20
N TYR D 175 5.64 5.35 -46.17
CA TYR D 175 4.51 5.84 -45.37
C TYR D 175 3.25 5.81 -46.25
N VAL D 176 2.25 5.07 -45.81
CA VAL D 176 1.05 4.91 -46.65
C VAL D 176 -0.23 5.21 -45.90
N LYS D 177 -1.26 5.61 -46.64
CA LYS D 177 -2.59 5.80 -46.04
C LYS D 177 -3.50 4.67 -46.55
N ASN D 178 -4.59 4.39 -45.85
CA ASN D 178 -5.62 3.42 -46.32
C ASN D 178 -5.17 1.96 -46.20
N MET D 179 -4.15 1.70 -45.39
CA MET D 179 -3.83 0.27 -45.15
C MET D 179 -4.90 -0.30 -44.23
N LYS D 180 -5.30 -1.53 -44.50
CA LYS D 180 -6.32 -2.17 -43.66
C LYS D 180 -5.71 -2.40 -42.27
N PRO D 181 -6.46 -2.09 -41.20
CA PRO D 181 -5.99 -2.39 -39.85
C PRO D 181 -6.15 -3.87 -39.54
N ILE D 182 -5.42 -4.31 -38.52
CA ILE D 182 -5.53 -5.67 -38.03
C ILE D 182 -6.37 -5.67 -36.76
N SER D 183 -7.39 -6.51 -36.73
CA SER D 183 -8.25 -6.72 -35.56
C SER D 183 -7.76 -7.92 -34.77
N PRO D 184 -7.88 -7.89 -33.42
CA PRO D 184 -8.52 -6.87 -32.60
C PRO D 184 -7.53 -5.91 -31.97
N TYR D 185 -6.25 -5.99 -32.29
CA TYR D 185 -5.30 -5.01 -31.78
C TYR D 185 -4.17 -4.81 -32.78
N SER D 186 -3.64 -3.58 -32.81
CA SER D 186 -2.56 -3.31 -33.74
C SER D 186 -1.27 -3.96 -33.27
N ARG D 187 -0.43 -4.34 -34.22
CA ARG D 187 0.85 -4.94 -33.86
C ARG D 187 1.87 -4.64 -34.94
N VAL D 188 3.15 -4.61 -34.53
CA VAL D 188 4.24 -4.70 -35.49
C VAL D 188 4.18 -6.07 -36.15
N THR D 189 3.92 -6.11 -37.44
CA THR D 189 3.79 -7.40 -38.12
C THR D 189 5.12 -7.86 -38.69
N PHE D 190 5.98 -8.37 -37.80
CA PHE D 190 7.27 -8.88 -38.23
C PHE D 190 7.11 -10.11 -39.12
N ASN D 191 7.81 -10.11 -40.25
CA ASN D 191 7.83 -11.27 -41.14
C ASN D 191 9.28 -11.52 -41.51
N ILE D 192 9.80 -12.66 -41.09
CA ILE D 192 11.15 -13.07 -41.43
C ILE D 192 11.06 -14.05 -42.59
N ILE D 193 11.45 -13.58 -43.77
CA ILE D 193 11.58 -14.43 -44.94
C ILE D 193 13.01 -14.95 -44.97
N THR D 194 13.17 -16.25 -44.71
CA THR D 194 14.50 -16.81 -44.53
C THR D 194 15.35 -16.59 -45.79
N GLU D 195 16.59 -16.17 -45.56
CA GLU D 195 17.59 -15.91 -46.59
C GLU D 195 17.14 -14.91 -47.63
N VAL D 196 16.12 -14.11 -47.32
CA VAL D 196 15.68 -13.06 -48.23
C VAL D 196 15.65 -11.74 -47.45
N GLY D 197 15.06 -11.75 -46.27
CA GLY D 197 15.04 -10.53 -45.49
C GLY D 197 13.84 -10.50 -44.56
N GLU D 198 13.40 -9.28 -44.26
CA GLU D 198 12.35 -9.05 -43.28
C GLU D 198 11.43 -7.93 -43.73
N TYR D 199 10.17 -8.02 -43.31
CA TYR D 199 9.20 -6.95 -43.51
C TYR D 199 8.44 -6.76 -42.21
N PHE D 200 8.11 -5.50 -41.89
CA PHE D 200 7.14 -5.26 -40.83
C PHE D 200 6.43 -3.94 -41.07
N SER D 201 5.26 -3.81 -40.44
CA SER D 201 4.42 -2.64 -40.59
C SER D 201 3.82 -2.32 -39.24
N PHE D 202 3.48 -1.03 -39.04
CA PHE D 202 2.76 -0.63 -37.83
C PHE D 202 2.15 0.75 -38.05
N PRO D 203 1.08 1.06 -37.33
CA PRO D 203 0.48 2.40 -37.43
C PRO D 203 1.39 3.49 -36.85
N ALA D 204 1.22 4.70 -37.35
CA ALA D 204 2.08 5.82 -37.00
C ALA D 204 1.32 7.13 -37.23
N LEU D 205 1.95 8.23 -36.84
CA LEU D 205 1.38 9.58 -37.03
C LEU D 205 2.35 10.39 -37.88
N THR D 206 1.84 10.98 -38.96
CA THR D 206 2.69 11.83 -39.83
C THR D 206 2.13 13.24 -39.98
N ILE D 207 2.70 13.98 -40.92
CA ILE D 207 2.34 15.41 -41.10
C ILE D 207 0.89 15.49 -41.56
N ASN D 208 0.37 14.40 -42.07
CA ASN D 208 -0.97 14.34 -42.70
C ASN D 208 -1.98 13.70 -41.75
N GLY D 209 -1.53 13.33 -40.55
CA GLY D 209 -2.42 12.57 -39.66
C GLY D 209 -2.03 11.11 -39.60
N PRO D 210 -2.87 10.25 -39.02
CA PRO D 210 -2.49 8.84 -38.87
C PRO D 210 -2.24 8.14 -40.20
N CYS D 211 -1.35 7.17 -40.15
CA CYS D 211 -0.92 6.42 -41.33
C CYS D 211 -0.40 5.06 -40.88
N ASP D 212 0.19 4.33 -41.82
CA ASP D 212 0.97 3.15 -41.51
C ASP D 212 2.30 3.25 -42.22
N ILE D 213 3.31 2.68 -41.59
CA ILE D 213 4.67 2.66 -42.18
C ILE D 213 4.99 1.23 -42.59
N MET D 214 5.49 1.06 -43.81
CA MET D 214 5.99 -0.25 -44.25
C MET D 214 7.52 -0.19 -44.13
N VAL D 215 8.12 -1.20 -43.52
CA VAL D 215 9.60 -1.26 -43.42
C VAL D 215 10.11 -2.53 -44.11
N PHE D 216 11.02 -2.37 -45.06
CA PHE D 216 11.62 -3.50 -45.75
C PHE D 216 13.08 -3.59 -45.35
N GLU D 217 13.54 -4.79 -45.01
CA GLU D 217 14.94 -5.04 -44.67
C GLU D 217 15.37 -6.30 -45.39
N GLY D 218 16.19 -6.15 -46.42
CA GLY D 218 16.58 -7.25 -47.27
C GLY D 218 18.07 -7.55 -47.14
N ILE D 219 18.41 -8.82 -47.38
CA ILE D 219 19.83 -9.17 -47.47
C ILE D 219 20.44 -8.37 -48.60
N PRO D 220 21.64 -7.80 -48.43
CA PRO D 220 22.20 -6.96 -49.50
C PRO D 220 22.39 -7.79 -50.76
N ASN D 221 22.22 -7.12 -51.91
CA ASN D 221 22.22 -7.67 -53.27
C ASN D 221 21.21 -8.81 -53.44
N GLY D 222 20.31 -9.00 -52.48
CA GLY D 222 19.33 -10.05 -52.55
C GLY D 222 18.05 -9.63 -53.24
N PRO D 223 17.03 -10.49 -53.20
CA PRO D 223 15.75 -10.15 -53.84
C PRO D 223 15.10 -8.89 -53.30
N MET D 224 15.30 -8.58 -52.02
CA MET D 224 14.82 -7.33 -51.43
C MET D 224 15.88 -6.24 -51.38
N ASP D 225 17.01 -6.44 -52.05
CA ASP D 225 17.93 -5.32 -52.29
C ASP D 225 17.66 -4.76 -53.69
N CYS D 226 16.47 -4.18 -53.83
CA CYS D 226 15.99 -3.64 -55.09
C CYS D 226 15.71 -2.14 -55.02
N TRP D 227 16.33 -1.45 -54.07
CA TRP D 227 15.95 -0.02 -53.89
C TRP D 227 16.99 0.91 -54.52
N GLN D 228 18.18 0.40 -54.85
CA GLN D 228 19.18 1.24 -55.54
C GLN D 228 18.54 1.78 -56.82
N ASP D 229 17.63 1.00 -57.40
CA ASP D 229 17.01 1.37 -58.69
C ASP D 229 15.86 2.37 -58.46
N VAL D 230 15.01 2.11 -57.47
CA VAL D 230 13.83 2.99 -57.30
C VAL D 230 14.27 4.44 -57.14
N LYS D 231 13.53 5.38 -57.72
CA LYS D 231 13.84 6.81 -57.52
C LYS D 231 12.51 7.56 -57.40
N THR D 232 11.58 7.26 -58.29
CA THR D 232 10.28 7.97 -58.27
C THR D 232 9.47 7.53 -57.07
N PRO D 233 8.73 8.44 -56.41
CA PRO D 233 7.80 8.01 -55.36
C PRO D 233 6.86 6.92 -55.84
N GLU D 234 6.46 6.96 -57.12
CA GLU D 234 5.52 5.96 -57.63
C GLU D 234 6.19 4.60 -57.81
N GLN D 235 7.42 4.56 -58.34
CA GLN D 235 8.08 3.26 -58.40
C GLN D 235 8.49 2.78 -57.01
N HIS D 236 8.71 3.70 -56.07
CA HIS D 236 8.96 3.27 -54.70
C HIS D 236 7.76 2.54 -54.13
N LEU D 237 6.56 3.05 -54.38
CA LEU D 237 5.35 2.38 -53.91
C LEU D 237 5.16 1.04 -54.62
N GLN D 238 5.34 1.01 -55.94
CA GLN D 238 5.18 -0.24 -56.68
C GLN D 238 6.24 -1.26 -56.26
N CYS D 239 7.45 -0.79 -55.96
CA CYS D 239 8.46 -1.71 -55.45
C CYS D 239 8.02 -2.31 -54.12
N SER D 240 7.35 -1.50 -53.29
CA SER D 240 6.90 -1.99 -52.00
C SER D 240 5.79 -3.01 -52.16
N LEU D 241 4.80 -2.70 -52.99
CA LEU D 241 3.68 -3.62 -53.20
C LEU D 241 4.12 -4.91 -53.87
N ASP D 242 5.06 -4.83 -54.83
CA ASP D 242 5.47 -6.04 -55.54
C ASP D 242 6.15 -7.01 -54.61
N LEU D 243 7.01 -6.52 -53.71
CA LEU D 243 7.67 -7.39 -52.77
C LEU D 243 6.68 -8.06 -51.83
N LEU D 244 5.66 -7.32 -51.39
CA LEU D 244 4.67 -7.93 -50.50
C LEU D 244 3.88 -9.00 -51.24
N LYS D 245 3.52 -8.73 -52.50
CA LYS D 245 2.80 -9.74 -53.27
C LYS D 245 3.65 -10.99 -53.49
N LYS D 246 4.96 -10.81 -53.61
CA LYS D 246 5.87 -11.94 -53.84
C LYS D 246 6.14 -12.74 -52.57
N PHE D 247 6.47 -12.05 -51.48
CA PHE D 247 6.96 -12.74 -50.28
C PHE D 247 6.02 -12.71 -49.10
N VAL D 248 5.12 -11.73 -49.00
CA VAL D 248 4.25 -11.65 -47.83
C VAL D 248 2.81 -11.43 -48.26
N PRO D 249 2.18 -12.43 -48.90
CA PRO D 249 0.84 -12.19 -49.46
C PRO D 249 -0.19 -11.77 -48.43
N TRP D 250 -0.09 -12.27 -47.20
CA TRP D 250 -1.07 -11.91 -46.18
C TRP D 250 -0.95 -10.44 -45.77
N GLU D 251 0.21 -9.81 -45.96
CA GLU D 251 0.30 -8.37 -45.75
C GLU D 251 -0.11 -7.58 -46.97
N TYR D 252 0.19 -8.09 -48.17
CA TYR D 252 -0.26 -7.45 -49.41
C TYR D 252 -1.79 -7.34 -49.43
N GLU D 253 -2.47 -8.28 -48.77
CA GLU D 253 -3.93 -8.28 -48.76
C GLU D 253 -4.47 -7.09 -48.00
N ARG D 254 -3.64 -6.45 -47.17
CA ARG D 254 -4.05 -5.24 -46.46
C ARG D 254 -3.93 -3.99 -47.31
N CYS D 255 -3.40 -4.08 -48.53
CA CYS D 255 -2.93 -2.90 -49.24
C CYS D 255 -3.74 -2.58 -50.49
N ALA D 256 -4.97 -3.09 -50.63
CA ALA D 256 -5.69 -2.88 -51.88
C ALA D 256 -5.87 -1.39 -52.21
N ASN D 257 -5.97 -0.52 -51.21
CA ASN D 257 -6.19 0.91 -51.43
C ASN D 257 -5.02 1.81 -51.07
N VAL D 258 -3.86 1.24 -50.78
CA VAL D 258 -2.77 2.10 -50.21
C VAL D 258 -2.22 3.13 -51.19
N GLU D 259 -1.86 4.28 -50.66
CA GLU D 259 -1.17 5.34 -51.44
C GLU D 259 -0.17 6.00 -50.50
N LEU D 260 0.81 6.70 -51.06
CA LEU D 260 1.77 7.44 -50.20
C LEU D 260 1.03 8.51 -49.40
N THR D 261 1.39 8.68 -48.13
CA THR D 261 0.86 9.78 -47.35
C THR D 261 1.16 11.11 -48.02
N ASP D 262 2.31 11.22 -48.68
CA ASP D 262 2.82 12.47 -49.20
C ASP D 262 4.08 12.18 -50.00
N ALA D 263 4.49 13.18 -50.80
CA ALA D 263 5.64 13.00 -51.68
C ALA D 263 6.93 12.75 -50.92
N GLY D 264 7.00 13.13 -49.64
CA GLY D 264 8.14 12.83 -48.81
C GLY D 264 8.10 11.52 -48.05
N GLY D 265 7.03 10.74 -48.18
CA GLY D 265 6.82 9.58 -47.34
C GLY D 265 7.49 8.31 -47.79
N TYR D 266 8.76 8.41 -48.15
CA TYR D 266 9.48 7.22 -48.56
C TYR D 266 10.97 7.48 -48.37
N LEU D 267 11.72 6.40 -48.22
CA LEU D 267 13.16 6.50 -48.00
C LEU D 267 13.78 5.16 -48.32
N ALA D 268 15.04 5.19 -48.73
CA ALA D 268 15.83 3.99 -48.94
C ALA D 268 17.29 4.30 -48.66
N GLY D 269 18.02 3.30 -48.23
CA GLY D 269 19.42 3.49 -47.90
C GLY D 269 19.99 2.30 -47.17
N ARG D 270 21.27 2.41 -46.83
CA ARG D 270 21.94 1.38 -46.06
C ARG D 270 23.12 2.02 -45.35
N PHE D 271 23.50 1.44 -44.22
CA PHE D 271 24.65 1.91 -43.47
C PHE D 271 25.23 0.74 -42.68
N PRO D 272 26.55 0.69 -42.52
CA PRO D 272 27.12 -0.34 -41.67
C PRO D 272 26.77 -0.10 -40.21
N PRO D 273 26.29 -1.13 -39.51
CA PRO D 273 26.09 -0.98 -38.05
C PRO D 273 27.45 -0.83 -37.38
N THR D 274 27.66 0.31 -36.73
CA THR D 274 28.96 0.69 -36.21
C THR D 274 28.84 1.12 -34.75
N VAL D 275 29.84 0.75 -33.94
CA VAL D 275 30.04 1.30 -32.61
C VAL D 275 31.32 2.12 -32.65
N ARG D 276 31.23 3.41 -32.31
CA ARG D 276 32.38 4.32 -32.34
C ARG D 276 32.83 4.71 -30.93
N LYS D 277 34.05 5.35 -30.87
CA LYS D 277 34.59 5.90 -29.64
C LYS D 277 33.90 7.23 -29.30
N PRO D 278 33.61 7.47 -28.02
CA PRO D 278 32.77 8.64 -27.67
C PRO D 278 33.40 10.01 -27.88
N VAL D 279 34.72 10.16 -27.91
CA VAL D 279 35.33 11.49 -27.90
C VAL D 279 36.04 11.73 -29.22
N LEU D 280 35.67 12.81 -29.88
CA LEU D 280 36.36 13.28 -31.08
C LEU D 280 37.34 14.37 -30.66
N THR D 281 38.62 14.16 -30.91
CA THR D 281 39.61 15.20 -30.64
C THR D 281 39.81 16.00 -31.92
N LEU D 282 39.49 17.30 -31.85
CA LEU D 282 39.62 18.18 -32.99
C LEU D 282 41.09 18.41 -33.31
N PRO D 283 41.40 18.90 -34.52
CA PRO D 283 42.82 19.15 -34.84
C PRO D 283 43.49 20.10 -33.87
N SER D 284 42.74 21.05 -33.30
CA SER D 284 43.28 21.85 -32.21
C SER D 284 43.61 21.01 -30.99
N GLY D 285 42.93 19.89 -30.80
CA GLY D 285 43.01 19.13 -29.56
C GLY D 285 41.85 19.33 -28.61
N LYS D 286 40.92 20.23 -28.92
CA LYS D 286 39.70 20.36 -28.12
C LYS D 286 38.78 19.18 -28.41
N LYS D 287 37.88 18.92 -27.45
CA LYS D 287 37.10 17.68 -27.38
C LYS D 287 35.64 17.91 -27.71
N ILE D 288 35.06 16.98 -28.46
CA ILE D 288 33.62 16.94 -28.75
C ILE D 288 33.09 15.59 -28.29
N PHE D 289 31.93 15.61 -27.61
CA PHE D 289 31.36 14.42 -27.00
C PHE D 289 30.18 13.98 -27.86
N GLY D 290 30.25 12.76 -28.36
CA GLY D 290 29.16 12.25 -29.20
C GLY D 290 27.99 11.72 -28.39
N MET D 291 26.81 11.71 -29.02
CA MET D 291 25.62 11.11 -28.36
C MET D 291 25.18 9.85 -29.09
N ALA D 292 24.00 9.33 -28.79
CA ALA D 292 23.36 8.13 -29.38
C ALA D 292 23.87 7.68 -30.74
N ASP D 293 23.10 7.92 -31.80
CA ASP D 293 23.44 7.40 -33.14
C ASP D 293 24.89 7.73 -33.52
N ALA D 294 25.37 8.88 -33.11
CA ALA D 294 26.73 9.25 -33.54
C ALA D 294 27.74 8.18 -33.10
N LEU D 295 27.40 7.38 -32.10
CA LEU D 295 28.33 6.42 -31.52
C LEU D 295 27.87 4.97 -31.66
N VAL D 296 26.58 4.68 -31.53
CA VAL D 296 26.07 3.31 -31.59
C VAL D 296 24.89 3.34 -32.54
N VAL D 297 25.13 3.10 -33.83
CA VAL D 297 24.11 3.09 -34.86
C VAL D 297 23.85 1.65 -35.27
N ASN D 298 22.59 1.23 -35.19
CA ASN D 298 22.27 -0.18 -35.51
C ASN D 298 21.15 -0.24 -36.53
N ASP D 299 20.81 -1.45 -36.96
CA ASP D 299 19.80 -1.61 -38.02
C ASP D 299 18.39 -1.57 -37.43
N PRO D 300 17.42 -0.99 -38.15
CA PRO D 300 16.07 -0.83 -37.62
C PRO D 300 15.30 -2.13 -37.36
N ILE D 301 15.90 -3.29 -37.66
CA ILE D 301 15.20 -4.60 -37.55
C ILE D 301 14.50 -4.73 -36.19
N THR D 302 15.21 -4.42 -35.13
CA THR D 302 14.65 -4.60 -33.77
C THR D 302 13.91 -3.34 -33.34
N GLY D 303 13.92 -2.32 -34.19
CA GLY D 303 13.24 -1.06 -33.89
C GLY D 303 13.63 -0.54 -32.52
N GLN D 304 14.90 -0.21 -32.34
CA GLN D 304 15.39 0.26 -31.02
C GLN D 304 16.11 1.61 -31.13
N GLY D 305 16.23 2.20 -32.33
CA GLY D 305 17.06 3.39 -32.45
C GLY D 305 16.47 4.63 -31.77
N SER D 306 15.18 4.88 -31.97
CA SER D 306 14.55 5.98 -31.23
C SER D 306 14.43 5.64 -29.75
N ASN D 307 14.29 4.35 -29.41
CA ASN D 307 14.34 3.93 -28.02
C ASN D 307 15.73 4.15 -27.43
N ASN D 308 16.76 3.83 -28.19
CA ASN D 308 18.12 4.07 -27.71
C ASN D 308 18.34 5.56 -27.52
N ALA D 309 17.85 6.38 -28.45
CA ALA D 309 18.10 7.80 -28.39
C ALA D 309 17.45 8.44 -27.17
N ALA D 310 16.22 8.04 -26.86
CA ALA D 310 15.55 8.55 -25.68
C ALA D 310 16.22 8.06 -24.40
N LYS D 311 16.68 6.80 -24.38
CA LYS D 311 17.34 6.28 -23.19
C LYS D 311 18.73 6.91 -23.03
N CYS D 312 19.41 7.13 -24.14
CA CYS D 312 20.68 7.87 -24.12
C CYS D 312 20.51 9.28 -23.58
N SER D 313 19.44 9.98 -23.98
CA SER D 313 19.28 11.34 -23.50
C SER D 313 19.09 11.38 -21.99
N LYS D 314 18.41 10.38 -21.43
CA LYS D 314 18.23 10.37 -19.99
C LYS D 314 19.54 10.06 -19.26
N ILE D 315 20.35 9.15 -19.82
CA ILE D 315 21.61 8.83 -19.17
C ILE D 315 22.55 10.03 -19.20
N TYR D 316 22.61 10.74 -20.34
CA TYR D 316 23.50 11.89 -20.43
C TYR D 316 23.00 13.04 -19.58
N PHE D 317 21.68 13.24 -19.54
CA PHE D 317 21.15 14.29 -18.68
C PHE D 317 21.49 14.05 -17.23
N ASP D 318 21.31 12.82 -16.79
CA ASP D 318 21.61 12.51 -15.37
C ASP D 318 23.09 12.78 -15.11
N ALA D 319 23.95 12.41 -16.06
CA ALA D 319 25.40 12.55 -15.82
C ALA D 319 25.77 14.04 -15.78
N ILE D 320 25.20 14.83 -16.68
CA ILE D 320 25.52 16.27 -16.72
C ILE D 320 25.11 16.90 -15.38
N LEU D 321 23.92 16.59 -14.90
CA LEU D 321 23.46 17.13 -13.59
C LEU D 321 24.41 16.66 -12.48
N ALA D 322 24.81 15.40 -12.51
CA ALA D 322 25.69 14.83 -11.47
C ALA D 322 27.10 15.43 -11.51
N ASN D 323 27.49 16.10 -12.59
CA ASN D 323 28.86 16.63 -12.71
C ASN D 323 28.89 18.04 -12.11
N ASP D 324 27.73 18.62 -11.87
CA ASP D 324 27.58 19.97 -11.26
C ASP D 324 28.62 20.96 -11.77
N ASN D 325 29.64 21.25 -10.97
CA ASN D 325 30.60 22.32 -11.34
C ASN D 325 31.96 21.73 -11.73
N GLN D 326 32.04 20.44 -11.99
CA GLN D 326 33.33 19.87 -12.44
C GLN D 326 33.44 20.00 -13.96
N SER D 327 34.66 20.04 -14.46
CA SER D 327 34.87 20.16 -15.89
C SER D 327 34.26 18.95 -16.59
N PHE D 328 33.72 19.18 -17.80
CA PHE D 328 33.23 18.09 -18.63
C PHE D 328 34.42 17.49 -19.37
N SER D 329 35.24 16.77 -18.61
CA SER D 329 36.50 16.23 -19.07
C SER D 329 36.31 15.06 -20.02
N GLU D 330 37.37 14.75 -20.78
CA GLU D 330 37.35 13.58 -21.64
C GLU D 330 37.09 12.32 -20.82
N GLN D 331 37.66 12.25 -19.63
CA GLN D 331 37.43 11.09 -18.77
C GLN D 331 35.98 11.02 -18.30
N TRP D 332 35.37 12.17 -17.98
CA TRP D 332 33.94 12.17 -17.68
C TRP D 332 33.11 11.77 -18.89
N MET D 333 33.56 12.18 -20.09
CA MET D 333 32.86 11.80 -21.31
C MET D 333 32.88 10.30 -21.51
N VAL D 334 34.07 9.70 -21.38
CA VAL D 334 34.21 8.26 -21.52
C VAL D 334 33.37 7.53 -20.48
N GLN D 335 33.42 8.02 -19.24
CA GLN D 335 32.65 7.37 -18.18
C GLN D 335 31.16 7.44 -18.46
N THR D 336 30.70 8.57 -18.99
CA THR D 336 29.28 8.71 -19.28
C THR D 336 28.87 7.81 -20.42
N PHE D 337 29.68 7.75 -21.47
CA PHE D 337 29.34 6.86 -22.58
C PHE D 337 29.34 5.42 -22.14
N GLU D 338 30.23 5.04 -21.22
CA GLU D 338 30.24 3.64 -20.78
C GLU D 338 28.98 3.29 -20.02
N ARG D 339 28.36 4.26 -19.33
CA ARG D 339 27.06 3.99 -18.72
C ARG D 339 26.00 3.71 -19.77
N TYR D 340 26.05 4.42 -20.89
CA TYR D 340 25.15 4.09 -21.99
C TYR D 340 25.48 2.72 -22.58
N TRP D 341 26.76 2.40 -22.72
CA TRP D 341 27.12 1.11 -23.29
C TRP D 341 26.68 -0.03 -22.38
N ALA D 342 26.65 0.20 -21.06
CA ALA D 342 26.22 -0.84 -20.14
C ALA D 342 24.77 -1.23 -20.37
N TYR D 343 23.95 -0.30 -20.84
CA TYR D 343 22.61 -0.66 -21.29
C TYR D 343 22.64 -1.27 -22.69
N ALA D 344 23.32 -0.61 -23.63
CA ALA D 344 23.19 -0.95 -25.04
C ALA D 344 23.80 -2.31 -25.39
N GLU D 345 24.75 -2.79 -24.59
CA GLU D 345 25.59 -3.92 -24.99
C GLU D 345 24.76 -5.15 -25.36
N LYS D 346 23.85 -5.52 -24.48
CA LYS D 346 23.04 -6.74 -24.71
C LYS D 346 21.98 -6.43 -25.78
N VAL D 347 21.60 -5.17 -25.93
CA VAL D 347 20.66 -4.82 -27.00
C VAL D 347 21.36 -4.91 -28.35
N VAL D 348 22.61 -4.45 -28.45
CA VAL D 348 23.34 -4.60 -29.70
C VAL D 348 23.56 -6.08 -30.00
N ALA D 349 23.80 -6.89 -28.96
CA ALA D 349 24.03 -8.32 -29.17
C ALA D 349 22.80 -9.04 -29.70
N TRP D 350 21.62 -8.62 -29.27
CA TRP D 350 20.40 -9.22 -29.77
C TRP D 350 20.12 -8.82 -31.21
N THR D 351 20.27 -7.53 -31.52
CA THR D 351 20.03 -7.06 -32.88
C THR D 351 21.04 -7.63 -33.87
N ASN D 352 22.31 -7.77 -33.45
CA ASN D 352 23.30 -8.39 -34.32
C ASN D 352 22.93 -9.83 -34.61
N SER D 353 22.41 -10.53 -33.61
CA SER D 353 22.05 -11.94 -33.80
C SER D 353 20.89 -12.11 -34.76
N LEU D 354 19.99 -11.12 -34.83
CA LEU D 354 18.89 -11.17 -35.79
C LEU D 354 19.31 -10.78 -37.20
N LEU D 355 20.47 -10.13 -37.36
CA LEU D 355 20.98 -9.83 -38.70
C LEU D 355 21.63 -11.03 -39.36
N LEU D 356 21.81 -12.11 -38.61
CA LEU D 356 22.55 -13.30 -39.01
C LEU D 356 21.61 -14.49 -38.94
N PRO D 357 21.93 -15.58 -39.64
CA PRO D 357 21.05 -16.75 -39.62
C PRO D 357 20.85 -17.21 -38.19
N PRO D 358 19.60 -17.48 -37.80
CA PRO D 358 19.33 -17.85 -36.41
C PRO D 358 20.03 -19.15 -36.02
N GLU D 359 20.45 -19.16 -34.75
CA GLU D 359 21.09 -20.36 -34.16
C GLU D 359 20.00 -21.37 -33.87
N PRO D 360 20.30 -22.67 -33.80
CA PRO D 360 19.22 -23.66 -33.66
C PRO D 360 18.34 -23.44 -32.44
N HIS D 361 18.87 -22.95 -31.32
CA HIS D 361 18.00 -22.78 -30.16
C HIS D 361 17.07 -21.58 -30.31
N VAL D 362 17.48 -20.55 -31.06
CA VAL D 362 16.59 -19.43 -31.31
C VAL D 362 15.43 -19.87 -32.20
N VAL D 363 15.71 -20.72 -33.19
CA VAL D 363 14.64 -21.23 -34.06
C VAL D 363 13.64 -22.04 -33.24
N GLU D 364 14.13 -22.76 -32.23
CA GLU D 364 13.25 -23.50 -31.34
C GLU D 364 12.41 -22.55 -30.50
N LEU D 365 13.06 -21.50 -29.96
CA LEU D 365 12.35 -20.56 -29.10
C LEU D 365 11.24 -19.84 -29.83
N LEU D 366 11.49 -19.45 -31.09
CA LEU D 366 10.48 -18.74 -31.87
C LEU D 366 9.31 -19.65 -32.19
N ALA D 367 9.59 -20.90 -32.58
CA ALA D 367 8.48 -21.81 -32.85
C ALA D 367 7.69 -22.11 -31.59
N ALA D 368 8.38 -22.17 -30.44
CA ALA D 368 7.67 -22.49 -29.21
C ALA D 368 6.66 -21.40 -28.85
N ALA D 369 6.95 -20.16 -29.24
CA ALA D 369 6.05 -19.05 -28.96
C ALA D 369 4.75 -19.19 -29.74
N SER D 370 4.77 -19.89 -30.88
CA SER D 370 3.54 -20.09 -31.63
C SER D 370 2.59 -21.07 -30.93
N GLN D 371 3.10 -21.91 -30.03
CA GLN D 371 2.27 -22.85 -29.30
C GLN D 371 2.18 -22.56 -27.80
N ASN D 372 2.82 -21.51 -27.31
CA ASN D 372 2.76 -21.16 -25.90
C ASN D 372 2.61 -19.64 -25.84
N GLN D 373 1.39 -19.17 -25.54
CA GLN D 373 1.13 -17.74 -25.58
C GLN D 373 1.92 -16.99 -24.51
N SER D 374 2.24 -17.64 -23.38
CA SER D 374 3.04 -16.96 -22.36
C SER D 374 4.43 -16.65 -22.88
N ILE D 375 4.99 -17.55 -23.70
CA ILE D 375 6.29 -17.29 -24.32
C ILE D 375 6.17 -16.15 -25.33
N ALA D 376 5.11 -16.18 -26.15
CA ALA D 376 4.92 -15.07 -27.08
C ALA D 376 4.81 -13.74 -26.33
N SER D 377 4.11 -13.72 -25.20
CA SER D 377 3.99 -12.49 -24.43
C SER D 377 5.34 -12.00 -23.89
N ILE D 378 6.19 -12.92 -23.41
CA ILE D 378 7.50 -12.52 -22.94
C ILE D 378 8.33 -11.94 -24.07
N MET D 379 8.26 -12.58 -25.23
CA MET D 379 9.10 -12.12 -26.36
C MET D 379 8.64 -10.72 -26.82
N ALA D 380 7.33 -10.50 -26.96
CA ALA D 380 6.87 -9.20 -27.40
C ALA D 380 7.29 -8.12 -26.42
N ASN D 381 7.10 -8.38 -25.13
CA ASN D 381 7.30 -7.34 -24.15
C ASN D 381 8.77 -7.05 -23.92
N ASN D 382 9.64 -7.98 -24.30
CA ASN D 382 11.07 -7.70 -24.27
C ASN D 382 11.49 -6.67 -25.33
N PHE D 383 10.60 -6.29 -26.26
CA PHE D 383 10.96 -5.20 -27.16
C PHE D 383 11.16 -3.90 -26.40
N ASP D 384 10.53 -3.75 -25.25
CA ASP D 384 10.70 -2.53 -24.47
C ASP D 384 12.08 -2.46 -23.81
N ASP D 385 12.74 -3.60 -23.65
CA ASP D 385 14.05 -3.66 -23.00
C ASP D 385 14.69 -4.97 -23.40
N PRO D 386 15.37 -5.01 -24.55
CA PRO D 386 15.90 -6.28 -25.06
C PRO D 386 17.00 -6.90 -24.20
N ARG D 387 17.44 -6.24 -23.14
CA ARG D 387 18.41 -6.89 -22.23
C ARG D 387 17.81 -8.16 -21.64
N ALA D 388 16.48 -8.27 -21.58
CA ALA D 388 15.84 -9.44 -20.91
C ALA D 388 15.89 -10.68 -21.81
N PHE D 389 16.37 -10.54 -23.03
CA PHE D 389 16.57 -11.74 -23.89
C PHE D 389 17.89 -12.38 -23.47
N ALA D 390 18.90 -11.55 -23.16
CA ALA D 390 20.29 -11.98 -22.87
C ALA D 390 20.44 -13.40 -22.37
N PRO D 391 19.87 -13.82 -21.22
CA PRO D 391 20.18 -15.17 -20.73
C PRO D 391 19.82 -16.31 -21.69
N TRP D 392 18.54 -16.58 -21.90
CA TRP D 392 18.12 -17.78 -22.67
C TRP D 392 18.18 -17.64 -24.20
N TRP D 393 18.54 -16.47 -24.73
CA TRP D 393 18.47 -16.25 -26.19
C TRP D 393 19.82 -16.46 -26.87
N PHE D 394 20.91 -16.39 -26.12
CA PHE D 394 22.23 -16.43 -26.80
C PHE D 394 22.95 -17.77 -26.58
N ASP D 395 22.53 -18.60 -25.64
CA ASP D 395 23.20 -19.92 -25.52
C ASP D 395 22.17 -21.06 -25.36
N ALA D 396 22.37 -22.14 -26.12
CA ALA D 396 21.40 -23.26 -26.15
C ALA D 396 21.04 -23.82 -24.77
N ASP D 397 21.96 -23.82 -23.84
CA ASP D 397 21.66 -24.49 -22.58
C ASP D 397 20.56 -23.77 -21.81
N GLN D 398 20.68 -22.45 -21.65
CA GLN D 398 19.65 -21.71 -20.92
C GLN D 398 18.33 -21.70 -21.67
N ALA D 399 18.37 -21.77 -22.99
CA ALA D 399 17.13 -21.81 -23.77
C ALA D 399 16.30 -23.05 -23.43
N GLN D 400 16.98 -24.19 -23.27
CA GLN D 400 16.24 -25.43 -23.00
C GLN D 400 15.62 -25.40 -21.61
N ALA D 401 16.32 -24.81 -20.65
CA ALA D 401 15.76 -24.68 -19.30
C ALA D 401 14.60 -23.68 -19.30
N PHE D 402 14.75 -22.59 -20.04
CA PHE D 402 13.65 -21.63 -20.19
C PHE D 402 12.44 -22.30 -20.86
N LEU D 403 12.70 -23.14 -21.86
CA LEU D 403 11.61 -23.83 -22.54
C LEU D 403 10.94 -24.85 -21.63
N ALA D 404 11.71 -25.56 -20.81
CA ALA D 404 11.10 -26.48 -19.86
C ALA D 404 10.32 -25.77 -18.77
N SER D 405 10.67 -24.51 -18.47
CA SER D 405 9.94 -23.77 -17.44
C SER D 405 8.50 -23.54 -17.86
N LYS D 406 8.29 -23.17 -19.13
CA LYS D 406 6.96 -22.79 -19.59
C LYS D 406 6.05 -23.98 -19.83
N ASN D 407 6.61 -25.13 -20.19
CA ASN D 407 5.78 -26.27 -20.53
C ASN D 407 5.06 -26.79 -19.29
N THR D 408 3.74 -26.76 -19.32
CA THR D 408 2.91 -27.31 -18.23
C THR D 408 2.66 -28.79 -18.45
PA FAD E . -24.42 -11.34 -12.21
O1A FAD E . -23.18 -11.21 -13.04
O2A FAD E . -25.57 -10.61 -12.83
O5B FAD E . -24.85 -12.92 -12.11
C5B FAD E . -25.75 -13.31 -11.13
C4B FAD E . -25.99 -14.84 -11.25
O4B FAD E . -26.94 -15.22 -10.42
C3B FAD E . -26.48 -15.18 -12.67
O3B FAD E . -25.86 -16.30 -13.11
C2B FAD E . -27.96 -15.46 -12.45
O2B FAD E . -28.50 -16.41 -13.45
C1B FAD E . -27.83 -16.10 -11.08
N9A FAD E . -29.09 -16.15 -10.40
C8A FAD E . -30.07 -15.26 -10.35
N7A FAD E . -31.03 -15.73 -9.57
C5A FAD E . -30.65 -16.94 -9.12
C6A FAD E . -31.24 -17.86 -8.30
N6A FAD E . -32.54 -17.62 -7.72
N1A FAD E . -30.62 -18.99 -8.02
C2A FAD E . -29.41 -19.24 -8.54
N3A FAD E . -28.82 -18.34 -9.36
C4A FAD E . -29.44 -17.20 -9.63
N1 FAD E . -21.17 -2.91 -15.45
C2 FAD E . -19.89 -2.32 -15.88
O2 FAD E . -18.95 -2.34 -15.16
N3 FAD E . -19.77 -1.72 -17.21
C4 FAD E . -20.93 -1.70 -18.09
O4 FAD E . -20.84 -1.21 -19.16
C4X FAD E . -22.23 -2.29 -17.63
N5 FAD E . -23.37 -2.27 -18.52
C5X FAD E . -24.65 -2.88 -18.07
C6 FAD E . -25.77 -2.86 -18.90
C7 FAD E . -26.95 -3.43 -18.45
C7M FAD E . -27.97 -3.26 -19.56
C8 FAD E . -27.03 -4.01 -17.18
C8M FAD E . -28.38 -4.60 -16.82
C9 FAD E . -25.92 -4.02 -16.36
C9A FAD E . -24.74 -3.45 -16.80
N10 FAD E . -23.57 -3.48 -15.90
C10 FAD E . -22.31 -2.89 -16.33
C1' FAD E . -23.69 -4.10 -14.59
C2' FAD E . -23.07 -5.49 -14.58
O2' FAD E . -23.45 -6.23 -15.70
C3' FAD E . -23.58 -6.22 -13.33
O3' FAD E . -23.58 -5.30 -12.29
C4' FAD E . -22.66 -7.37 -12.98
O4' FAD E . -22.82 -8.40 -13.91
C5' FAD E . -23.04 -7.89 -11.61
O5' FAD E . -22.26 -8.99 -11.28
P FAD E . -22.87 -9.98 -10.12
O1P FAD E . -23.31 -9.16 -8.94
O2P FAD E . -21.82 -10.98 -9.73
O3P FAD E . -24.20 -10.76 -10.68
PA FAD F . -11.35 -1.95 38.23
O1A FAD F . -12.58 -1.20 38.65
O2A FAD F . -10.19 -1.03 38.03
O5B FAD F . -10.95 -3.02 39.39
C5B FAD F . -9.98 -3.96 39.11
C4B FAD F . -9.79 -4.82 40.38
O4B FAD F . -8.85 -5.72 40.18
C3B FAD F . -9.32 -3.90 41.52
O3B FAD F . -9.89 -4.26 42.69
C2B FAD F . -7.81 -4.20 41.53
O2B FAD F . -7.23 -3.93 42.86
C1B FAD F . -7.92 -5.68 41.24
N9A FAD F . -6.67 -6.27 40.81
C8A FAD F . -5.75 -5.75 40.00
N7A FAD F . -4.78 -6.66 39.85
C5A FAD F . -5.12 -7.74 40.56
C6A FAD F . -4.49 -8.95 40.74
N6A FAD F . -3.22 -9.23 40.13
N1A FAD F . -5.05 -9.87 41.51
C2A FAD F . -6.24 -9.62 42.09
N3A FAD F . -6.85 -8.43 41.90
C4A FAD F . -6.28 -7.50 41.14
N1 FAD F . -14.77 5.79 33.64
C2 FAD F . -16.04 6.49 33.43
O2 FAD F . -16.98 5.91 33.04
N3 FAD F . -16.14 7.95 33.70
C4 FAD F . -14.97 8.66 34.17
O4 FAD F . -15.04 9.81 34.40
C4X FAD F . -13.68 7.93 34.39
N5 FAD F . -12.51 8.64 34.87
C5X FAD F . -11.24 7.92 35.07
C6 FAD F . -10.10 8.58 35.53
C7 FAD F . -8.92 7.85 35.71
C7M FAD F . -7.87 8.83 36.20
C8 FAD F . -8.88 6.49 35.45
C8M FAD F . -7.53 5.82 35.69
C9 FAD F . -10.00 5.83 35.00
C9A FAD F . -11.18 6.55 34.81
N10 FAD F . -12.37 5.81 34.34
C10 FAD F . -13.60 6.52 34.12
C1' FAD F . -12.27 4.39 34.07
C2' FAD F . -12.85 3.53 35.20
O2' FAD F . -12.43 3.97 36.44
C3' FAD F . -12.37 2.10 34.99
O3' FAD F . -12.42 1.80 33.64
C4' FAD F . -13.26 1.10 35.75
O4' FAD F . -12.94 1.10 37.11
C5' FAD F . -13.03 -0.29 35.18
O5' FAD F . -13.68 -1.26 35.92
P FAD F . -13.02 -2.77 35.98
O1P FAD F . -12.69 -3.24 34.60
O2P FAD F . -13.99 -3.69 36.65
O3P FAD F . -11.61 -2.76 36.83
PA FAD G . 17.36 0.34 8.85
O1A FAD G . 18.74 -0.20 8.56
O2A FAD G . 17.27 0.85 10.26
O5B FAD G . 17.04 1.60 7.83
C5B FAD G . 15.72 2.00 7.62
C4B FAD G . 15.69 3.09 6.53
O4B FAD G . 14.47 3.60 6.41
C3B FAD G . 16.61 4.24 6.95
O3B FAD G . 17.33 4.64 5.87
C2B FAD G . 15.63 5.32 7.39
O2B FAD G . 16.17 6.68 7.19
C1B FAD G . 14.53 5.01 6.38
N9A FAD G . 13.25 5.56 6.78
C8A FAD G . 12.74 5.59 8.00
N7A FAD G . 11.53 6.17 7.93
C5A FAD G . 11.31 6.49 6.65
C6A FAD G . 10.24 7.09 6.02
N6A FAD G . 9.09 7.51 6.78
N1A FAD G . 10.28 7.30 4.71
C2A FAD G . 11.36 6.92 4.00
N3A FAD G . 12.40 6.32 4.61
C4A FAD G . 12.38 6.11 5.94
N1 FAD G . 22.09 -5.44 14.82
C2 FAD G . 23.19 -6.42 14.79
O2 FAD G . 23.14 -7.35 14.07
N3 FAD G . 24.35 -6.25 15.68
C4 FAD G . 24.41 -5.10 16.56
O4 FAD G . 25.34 -4.98 17.26
C4X FAD G . 23.26 -4.12 16.58
N5 FAD G . 23.30 -2.97 17.46
C5X FAD G . 22.18 -1.98 17.49
C6 FAD G . 22.24 -0.89 18.35
C7 FAD G . 21.17 0.02 18.35
C7M FAD G . 21.51 1.08 19.38
C8 FAD G . 20.09 -0.17 17.51
C8M FAD G . 18.99 0.89 17.61
C9 FAD G . 20.04 -1.27 16.66
C9A FAD G . 21.09 -2.18 16.65
N10 FAD G . 21.05 -3.34 15.73
C10 FAD G . 22.12 -4.30 15.71
C1' FAD G . 19.88 -3.49 14.87
C2' FAD G . 20.19 -3.03 13.44
O2' FAD G . 20.87 -1.83 13.44
C3' FAD G . 18.87 -2.81 12.72
O3' FAD G . 17.99 -3.83 13.08
C4' FAD G . 19.08 -2.86 11.21
O4' FAD G . 19.66 -1.66 10.78
C5' FAD G . 17.71 -3.03 10.56
O5' FAD G . 17.81 -2.95 9.18
P FAD G . 16.50 -2.41 8.33
O1P FAD G . 15.29 -3.18 8.73
O2P FAD G . 16.79 -2.59 6.87
O3P FAD G . 16.22 -0.82 8.65
PA FAD H . 18.78 12.12 -35.42
O1A FAD H . 17.39 11.94 -34.84
O2A FAD H . 18.99 11.15 -36.55
O5B FAD H . 18.95 13.66 -35.99
C5B FAD H . 20.24 14.16 -36.18
C4B FAD H . 20.21 15.70 -36.36
O4B FAD H . 21.42 16.11 -36.65
C3B FAD H . 19.30 16.10 -37.54
O3B FAD H . 18.46 17.10 -37.18
C2B FAD H . 20.32 16.60 -38.58
O2B FAD H . 19.78 17.73 -39.39
C1B FAD H . 21.36 17.12 -37.64
N9A FAD H . 22.63 17.21 -38.29
C8A FAD H . 23.23 16.30 -39.06
N7A FAD H . 24.40 16.80 -39.44
C5A FAD H . 24.53 18.03 -38.92
C6A FAD H . 25.52 18.97 -39.00
N6A FAD H . 26.71 18.69 -39.77
N1A FAD H . 25.40 20.12 -38.37
C2A FAD H . 24.28 20.38 -37.65
N3A FAD H . 23.31 19.45 -37.57
C4A FAD H . 23.44 18.27 -38.20
N1 FAD H . 14.36 3.58 -34.18
C2 FAD H . 13.29 2.94 -33.39
O2 FAD H . 13.31 2.98 -32.20
N3 FAD H . 12.19 2.24 -34.07
C4 FAD H . 12.18 2.20 -35.51
O4 FAD H . 11.29 1.64 -36.03
C4X FAD H . 13.28 2.86 -36.32
N5 FAD H . 13.29 2.83 -37.77
C5X FAD H . 14.36 3.47 -38.56
C6 FAD H . 14.36 3.43 -39.96
C7 FAD H . 15.40 4.05 -40.66
C7M FAD H . 15.14 3.83 -42.14
C8 FAD H . 16.42 4.70 -39.98
C8M FAD H . 17.48 5.33 -40.87
C9 FAD H . 16.43 4.74 -38.59
C9A FAD H . 15.41 4.12 -37.88
N10 FAD H . 15.41 4.18 -36.40
C10 FAD H . 14.35 3.53 -35.64
C1' FAD H . 16.50 4.85 -35.72
C2' FAD H . 16.23 6.32 -35.41
O2' FAD H . 15.75 6.99 -36.53
C3' FAD H . 17.56 6.95 -35.03
O3' FAD H . 18.30 6.06 -34.25
C4' FAD H . 17.29 8.21 -34.22
O4' FAD H . 16.76 9.19 -35.08
C5' FAD H . 18.61 8.70 -33.63
O5' FAD H . 18.40 9.93 -33.02
P FAD H . 19.66 10.98 -32.88
O1P FAD H . 20.92 10.22 -32.55
O2P FAD H . 19.32 11.92 -31.76
O3P FAD H . 19.92 11.84 -34.26
#